data_7EFM
#
_entry.id   7EFM
#
_cell.length_a   104.690
_cell.length_b   104.690
_cell.length_c   368.020
_cell.angle_alpha   90.000
_cell.angle_beta   90.000
_cell.angle_gamma   120.000
#
_symmetry.space_group_name_H-M   'P 31 2 1'
#
loop_
_entity.id
_entity.type
_entity.pdbx_description
1 polymer 'Sodium/potassium-transporting ATPase subunit alpha'
2 polymer 'Potassium-transporting ATPase subunit beta'
3 non-polymer 'MAGNESIUM ION'
4 non-polymer 'RUBIDIUM ION'
5 non-polymer (7R,8R,9S)-2,3-dimethyl-9-phenyl-7,8,9,10-tetrahydroimidazo[1,2-h][1,7]naphthyridine-7,8-diol
6 non-polymer 2-acetamido-2-deoxy-beta-D-glucopyranose
#
loop_
_entity_poly.entity_id
_entity_poly.type
_entity_poly.pdbx_seq_one_letter_code
_entity_poly.pdbx_strand_id
1 'polypeptide(L)'
;GMEINDHQLSVAELEQKYQTSATKGLSASLAAELLLRDGPNALRPPRGTPEYVKFARQLAGGLQCLMWVAAAICLIAFAI
QASEGDLTTDDNLYLALALIAVVVVTGCFGYYQEFKSTNIIASFKNLVPQQATVIRDGDKFQINADQLVVGDLVEMKGGD
RVPADIRILQAQGCKVDNSSLTGESEPQTRSPECTHESPLETRNIAFFSTMCLEGTAQGLVVNTGDRTIIGRIASLASGV
ENEKTPIAIEIEHFVDIIAGLAILFGATFFIVAMCIGYTFLRAMVFFMAIVVANVPEGLLATVTVCLSLTAKRLASKNCV
VKNLEAVETLGSTSVICS(BFD)KTGTLTQNRMTVSHLWFDNHIHSADTTEDQSGQTFDQSSETWRALCRVLTLCNRAAF
KSGQDAVPVPKRIVIGDASETALLKFSELTLGNAMGYRERFPKVCEIPFNSTNKFQLSIHTLEDPRDPRHVLVMKGAPER
VLERCSSILIKGQELPLDEQWREAFQTAYLSLGGLGERVLGFCQLYLSEKDYPPGYAFDVEAMNFPTSGLCFAGLVSMID
PPRATVPDAVLKCRTAGIRVIMVTGDHPITAKAIAASVGIISEGSETVEDIAARLRVPVDQVNRKDARACVINGMQLKDM
DPSELVEALRTHPEMVFARTSPQQKLVIVESCQRLGAIVAVTGDGVNDSPALKKADIGVAMGIAGSDAAKNAADMILLDD
NFASIVTGVEQGRLIFDNLKKSIAYTLTSNIPELTPYLIYITVSVPLPLGCITILFIDLCTDIFPSVSLAYEKAESDIMH
LRPRNPKRDRLVNEPLAAYSYFQIGAIQSFAGFTDYFTAMAQEGWFPLLCVGLRPQWENHHLQDLQDSYGQEWTFGQRLY
QQYTCYTVFFISIEMCQIADVLIRKTRRLSAFQQGFFRNRILVIAIVFQVCIGCFLCYCPGMPNIFNFMPIRFQWWLVPM
PFSLLIFVYDEIRKLGVRCCPGSWWDQELYY
;
A
2 'polypeptide(L)'
;LGRTLSRWVWISLYYVAFYVVMSGIFALCIYVLMRTIDPYTPDYQDQLKSPGVTLRPDVYGEKGLDISYNVSDSTTWAGL
AHTLHRFLAGYSPAAQEGSINCTSEKYFFQESFLAPNHTKFSCKFTADMLQNCSGRPDPTFGFAEGKPCFIIKMNRIVKF
LPGNSTAPRVDCAFLDQPRDGPPLQVEYFPANGTYSLHYFPYYGKKAQPHYSNPLVAAKLLNVPRNRDVVIVCKILAEHV
SFDNPHDPYEGKVEFKLKIQK
;
B
#
loop_
_chem_comp.id
_chem_comp.type
_chem_comp.name
_chem_comp.formula
J3C non-polymer (7R,8R,9S)-2,3-dimethyl-9-phenyl-7,8,9,10-tetrahydroimidazo[1,2-h][1,7]naphthyridine-7,8-diol 'C18 H19 N3 O2'
MG non-polymer 'MAGNESIUM ION' 'Mg 2'
NAG D-saccharide, beta linking 2-acetamido-2-deoxy-beta-D-glucopyranose 'C8 H15 N O6'
RB non-polymer 'RUBIDIUM ION' 'Rb 1'
#
# COMPACT_ATOMS: atom_id res chain seq x y z
N GLY A 1 2.52 47.34 4.62
CA GLY A 1 1.18 47.67 5.04
C GLY A 1 0.14 46.78 4.37
N MET A 2 -1.11 46.97 4.79
CA MET A 2 -2.28 46.20 4.35
C MET A 2 -2.69 46.13 2.87
N GLU A 3 -3.43 45.07 2.58
CA GLU A 3 -3.97 44.73 1.26
C GLU A 3 -4.97 45.64 0.59
N ILE A 4 -5.95 46.08 1.36
CA ILE A 4 -7.02 46.91 0.82
C ILE A 4 -6.47 48.23 0.31
N ASN A 5 -5.54 48.79 1.06
CA ASN A 5 -5.22 50.19 0.94
C ASN A 5 -4.05 50.51 0.04
N ASP A 6 -3.54 49.59 -0.78
CA ASP A 6 -2.43 50.05 -1.60
C ASP A 6 -2.87 50.58 -2.96
N HIS A 7 -3.91 50.01 -3.55
CA HIS A 7 -4.30 50.53 -4.87
C HIS A 7 -5.15 51.80 -4.79
N GLN A 8 -5.52 52.22 -3.59
CA GLN A 8 -6.41 53.35 -3.41
C GLN A 8 -5.67 54.58 -2.92
N LEU A 9 -4.34 54.53 -2.89
CA LEU A 9 -3.54 55.67 -2.47
C LEU A 9 -3.06 56.46 -3.68
N SER A 10 -2.93 57.77 -3.50
CA SER A 10 -2.28 58.62 -4.48
C SER A 10 -0.77 58.38 -4.47
N VAL A 11 -0.11 58.74 -5.57
CA VAL A 11 1.35 58.62 -5.64
C VAL A 11 2.00 59.30 -4.45
N ALA A 12 1.49 60.47 -4.07
CA ALA A 12 1.99 61.09 -2.86
C ALA A 12 1.75 60.19 -1.66
N GLU A 13 0.56 59.57 -1.60
CA GLU A 13 0.21 58.73 -0.45
C GLU A 13 1.05 57.45 -0.40
N LEU A 14 1.24 56.74 -1.52
CA LEU A 14 2.15 55.58 -1.54
C LEU A 14 3.59 55.96 -1.31
N GLU A 15 4.07 56.98 -2.01
CA GLU A 15 5.49 57.22 -1.90
C GLU A 15 5.85 57.77 -0.54
N GLN A 16 4.88 58.29 0.21
CA GLN A 16 5.16 58.66 1.59
C GLN A 16 5.29 57.42 2.47
N LYS A 17 4.29 56.54 2.39
CA LYS A 17 4.27 55.27 3.15
C LYS A 17 5.56 54.49 3.04
N TYR A 18 6.06 54.29 1.82
CA TYR A 18 7.26 53.49 1.63
C TYR A 18 8.51 54.33 1.45
N GLN A 19 8.40 55.64 1.64
CA GLN A 19 9.52 56.56 1.46
C GLN A 19 10.30 56.19 0.19
N THR A 20 9.61 56.37 -0.95
CA THR A 20 10.12 55.98 -2.27
C THR A 20 9.79 57.06 -3.29
N SER A 21 10.38 56.94 -4.48
CA SER A 21 9.96 57.75 -5.62
C SER A 21 9.06 56.97 -6.56
N ALA A 22 7.99 57.62 -7.01
CA ALA A 22 7.17 57.02 -8.03
C ALA A 22 7.88 57.01 -9.38
N THR A 23 8.92 57.82 -9.49
CA THR A 23 9.68 58.00 -10.72
C THR A 23 11.13 57.60 -10.62
N LYS A 24 11.74 57.65 -9.42
CA LYS A 24 13.17 57.41 -9.19
C LYS A 24 13.49 56.29 -8.21
N GLY A 25 12.50 55.55 -7.73
CA GLY A 25 12.75 54.37 -6.92
C GLY A 25 13.36 54.62 -5.54
N LEU A 26 13.63 53.52 -4.84
CA LEU A 26 14.29 53.62 -3.53
C LEU A 26 15.73 54.09 -3.69
N SER A 27 16.33 54.44 -2.57
CA SER A 27 17.77 54.59 -2.56
C SER A 27 18.39 53.21 -2.47
N ALA A 28 19.67 53.12 -2.80
CA ALA A 28 20.31 51.81 -2.64
C ALA A 28 20.43 51.44 -1.16
N SER A 29 20.86 52.39 -0.32
CA SER A 29 21.12 52.07 1.08
C SER A 29 19.86 51.55 1.76
N LEU A 30 18.73 52.25 1.57
CA LEU A 30 17.49 51.83 2.23
C LEU A 30 16.93 50.52 1.67
N ALA A 31 16.92 50.34 0.35
CA ALA A 31 16.41 49.09 -0.21
C ALA A 31 17.12 47.86 0.37
N ALA A 32 18.38 48.03 0.80
CA ALA A 32 19.15 46.91 1.36
C ALA A 32 18.78 46.63 2.80
N GLU A 33 18.46 47.70 3.54
CA GLU A 33 17.98 47.55 4.90
C GLU A 33 16.61 46.91 4.93
N LEU A 34 15.67 47.39 4.09
CA LEU A 34 14.36 46.77 3.99
C LEU A 34 14.46 45.28 3.77
N LEU A 35 15.49 44.83 3.04
CA LEU A 35 15.67 43.40 2.81
C LEU A 35 16.07 42.67 4.09
N LEU A 36 16.93 43.29 4.91
CA LEU A 36 17.26 42.74 6.22
C LEU A 36 16.02 42.64 7.09
N ARG A 37 15.11 43.61 6.98
CA ARG A 37 13.91 43.62 7.81
C ARG A 37 12.86 42.59 7.37
N ASP A 38 12.81 42.25 6.09
CA ASP A 38 11.74 41.46 5.51
C ASP A 38 12.23 40.16 4.92
N GLY A 39 13.54 39.99 4.79
CA GLY A 39 14.09 38.77 4.22
C GLY A 39 13.86 38.66 2.74
N PRO A 40 14.24 37.55 2.14
CA PRO A 40 14.18 37.46 0.68
C PRO A 40 12.76 37.72 0.24
N ASN A 41 12.64 38.18 -1.00
CA ASN A 41 11.37 38.25 -1.71
C ASN A 41 11.06 36.89 -2.32
N ALA A 42 10.79 35.93 -1.43
CA ALA A 42 10.29 34.64 -1.87
C ALA A 42 9.42 34.05 -0.77
N LEU A 43 8.91 32.86 -1.06
CA LEU A 43 8.05 32.17 -0.13
C LEU A 43 8.88 31.27 0.80
N ARG A 44 8.65 31.41 2.08
CA ARG A 44 9.30 30.53 3.02
C ARG A 44 8.73 29.14 2.77
N PRO A 45 9.55 28.14 2.47
CA PRO A 45 9.02 26.81 2.10
C PRO A 45 8.45 26.10 3.32
N PRO A 46 7.79 24.94 3.12
CA PRO A 46 7.21 24.24 4.28
C PRO A 46 8.31 23.77 5.24
N ARG A 47 8.41 24.44 6.38
CA ARG A 47 9.64 24.38 7.17
C ARG A 47 9.49 23.43 8.34
N GLY A 48 10.35 22.41 8.36
CA GLY A 48 10.45 21.46 9.45
C GLY A 48 9.98 20.08 9.03
N THR A 49 10.95 19.24 8.66
CA THR A 49 10.67 17.88 8.16
C THR A 49 11.85 16.99 8.50
N PRO A 50 12.14 16.81 9.80
CA PRO A 50 13.40 16.15 10.20
C PRO A 50 13.46 14.72 9.69
N GLU A 51 14.60 14.36 9.11
CA GLU A 51 14.77 13.06 8.46
C GLU A 51 14.40 11.91 9.39
N TYR A 52 14.77 12.00 10.67
CA TYR A 52 14.38 10.96 11.63
C TYR A 52 12.90 11.03 11.99
N VAL A 53 12.23 12.17 11.77
CA VAL A 53 10.81 12.28 12.07
C VAL A 53 9.95 11.91 10.88
N LYS A 54 10.50 12.00 9.66
CA LYS A 54 9.82 11.40 8.51
C LYS A 54 9.67 9.90 8.71
N PHE A 55 10.65 9.29 9.37
CA PHE A 55 10.67 7.85 9.59
C PHE A 55 9.69 7.42 10.68
N ALA A 56 9.57 8.21 11.75
CA ALA A 56 8.69 7.81 12.86
C ALA A 56 7.27 7.51 12.38
N ARG A 57 6.70 8.39 11.54
CA ARG A 57 5.27 8.24 11.21
C ARG A 57 5.00 6.90 10.55
N GLN A 58 5.95 6.38 9.79
CA GLN A 58 5.78 5.14 9.05
C GLN A 58 5.59 3.94 9.99
N LEU A 59 5.59 4.22 11.29
CA LEU A 59 5.44 3.21 12.32
C LEU A 59 4.08 3.28 12.99
N ALA A 60 3.19 4.16 12.53
CA ALA A 60 1.87 4.25 13.13
C ALA A 60 0.82 3.97 12.08
N GLY A 61 -0.37 3.63 12.54
CA GLY A 61 -1.46 3.36 11.63
C GLY A 61 -2.19 2.11 12.04
N GLY A 62 -3.28 1.80 11.32
CA GLY A 62 -4.18 0.74 11.71
C GLY A 62 -3.47 -0.53 12.11
N LEU A 63 -2.68 -1.09 11.19
CA LEU A 63 -2.03 -2.35 11.48
C LEU A 63 -0.94 -2.18 12.53
N GLN A 64 -0.25 -1.04 12.49
CA GLN A 64 0.96 -0.89 13.32
C GLN A 64 0.62 -0.78 14.80
N CYS A 65 -0.36 0.08 15.14
CA CYS A 65 -0.85 0.16 16.51
C CYS A 65 -1.35 -1.21 16.96
N LEU A 66 -2.01 -1.95 16.08
CA LEU A 66 -2.41 -3.30 16.42
C LEU A 66 -1.19 -4.15 16.72
N MET A 67 -0.26 -4.20 15.77
CA MET A 67 0.96 -4.97 16.00
C MET A 67 1.72 -4.54 17.23
N TRP A 68 1.90 -3.23 17.44
CA TRP A 68 2.57 -2.78 18.65
C TRP A 68 1.85 -3.24 19.89
N VAL A 69 0.54 -2.94 19.97
CA VAL A 69 -0.26 -3.49 21.07
C VAL A 69 0.01 -4.98 21.25
N ALA A 70 0.07 -5.72 20.13
CA ALA A 70 0.39 -7.14 20.20
C ALA A 70 1.76 -7.36 20.80
N ALA A 71 2.76 -6.58 20.38
CA ALA A 71 4.12 -6.75 20.90
C ALA A 71 4.16 -6.46 22.38
N ALA A 72 3.40 -5.43 22.81
CA ALA A 72 3.22 -5.16 24.23
C ALA A 72 2.70 -6.40 24.96
N ILE A 73 1.59 -6.96 24.49
CA ILE A 73 1.02 -8.14 25.12
C ILE A 73 2.04 -9.26 25.21
N CYS A 74 2.83 -9.45 24.14
CA CYS A 74 3.87 -10.47 24.20
C CYS A 74 4.76 -10.29 25.41
N LEU A 75 5.21 -9.06 25.65
CA LEU A 75 6.19 -8.83 26.70
C LEU A 75 5.59 -8.87 28.09
N ILE A 76 4.40 -8.29 28.28
CA ILE A 76 3.73 -8.48 29.55
C ILE A 76 3.54 -9.97 29.85
N ALA A 77 3.20 -10.75 28.82
CA ALA A 77 3.01 -12.19 29.03
C ALA A 77 4.32 -12.89 29.35
N PHE A 78 5.36 -12.59 28.56
CA PHE A 78 6.68 -13.14 28.85
C PHE A 78 7.10 -12.85 30.28
N ALA A 79 6.79 -11.65 30.79
CA ALA A 79 7.13 -11.32 32.16
C ALA A 79 6.30 -12.12 33.15
N ILE A 80 4.97 -12.03 33.04
CA ILE A 80 4.09 -12.85 33.89
C ILE A 80 4.53 -14.31 33.88
N GLN A 81 4.99 -14.79 32.71
CA GLN A 81 5.57 -16.12 32.58
C GLN A 81 6.99 -16.23 33.15
N ALA A 82 7.57 -15.14 33.66
CA ALA A 82 8.80 -15.25 34.43
C ALA A 82 8.56 -15.17 35.92
N SER A 83 7.52 -14.45 36.35
CA SER A 83 7.08 -14.52 37.74
C SER A 83 6.75 -15.96 38.11
N GLU A 84 5.79 -16.56 37.41
CA GLU A 84 5.62 -18.01 37.48
C GLU A 84 6.65 -18.61 36.53
N GLY A 85 7.87 -18.82 37.04
CA GLY A 85 9.03 -19.14 36.22
C GLY A 85 8.80 -20.17 35.11
N ASP A 86 9.00 -19.76 33.85
CA ASP A 86 8.83 -20.61 32.67
C ASP A 86 10.11 -20.67 31.84
N LEU A 87 10.41 -21.86 31.35
CA LEU A 87 11.49 -22.07 30.40
C LEU A 87 10.93 -22.14 28.98
N THR A 88 11.81 -21.89 27.99
CA THR A 88 11.50 -21.76 26.56
C THR A 88 10.59 -20.57 26.32
N THR A 89 10.58 -19.61 27.24
CA THR A 89 9.94 -18.33 27.01
C THR A 89 10.66 -17.52 25.95
N ASP A 90 11.72 -18.06 25.37
CA ASP A 90 12.30 -17.48 24.18
C ASP A 90 11.24 -17.24 23.10
N ASP A 91 10.18 -18.05 23.06
CA ASP A 91 9.10 -17.85 22.11
C ASP A 91 8.50 -16.43 22.20
N ASN A 92 8.11 -16.01 23.40
CA ASN A 92 7.53 -14.68 23.56
C ASN A 92 8.51 -13.57 23.18
N LEU A 93 9.79 -13.79 23.38
CA LEU A 93 10.78 -12.84 22.85
C LEU A 93 10.85 -12.94 21.33
N TYR A 94 11.11 -14.15 20.82
CA TYR A 94 11.10 -14.36 19.37
C TYR A 94 9.82 -13.80 18.75
N LEU A 95 8.68 -13.94 19.46
CA LEU A 95 7.40 -13.50 18.91
C LEU A 95 7.30 -11.98 18.87
N ALA A 96 7.49 -11.31 20.03
CA ALA A 96 7.32 -9.86 20.11
C ALA A 96 8.31 -9.13 19.22
N LEU A 97 9.53 -9.64 19.11
CA LEU A 97 10.43 -8.83 18.31
C LEU A 97 10.22 -9.08 16.82
N ALA A 98 9.73 -10.25 16.43
CA ALA A 98 9.37 -10.41 15.03
C ALA A 98 8.24 -9.45 14.65
N LEU A 99 7.31 -9.18 15.57
CA LEU A 99 6.30 -8.15 15.33
C LEU A 99 6.94 -6.78 15.18
N ILE A 100 7.73 -6.38 16.18
CA ILE A 100 8.38 -5.08 16.10
C ILE A 100 9.36 -5.01 14.94
N ALA A 101 9.75 -6.14 14.33
CA ALA A 101 10.58 -6.04 13.14
C ALA A 101 9.76 -5.70 11.88
N VAL A 102 8.66 -6.42 11.66
CA VAL A 102 7.86 -6.18 10.46
C VAL A 102 7.46 -4.72 10.40
N VAL A 103 6.82 -4.23 11.46
CA VAL A 103 6.42 -2.83 11.52
C VAL A 103 7.58 -1.93 11.08
N VAL A 104 8.78 -2.19 11.59
CA VAL A 104 9.94 -1.31 11.34
C VAL A 104 10.43 -1.44 9.90
N VAL A 105 10.64 -2.66 9.42
CA VAL A 105 11.13 -2.84 8.05
C VAL A 105 10.15 -2.29 7.02
N THR A 106 8.85 -2.34 7.29
CA THR A 106 7.94 -1.70 6.37
C THR A 106 8.13 -0.18 6.41
N GLY A 107 8.34 0.39 7.60
CA GLY A 107 8.64 1.81 7.69
C GLY A 107 9.82 2.24 6.84
N CYS A 108 10.85 1.39 6.76
CA CYS A 108 11.99 1.70 5.89
C CYS A 108 11.60 1.62 4.41
N PHE A 109 10.92 0.54 4.02
CA PHE A 109 10.44 0.41 2.65
C PHE A 109 9.60 1.62 2.26
N GLY A 110 8.69 2.02 3.15
CA GLY A 110 7.89 3.21 2.90
C GLY A 110 8.74 4.47 2.77
N TYR A 111 9.70 4.62 3.69
CA TYR A 111 10.53 5.83 3.73
C TYR A 111 11.42 5.92 2.50
N TYR A 112 12.16 4.86 2.17
CA TYR A 112 12.95 4.88 0.94
C TYR A 112 12.08 5.11 -0.30
N GLN A 113 10.85 4.58 -0.30
CA GLN A 113 9.96 4.77 -1.43
C GLN A 113 9.41 6.20 -1.52
N GLU A 114 9.32 6.91 -0.41
CA GLU A 114 8.94 8.32 -0.51
C GLU A 114 10.15 9.21 -0.74
N PHE A 115 11.31 8.80 -0.25
CA PHE A 115 12.56 9.41 -0.67
C PHE A 115 12.65 9.40 -2.19
N LYS A 116 12.68 8.20 -2.79
CA LYS A 116 12.67 8.09 -4.24
C LYS A 116 11.63 9.01 -4.86
N SER A 117 10.46 9.12 -4.23
CA SER A 117 9.38 9.92 -4.78
C SER A 117 9.80 11.37 -4.90
N THR A 118 10.31 11.97 -3.81
CA THR A 118 10.53 13.41 -3.84
C THR A 118 11.69 13.80 -4.74
N ASN A 119 12.71 12.95 -4.84
CA ASN A 119 13.84 13.28 -5.71
C ASN A 119 13.45 13.24 -7.18
N ILE A 120 12.68 12.22 -7.59
CA ILE A 120 12.10 12.18 -8.93
C ILE A 120 11.25 13.42 -9.19
N ILE A 121 10.54 13.91 -8.17
CA ILE A 121 9.65 15.05 -8.33
C ILE A 121 10.43 16.35 -8.32
N ALA A 122 11.37 16.52 -7.38
CA ALA A 122 12.21 17.70 -7.42
C ALA A 122 13.28 17.63 -8.51
N SER A 123 13.32 16.56 -9.33
CA SER A 123 14.08 16.50 -10.58
C SER A 123 13.36 17.16 -11.75
N PHE A 124 12.08 17.50 -11.58
CA PHE A 124 11.28 18.11 -12.63
C PHE A 124 10.91 19.54 -12.30
N LYS A 125 11.59 20.16 -11.35
CA LYS A 125 11.27 21.53 -10.94
C LYS A 125 12.00 22.54 -11.81
N ASN A 126 11.55 23.80 -11.72
CA ASN A 126 12.23 24.94 -12.30
C ASN A 126 13.03 25.63 -11.21
N LEU A 127 14.36 25.68 -11.36
CA LEU A 127 15.25 26.22 -10.34
C LEU A 127 16.05 27.44 -10.80
N VAL A 128 15.68 28.06 -11.92
CA VAL A 128 16.38 29.26 -12.40
C VAL A 128 15.91 30.47 -11.60
N PRO A 129 16.82 31.34 -11.21
CA PRO A 129 16.41 32.54 -10.48
C PRO A 129 15.62 33.49 -11.36
N GLN A 130 14.35 33.71 -11.04
CA GLN A 130 13.57 34.68 -11.78
C GLN A 130 14.13 36.08 -11.53
N GLN A 131 13.76 37.01 -12.39
CA GLN A 131 14.43 38.30 -12.34
C GLN A 131 13.45 39.46 -12.33
N ALA A 132 14.00 40.60 -11.94
CA ALA A 132 13.30 41.86 -11.88
C ALA A 132 14.14 42.92 -12.56
N THR A 133 13.49 43.94 -13.11
CA THR A 133 14.19 45.16 -13.47
C THR A 133 13.74 46.22 -12.47
N VAL A 134 14.64 46.62 -11.60
CA VAL A 134 14.30 47.56 -10.54
C VAL A 134 14.87 48.91 -10.91
N ILE A 135 14.25 49.96 -10.40
CA ILE A 135 14.80 51.32 -10.48
C ILE A 135 15.09 51.79 -9.05
N ARG A 136 16.31 52.25 -8.82
CA ARG A 136 16.84 52.61 -7.51
C ARG A 136 17.86 53.72 -7.71
N ASP A 137 17.78 54.77 -6.91
CA ASP A 137 18.62 55.95 -7.06
C ASP A 137 18.51 56.53 -8.48
N GLY A 138 17.50 56.11 -9.23
CA GLY A 138 17.35 56.53 -10.60
C GLY A 138 18.22 55.75 -11.57
N ASP A 139 18.52 54.49 -11.27
CA ASP A 139 19.19 53.60 -12.21
C ASP A 139 18.26 52.42 -12.50
N LYS A 140 17.87 52.27 -13.76
CA LYS A 140 17.18 51.05 -14.15
C LYS A 140 18.25 49.97 -14.39
N PHE A 141 18.20 48.92 -13.58
CA PHE A 141 19.11 47.80 -13.71
C PHE A 141 18.38 46.56 -13.26
N GLN A 142 19.05 45.41 -13.43
CA GLN A 142 18.43 44.12 -13.16
C GLN A 142 18.99 43.46 -11.91
N ILE A 143 18.10 42.86 -11.11
CA ILE A 143 18.42 42.16 -9.87
C ILE A 143 17.70 40.82 -9.90
N ASN A 144 17.98 39.99 -8.90
CA ASN A 144 17.16 38.81 -8.73
C ASN A 144 15.81 39.24 -8.19
N ALA A 145 14.77 38.53 -8.61
CA ALA A 145 13.43 38.74 -8.07
C ALA A 145 13.46 38.80 -6.54
N ASP A 146 14.18 37.87 -5.93
CA ASP A 146 14.17 37.65 -4.50
C ASP A 146 14.82 38.80 -3.72
N GLN A 147 15.53 39.70 -4.37
CA GLN A 147 16.18 40.78 -3.64
C GLN A 147 15.33 42.02 -3.59
N LEU A 148 14.09 41.89 -4.04
CA LEU A 148 13.15 43.00 -4.03
C LEU A 148 12.65 43.25 -2.62
N VAL A 149 12.44 44.52 -2.32
CA VAL A 149 11.84 44.88 -1.06
C VAL A 149 10.57 45.65 -1.35
N VAL A 150 9.70 45.63 -0.36
CA VAL A 150 8.50 46.44 -0.36
C VAL A 150 8.88 47.89 -0.64
N GLY A 151 8.05 48.58 -1.43
CA GLY A 151 8.25 49.99 -1.69
C GLY A 151 9.22 50.33 -2.78
N ASP A 152 9.60 49.35 -3.61
CA ASP A 152 10.60 49.51 -4.64
C ASP A 152 9.95 49.86 -5.96
N LEU A 153 10.71 50.54 -6.83
CA LEU A 153 10.25 50.88 -8.19
C LEU A 153 10.70 49.83 -9.21
N VAL A 154 9.73 49.20 -9.89
CA VAL A 154 9.99 48.04 -10.73
C VAL A 154 9.41 48.29 -12.12
N GLU A 155 9.95 47.58 -13.10
CA GLU A 155 9.46 47.66 -14.47
C GLU A 155 9.13 46.26 -15.00
N MET A 156 8.04 46.16 -15.77
CA MET A 156 7.72 44.93 -16.51
C MET A 156 7.59 45.22 -17.98
N LYS A 157 7.88 44.19 -18.77
CA LYS A 157 7.66 44.17 -20.21
C LYS A 157 7.03 42.84 -20.57
N GLY A 158 6.71 42.68 -21.85
CA GLY A 158 6.37 41.36 -22.38
C GLY A 158 7.47 40.37 -22.07
N GLY A 159 7.11 39.16 -21.67
CA GLY A 159 8.11 38.17 -21.32
C GLY A 159 8.61 38.22 -19.91
N ASP A 160 8.41 39.33 -19.20
CA ASP A 160 8.84 39.43 -17.81
C ASP A 160 7.86 38.73 -16.88
N ARG A 161 8.38 37.96 -15.92
CA ARG A 161 7.57 37.48 -14.81
C ARG A 161 7.38 38.63 -13.81
N VAL A 162 6.14 38.84 -13.40
CA VAL A 162 5.83 39.89 -12.44
C VAL A 162 6.60 39.53 -11.19
N PRO A 163 7.59 40.33 -10.76
CA PRO A 163 8.49 39.88 -9.70
C PRO A 163 7.93 40.02 -8.30
N ALA A 164 6.87 40.78 -8.11
CA ALA A 164 6.38 40.99 -6.75
C ALA A 164 4.89 41.21 -6.84
N ASP A 165 4.28 41.69 -5.74
CA ASP A 165 2.99 42.35 -5.82
C ASP A 165 3.23 43.84 -6.08
N ILE A 166 2.82 44.30 -7.26
CA ILE A 166 3.12 45.63 -7.78
C ILE A 166 1.84 46.43 -7.87
N ARG A 167 1.93 47.72 -7.59
CA ARG A 167 0.81 48.62 -7.75
C ARG A 167 1.14 49.49 -8.94
N ILE A 168 0.35 49.39 -10.01
CA ILE A 168 0.66 50.10 -11.25
C ILE A 168 0.75 51.59 -11.04
N LEU A 169 1.80 52.21 -11.59
CA LEU A 169 1.85 53.66 -11.62
C LEU A 169 1.60 54.22 -13.01
N GLN A 170 2.22 53.67 -14.04
CA GLN A 170 1.94 54.03 -15.43
C GLN A 170 1.94 52.73 -16.24
N ALA A 171 1.20 52.74 -17.35
CA ALA A 171 1.05 51.49 -18.09
C ALA A 171 0.77 51.79 -19.55
N GLN A 172 1.41 51.01 -20.43
CA GLN A 172 1.26 51.20 -21.88
C GLN A 172 0.92 49.85 -22.51
N GLY A 173 -0.37 49.55 -22.61
CA GLY A 173 -0.81 48.39 -23.35
C GLY A 173 -0.49 47.10 -22.64
N CYS A 174 -0.54 47.10 -21.32
CA CYS A 174 0.08 46.05 -20.52
C CYS A 174 -0.96 45.00 -20.17
N LYS A 175 -0.95 43.89 -20.90
CA LYS A 175 -1.84 42.79 -20.56
C LYS A 175 -1.06 41.67 -19.89
N VAL A 176 -1.73 40.91 -19.01
CA VAL A 176 -1.04 40.02 -18.09
C VAL A 176 -1.87 38.73 -17.99
N ASP A 177 -1.21 37.67 -17.50
CA ASP A 177 -1.71 36.30 -17.42
C ASP A 177 -1.92 35.91 -15.96
N ASN A 178 -3.19 35.86 -15.54
CA ASN A 178 -3.53 35.63 -14.13
C ASN A 178 -3.97 34.23 -13.86
N SER A 179 -3.80 33.33 -14.81
CA SER A 179 -4.40 32.01 -14.69
C SER A 179 -3.92 31.23 -13.47
N SER A 180 -2.79 31.61 -12.87
CA SER A 180 -2.33 30.94 -11.66
C SER A 180 -3.22 31.28 -10.48
N LEU A 181 -3.56 32.56 -10.33
CA LEU A 181 -4.37 32.99 -9.20
C LEU A 181 -5.86 32.81 -9.45
N THR A 182 -6.30 33.29 -10.60
CA THR A 182 -7.69 33.22 -11.00
C THR A 182 -7.81 32.12 -12.04
N GLY A 183 -9.02 31.87 -12.53
CA GLY A 183 -9.03 30.91 -13.60
C GLY A 183 -8.79 31.49 -14.97
N GLU A 184 -8.55 32.81 -15.03
CA GLU A 184 -8.83 33.58 -16.23
C GLU A 184 -7.85 33.23 -17.35
N SER A 185 -8.41 32.73 -18.46
CA SER A 185 -7.60 32.23 -19.57
C SER A 185 -7.16 33.33 -20.53
N GLU A 186 -8.00 34.39 -20.72
CA GLU A 186 -7.75 35.58 -21.54
C GLU A 186 -6.87 36.56 -20.77
N PRO A 187 -5.85 37.13 -21.42
CA PRO A 187 -5.05 38.20 -20.79
C PRO A 187 -5.95 39.19 -20.09
N GLN A 188 -5.56 39.61 -18.91
CA GLN A 188 -6.29 40.66 -18.22
C GLN A 188 -5.59 41.99 -18.51
N THR A 189 -6.40 43.02 -18.73
CA THR A 189 -5.88 44.35 -18.97
C THR A 189 -5.33 44.92 -17.69
N ARG A 190 -4.19 45.60 -17.76
CA ARG A 190 -3.66 46.21 -16.54
C ARG A 190 -3.41 47.71 -16.76
N SER A 191 -4.03 48.52 -15.91
CA SER A 191 -4.05 49.97 -16.00
C SER A 191 -3.61 50.52 -14.66
N PRO A 192 -3.22 51.80 -14.60
CA PRO A 192 -2.93 52.42 -13.30
C PRO A 192 -4.14 52.88 -12.51
N GLU A 193 -5.34 52.74 -13.06
CA GLU A 193 -6.55 53.22 -12.42
C GLU A 193 -7.17 52.13 -11.56
N CYS A 194 -7.59 52.53 -10.34
CA CYS A 194 -8.24 51.62 -9.39
C CYS A 194 -9.58 51.17 -9.96
N THR A 195 -9.65 49.91 -10.37
CA THR A 195 -10.84 49.33 -10.99
C THR A 195 -11.87 48.87 -9.98
N HIS A 196 -11.46 48.67 -8.74
CA HIS A 196 -12.23 47.90 -7.78
C HIS A 196 -11.54 47.99 -6.43
N GLU A 197 -12.32 47.74 -5.38
CA GLU A 197 -11.82 47.82 -4.02
C GLU A 197 -11.13 46.52 -3.58
N SER A 198 -11.62 45.37 -4.06
CA SER A 198 -10.97 44.08 -3.85
C SER A 198 -9.68 44.03 -4.65
N PRO A 199 -8.51 43.95 -4.01
CA PRO A 199 -7.25 44.01 -4.76
C PRO A 199 -7.08 42.87 -5.73
N LEU A 200 -7.85 41.79 -5.59
CA LEU A 200 -7.82 40.78 -6.63
C LEU A 200 -8.55 41.26 -7.88
N GLU A 201 -9.67 41.97 -7.71
CA GLU A 201 -10.43 42.34 -8.89
C GLU A 201 -10.04 43.68 -9.47
N THR A 202 -9.10 44.38 -8.87
CA THR A 202 -8.66 45.63 -9.47
C THR A 202 -7.65 45.37 -10.56
N ARG A 203 -7.41 46.41 -11.34
CA ARG A 203 -6.48 46.37 -12.46
C ARG A 203 -5.19 47.11 -12.21
N ASN A 204 -5.01 47.75 -11.06
CA ASN A 204 -3.80 48.52 -10.88
C ASN A 204 -2.78 47.77 -10.04
N ILE A 205 -3.04 46.50 -9.79
CA ILE A 205 -2.17 45.62 -9.04
C ILE A 205 -1.72 44.47 -9.93
N ALA A 206 -0.43 44.13 -9.83
CA ALA A 206 0.19 43.02 -10.53
C ALA A 206 0.59 41.98 -9.51
N PHE A 207 0.40 40.70 -9.84
CA PHE A 207 0.56 39.65 -8.84
C PHE A 207 1.91 38.92 -8.94
N PHE A 208 2.43 38.51 -7.76
CA PHE A 208 3.83 38.16 -7.55
C PHE A 208 4.31 37.00 -8.41
N SER A 209 3.43 36.18 -8.96
CA SER A 209 3.93 35.10 -9.80
C SER A 209 3.56 35.22 -11.27
N THR A 210 2.82 36.26 -11.69
CA THR A 210 2.19 36.25 -13.01
C THR A 210 3.15 36.67 -14.13
N MET A 211 2.63 36.60 -15.36
CA MET A 211 3.40 36.78 -16.57
C MET A 211 2.88 37.97 -17.37
N CYS A 212 3.73 38.99 -17.53
CA CYS A 212 3.38 40.13 -18.37
C CYS A 212 3.51 39.73 -19.83
N LEU A 213 2.39 39.53 -20.52
CA LEU A 213 2.43 39.01 -21.88
C LEU A 213 2.83 40.08 -22.89
N GLU A 214 2.24 41.27 -22.78
CA GLU A 214 2.44 42.35 -23.75
C GLU A 214 2.34 43.70 -23.07
N GLY A 215 3.11 44.65 -23.59
CA GLY A 215 2.95 46.00 -23.10
C GLY A 215 4.03 46.39 -22.14
N THR A 216 3.74 47.33 -21.25
CA THR A 216 4.71 47.87 -20.31
C THR A 216 3.99 48.37 -19.07
N ALA A 217 4.68 48.31 -17.94
CA ALA A 217 4.22 49.12 -16.82
C ALA A 217 5.42 49.47 -15.96
N GLN A 218 5.25 50.51 -15.17
CA GLN A 218 6.07 50.72 -13.99
C GLN A 218 5.13 50.70 -12.81
N GLY A 219 5.65 50.37 -11.64
CA GLY A 219 4.73 50.40 -10.53
C GLY A 219 5.52 50.14 -9.29
N LEU A 220 4.82 50.22 -8.16
CA LEU A 220 5.47 50.09 -6.88
C LEU A 220 5.27 48.70 -6.29
N VAL A 221 6.32 48.20 -5.62
CA VAL A 221 6.21 46.96 -4.88
C VAL A 221 5.50 47.26 -3.57
N VAL A 222 4.45 46.49 -3.29
CA VAL A 222 3.60 46.75 -2.14
C VAL A 222 3.43 45.53 -1.26
N ASN A 223 3.77 44.35 -1.76
CA ASN A 223 3.94 43.20 -0.91
C ASN A 223 5.00 42.32 -1.54
N THR A 224 5.57 41.46 -0.68
CA THR A 224 6.76 40.65 -0.96
C THR A 224 6.57 39.31 -0.30
N GLY A 225 6.91 38.24 -0.99
CA GLY A 225 7.00 36.95 -0.33
C GLY A 225 5.66 36.48 0.20
N ASP A 226 5.69 35.83 1.37
CA ASP A 226 4.52 35.23 2.00
C ASP A 226 3.37 36.24 2.20
N ARG A 227 3.65 37.53 2.14
CA ARG A 227 2.65 38.55 2.38
C ARG A 227 1.82 38.88 1.12
N THR A 228 2.15 38.30 -0.04
CA THR A 228 1.49 38.57 -1.31
C THR A 228 0.24 37.70 -1.48
N ILE A 229 -0.56 38.02 -2.50
CA ILE A 229 -1.77 37.25 -2.78
C ILE A 229 -1.44 35.80 -3.02
N ILE A 230 -0.25 35.51 -3.50
CA ILE A 230 0.12 34.11 -3.62
C ILE A 230 0.61 33.60 -2.28
N GLY A 231 1.38 34.41 -1.56
CA GLY A 231 1.77 34.03 -0.22
C GLY A 231 0.57 33.66 0.62
N ARG A 232 -0.52 34.43 0.51
CA ARG A 232 -1.69 34.19 1.34
C ARG A 232 -2.45 32.93 0.92
N ILE A 233 -2.52 32.67 -0.39
CA ILE A 233 -3.28 31.54 -0.90
C ILE A 233 -2.73 30.21 -0.39
N ALA A 234 -1.41 30.10 -0.25
CA ALA A 234 -0.81 28.82 0.14
C ALA A 234 -0.67 28.67 1.64
N SER A 235 -0.41 29.78 2.35
CA SER A 235 -0.48 29.75 3.80
C SER A 235 -1.88 29.37 4.25
N LEU A 236 -2.92 29.81 3.54
CA LEU A 236 -4.24 29.23 3.70
C LEU A 236 -4.20 27.73 3.45
N ALA A 237 -3.70 27.32 2.29
CA ALA A 237 -3.80 25.92 1.88
C ALA A 237 -3.06 24.99 2.85
N SER A 238 -1.89 25.41 3.35
CA SER A 238 -1.21 24.64 4.38
C SER A 238 -2.09 24.51 5.62
N GLY A 239 -2.69 25.63 6.05
CA GLY A 239 -3.68 25.57 7.12
C GLY A 239 -4.71 24.47 6.93
N VAL A 240 -5.18 24.29 5.70
CA VAL A 240 -6.11 23.20 5.39
C VAL A 240 -5.45 21.89 5.78
N GLU A 241 -6.06 21.17 6.72
CA GLU A 241 -5.60 19.83 7.06
C GLU A 241 -6.41 18.80 6.28
N ASN A 242 -5.73 17.78 5.79
CA ASN A 242 -6.39 16.85 4.89
C ASN A 242 -6.84 15.63 5.67
N GLU A 243 -7.96 15.06 5.22
CA GLU A 243 -8.56 13.92 5.89
C GLU A 243 -7.75 12.67 5.57
N LYS A 244 -8.21 11.55 6.11
CA LYS A 244 -7.52 10.29 5.92
C LYS A 244 -7.99 9.59 4.66
N THR A 245 -7.06 8.98 3.94
CA THR A 245 -7.39 8.36 2.67
C THR A 245 -8.37 7.22 2.87
N PRO A 246 -9.22 6.94 1.86
CA PRO A 246 -10.17 5.83 1.97
C PRO A 246 -9.49 4.50 2.25
N ILE A 247 -8.34 4.26 1.61
CA ILE A 247 -7.64 3.00 1.87
C ILE A 247 -7.25 2.93 3.33
N ALA A 248 -6.73 4.02 3.88
CA ALA A 248 -6.30 4.07 5.27
C ALA A 248 -7.46 3.78 6.21
N ILE A 249 -8.63 4.32 5.91
CA ILE A 249 -9.86 3.99 6.66
C ILE A 249 -10.20 2.51 6.56
N GLU A 250 -10.23 1.95 5.34
CA GLU A 250 -10.52 0.53 5.18
C GLU A 250 -9.65 -0.37 6.06
N ILE A 251 -8.32 -0.21 5.95
CA ILE A 251 -7.37 -0.89 6.82
C ILE A 251 -7.76 -0.79 8.28
N GLU A 252 -8.31 0.34 8.71
CA GLU A 252 -8.64 0.45 10.11
C GLU A 252 -9.97 -0.17 10.47
N HIS A 253 -10.92 -0.23 9.56
CA HIS A 253 -12.06 -1.11 9.75
C HIS A 253 -11.60 -2.55 9.95
N PHE A 254 -10.71 -3.01 9.06
CA PHE A 254 -10.14 -4.35 9.15
C PHE A 254 -9.50 -4.62 10.51
N VAL A 255 -8.95 -3.59 11.17
CA VAL A 255 -8.38 -3.79 12.49
C VAL A 255 -9.46 -3.83 13.55
N ASP A 256 -10.46 -2.96 13.44
CA ASP A 256 -11.59 -3.08 14.36
C ASP A 256 -12.29 -4.43 14.24
N ILE A 257 -12.06 -5.15 13.15
CA ILE A 257 -12.63 -6.48 13.01
C ILE A 257 -11.72 -7.52 13.62
N ILE A 258 -10.43 -7.49 13.28
CA ILE A 258 -9.48 -8.46 13.81
C ILE A 258 -9.49 -8.44 15.33
N ALA A 259 -9.16 -7.27 15.90
CA ALA A 259 -9.17 -7.13 17.34
C ALA A 259 -10.53 -7.47 17.92
N GLY A 260 -11.61 -6.91 17.32
CA GLY A 260 -12.96 -7.25 17.74
C GLY A 260 -13.20 -8.74 17.93
N LEU A 261 -12.63 -9.56 17.05
CA LEU A 261 -12.68 -10.99 17.27
C LEU A 261 -11.68 -11.43 18.33
N ALA A 262 -10.42 -10.99 18.18
CA ALA A 262 -9.37 -11.42 19.10
C ALA A 262 -9.81 -11.24 20.55
N ILE A 263 -10.48 -10.13 20.87
CA ILE A 263 -10.97 -9.91 22.22
C ILE A 263 -12.12 -10.85 22.56
N LEU A 264 -13.12 -10.91 21.69
CA LEU A 264 -14.25 -11.79 21.97
C LEU A 264 -13.85 -13.26 21.90
N PHE A 265 -12.94 -13.60 20.99
CA PHE A 265 -12.42 -14.95 20.92
C PHE A 265 -11.59 -15.27 22.16
N GLY A 266 -10.67 -14.36 22.51
CA GLY A 266 -9.84 -14.55 23.68
C GLY A 266 -10.61 -14.64 24.97
N ALA A 267 -11.62 -13.79 25.14
CA ALA A 267 -12.26 -13.67 26.45
C ALA A 267 -13.08 -14.90 26.79
N THR A 268 -13.84 -15.43 25.83
CA THR A 268 -14.59 -16.65 26.07
C THR A 268 -13.66 -17.82 26.40
N PHE A 269 -12.56 -17.95 25.66
CA PHE A 269 -11.63 -19.03 25.96
C PHE A 269 -10.95 -18.85 27.31
N PHE A 270 -10.71 -17.60 27.74
CA PHE A 270 -10.25 -17.37 29.09
C PHE A 270 -11.29 -17.74 30.11
N ILE A 271 -12.55 -17.36 29.86
CA ILE A 271 -13.61 -17.74 30.78
C ILE A 271 -13.80 -19.25 30.78
N VAL A 272 -13.60 -19.91 29.63
CA VAL A 272 -13.49 -21.36 29.61
C VAL A 272 -12.22 -21.81 30.32
N ALA A 273 -11.13 -21.04 30.20
CA ALA A 273 -9.88 -21.45 30.80
C ALA A 273 -10.01 -21.57 32.32
N MET A 274 -10.76 -20.66 32.95
CA MET A 274 -10.97 -20.70 34.40
C MET A 274 -11.69 -21.98 34.82
N CYS A 275 -12.65 -22.44 34.02
CA CYS A 275 -13.50 -23.57 34.42
C CYS A 275 -12.81 -24.93 34.25
N ILE A 276 -11.92 -25.09 33.28
CA ILE A 276 -11.07 -26.29 33.27
C ILE A 276 -10.21 -26.33 34.52
N GLY A 277 -10.04 -25.18 35.18
CA GLY A 277 -9.34 -25.04 36.43
C GLY A 277 -7.95 -24.54 36.15
N TYR A 278 -7.76 -23.23 36.28
CA TYR A 278 -6.49 -22.61 35.93
C TYR A 278 -6.29 -21.39 36.81
N THR A 279 -5.06 -21.24 37.31
CA THR A 279 -4.73 -20.01 37.98
C THR A 279 -5.19 -18.86 37.09
N PHE A 280 -5.98 -17.96 37.68
CA PHE A 280 -6.42 -16.77 36.97
C PHE A 280 -5.31 -16.25 36.07
N LEU A 281 -4.09 -16.15 36.59
CA LEU A 281 -2.97 -15.67 35.79
C LEU A 281 -2.79 -16.48 34.50
N ARG A 282 -2.77 -17.80 34.58
CA ARG A 282 -2.56 -18.54 33.35
C ARG A 282 -3.72 -18.35 32.39
N ALA A 283 -4.97 -18.40 32.89
CA ALA A 283 -6.13 -18.19 32.04
C ALA A 283 -6.07 -16.84 31.33
N MET A 284 -5.62 -15.81 32.05
CA MET A 284 -5.44 -14.48 31.50
C MET A 284 -4.18 -14.39 30.64
N VAL A 285 -3.27 -15.36 30.75
CA VAL A 285 -2.18 -15.46 29.79
C VAL A 285 -2.66 -16.07 28.48
N PHE A 286 -3.44 -17.14 28.54
CA PHE A 286 -3.91 -17.74 27.31
C PHE A 286 -4.85 -16.80 26.60
N PHE A 287 -5.57 -15.99 27.36
CA PHE A 287 -6.27 -14.88 26.74
C PHE A 287 -5.30 -14.07 25.88
N MET A 288 -4.22 -13.56 26.50
CA MET A 288 -3.14 -12.92 25.75
C MET A 288 -2.67 -13.79 24.58
N ALA A 289 -2.15 -14.97 24.86
CA ALA A 289 -1.57 -15.82 23.82
C ALA A 289 -2.40 -15.83 22.55
N ILE A 290 -3.73 -15.75 22.70
CA ILE A 290 -4.62 -15.97 21.57
C ILE A 290 -5.07 -14.68 20.93
N VAL A 291 -5.07 -13.56 21.66
CA VAL A 291 -5.36 -12.31 20.93
C VAL A 291 -4.18 -12.00 20.04
N VAL A 292 -3.00 -12.47 20.39
CA VAL A 292 -1.84 -12.27 19.54
C VAL A 292 -1.81 -13.30 18.42
N ALA A 293 -2.46 -14.44 18.60
CA ALA A 293 -2.59 -15.37 17.48
C ALA A 293 -3.62 -14.88 16.46
N ASN A 294 -4.55 -14.01 16.87
CA ASN A 294 -5.51 -13.40 15.95
C ASN A 294 -4.87 -12.33 15.07
N VAL A 295 -3.74 -11.75 15.46
CA VAL A 295 -3.13 -10.69 14.68
C VAL A 295 -2.20 -11.28 13.64
N PRO A 296 -2.32 -10.89 12.37
CA PRO A 296 -1.38 -11.37 11.35
C PRO A 296 -0.18 -10.45 11.20
N GLU A 297 0.97 -11.01 11.51
CA GLU A 297 2.22 -10.26 11.53
C GLU A 297 2.67 -9.83 10.13
N GLY A 298 2.40 -10.64 9.10
CA GLY A 298 3.02 -10.41 7.80
C GLY A 298 2.23 -9.56 6.84
N LEU A 299 0.93 -9.43 7.10
CA LEU A 299 0.02 -8.81 6.16
C LEU A 299 0.31 -7.32 6.02
N LEU A 300 0.80 -6.65 7.07
CA LEU A 300 1.24 -5.28 6.88
C LEU A 300 2.40 -5.16 5.92
N ALA A 301 3.23 -6.20 5.75
CA ALA A 301 4.16 -6.10 4.62
C ALA A 301 3.47 -6.35 3.27
N THR A 302 2.64 -7.41 3.14
CA THR A 302 2.12 -7.74 1.81
C THR A 302 1.27 -6.59 1.28
N VAL A 303 0.45 -5.98 2.13
CA VAL A 303 -0.27 -4.76 1.77
C VAL A 303 0.70 -3.75 1.16
N THR A 304 1.78 -3.47 1.87
CA THR A 304 2.70 -2.41 1.45
C THR A 304 3.39 -2.74 0.14
N VAL A 305 3.96 -3.94 0.01
CA VAL A 305 4.60 -4.29 -1.26
C VAL A 305 3.58 -4.18 -2.40
N CYS A 306 2.37 -4.71 -2.18
CA CYS A 306 1.29 -4.60 -3.16
C CYS A 306 1.11 -3.17 -3.65
N LEU A 307 1.11 -2.20 -2.72
CA LEU A 307 0.93 -0.81 -3.08
C LEU A 307 2.13 -0.31 -3.86
N SER A 308 3.33 -0.56 -3.35
CA SER A 308 4.52 -0.14 -4.09
C SER A 308 4.52 -0.64 -5.51
N LEU A 309 4.00 -1.86 -5.75
CA LEU A 309 4.02 -2.41 -7.09
C LEU A 309 3.18 -1.56 -8.01
N THR A 310 2.00 -1.16 -7.55
CA THR A 310 1.14 -0.33 -8.37
C THR A 310 1.65 1.10 -8.44
N ALA A 311 2.38 1.56 -7.42
CA ALA A 311 3.14 2.81 -7.57
C ALA A 311 4.09 2.75 -8.76
N LYS A 312 4.86 1.67 -8.87
CA LYS A 312 5.79 1.58 -9.99
C LYS A 312 5.04 1.49 -11.31
N ARG A 313 3.94 0.72 -11.34
CA ARG A 313 3.11 0.62 -12.54
C ARG A 313 2.67 1.97 -13.05
N LEU A 314 2.51 2.93 -12.14
CA LEU A 314 2.16 4.26 -12.58
C LEU A 314 3.40 5.00 -13.08
N ALA A 315 4.43 5.15 -12.22
CA ALA A 315 5.54 6.03 -12.57
C ALA A 315 6.22 5.60 -13.87
N SER A 316 6.11 4.31 -14.24
CA SER A 316 6.42 3.85 -15.59
C SER A 316 5.65 4.64 -16.64
N LYS A 317 4.50 5.21 -16.26
CA LYS A 317 3.69 6.11 -17.09
C LYS A 317 3.81 7.58 -16.67
N ASN A 318 4.92 7.98 -16.04
CA ASN A 318 5.19 9.36 -15.64
C ASN A 318 4.19 9.90 -14.63
N CYS A 319 3.46 9.00 -13.95
CA CYS A 319 2.50 9.36 -12.91
C CYS A 319 3.12 9.02 -11.55
N VAL A 320 3.66 10.05 -10.88
CA VAL A 320 4.44 9.88 -9.65
C VAL A 320 3.56 10.18 -8.44
N VAL A 321 3.68 9.34 -7.39
CA VAL A 321 2.79 9.31 -6.23
C VAL A 321 3.63 9.53 -4.99
N LYS A 322 3.21 10.47 -4.13
CA LYS A 322 4.04 10.86 -2.96
C LYS A 322 3.98 9.88 -1.78
N ASN A 323 2.85 9.20 -1.52
CA ASN A 323 2.73 8.13 -0.52
C ASN A 323 2.03 6.91 -1.14
N LEU A 324 2.05 5.75 -0.47
CA LEU A 324 1.43 4.60 -1.14
C LEU A 324 -0.09 4.56 -1.04
N GLU A 325 -0.67 5.09 0.05
CA GLU A 325 -2.13 5.10 0.16
C GLU A 325 -2.77 5.74 -1.07
N ALA A 326 -2.05 6.63 -1.74
CA ALA A 326 -2.60 7.28 -2.90
C ALA A 326 -2.71 6.34 -4.08
N VAL A 327 -2.12 5.15 -4.01
CA VAL A 327 -2.30 4.29 -5.16
C VAL A 327 -3.75 3.80 -5.25
N GLU A 328 -4.52 3.80 -4.16
CA GLU A 328 -5.91 3.37 -4.26
C GLU A 328 -6.89 4.49 -4.55
N THR A 329 -6.70 5.69 -3.95
CA THR A 329 -7.75 6.71 -3.87
C THR A 329 -8.57 6.96 -5.16
N LEU A 330 -7.95 6.86 -6.36
CA LEU A 330 -8.70 7.10 -7.59
C LEU A 330 -9.74 6.01 -7.83
N GLY A 331 -9.41 4.76 -7.53
CA GLY A 331 -10.38 3.70 -7.71
C GLY A 331 -11.66 3.98 -6.97
N SER A 332 -11.55 4.42 -5.72
CA SER A 332 -12.73 4.63 -4.89
C SER A 332 -13.36 5.99 -5.07
N THR A 333 -12.69 6.91 -5.78
CA THR A 333 -13.26 8.21 -6.12
C THR A 333 -14.58 8.10 -6.89
N SER A 334 -15.49 9.05 -6.60
CA SER A 334 -16.78 9.20 -7.29
C SER A 334 -17.04 10.60 -7.85
N VAL A 335 -16.41 11.64 -7.31
CA VAL A 335 -16.53 12.98 -7.84
C VAL A 335 -15.12 13.44 -8.18
N ILE A 336 -14.93 13.95 -9.38
CA ILE A 336 -13.74 14.70 -9.68
C ILE A 336 -14.14 16.16 -9.72
N CYS A 337 -13.47 16.97 -8.92
CA CYS A 337 -13.52 18.41 -9.08
C CYS A 337 -12.29 18.83 -9.88
N SER A 338 -12.53 19.43 -11.05
CA SER A 338 -11.45 19.78 -11.95
C SER A 338 -11.40 21.26 -12.34
N BFD A 339 -10.20 21.82 -12.19
CA BFD A 339 -9.84 23.11 -12.73
C BFD A 339 -9.96 23.09 -14.26
O BFD A 339 -9.90 21.99 -14.87
CB BFD A 339 -8.42 23.41 -12.23
CG BFD A 339 -8.04 24.82 -12.58
OD1 BFD A 339 -9.09 25.69 -12.99
OD2 BFD A 339 -6.91 25.29 -12.56
BE BFD A 339 -8.60 27.32 -13.00
F1 BFD A 339 -9.39 28.30 -11.78
F2 BFD A 339 -7.06 27.75 -13.72
F3 BFD A 339 -9.50 27.65 -14.48
N LYS A 340 -10.14 24.25 -14.90
CA LYS A 340 -10.25 24.34 -16.35
C LYS A 340 -8.91 24.73 -16.93
N THR A 341 -8.53 26.00 -16.71
CA THR A 341 -7.31 26.54 -17.28
C THR A 341 -6.09 25.83 -16.71
N GLY A 342 -5.21 25.40 -17.61
CA GLY A 342 -3.96 24.73 -17.28
C GLY A 342 -4.08 23.25 -17.02
N THR A 343 -5.22 22.81 -16.50
CA THR A 343 -5.47 21.40 -16.30
C THR A 343 -6.34 20.81 -17.42
N LEU A 344 -7.58 21.27 -17.55
CA LEU A 344 -8.38 20.74 -18.64
C LEU A 344 -7.88 21.27 -19.98
N THR A 345 -7.59 22.58 -20.04
CA THR A 345 -7.10 23.23 -21.24
C THR A 345 -5.58 23.40 -21.17
N GLN A 346 -4.97 23.72 -22.32
CA GLN A 346 -3.51 23.94 -22.41
C GLN A 346 -3.03 25.26 -21.82
N ASN A 347 -3.94 26.18 -21.44
CA ASN A 347 -3.53 27.53 -21.07
C ASN A 347 -2.49 28.05 -22.06
N ARG A 348 -2.89 28.06 -23.33
CA ARG A 348 -2.07 28.58 -24.42
C ARG A 348 -3.04 28.90 -25.55
N MET A 349 -3.11 30.16 -25.91
CA MET A 349 -4.02 30.59 -26.97
C MET A 349 -3.54 30.06 -28.30
N THR A 350 -4.31 29.16 -28.90
CA THR A 350 -4.07 28.64 -30.23
C THR A 350 -5.17 29.09 -31.16
N VAL A 351 -4.86 29.17 -32.45
CA VAL A 351 -5.85 29.48 -33.49
C VAL A 351 -6.84 28.33 -33.67
N SER A 352 -8.13 28.64 -33.69
CA SER A 352 -9.09 27.55 -33.60
C SER A 352 -10.12 27.57 -34.72
N HIS A 353 -10.50 28.75 -35.20
CA HIS A 353 -11.46 28.88 -36.30
C HIS A 353 -11.06 29.99 -37.27
N LEU A 354 -11.62 29.93 -38.47
CA LEU A 354 -11.28 30.91 -39.50
C LEU A 354 -12.35 31.10 -40.56
N TRP A 355 -12.81 32.34 -40.68
CA TRP A 355 -13.80 32.71 -41.69
C TRP A 355 -13.06 33.15 -42.94
N PHE A 356 -13.11 32.35 -44.00
CA PHE A 356 -12.63 32.77 -45.31
C PHE A 356 -13.34 31.92 -46.35
N ASP A 357 -13.33 32.39 -47.62
CA ASP A 357 -14.03 31.72 -48.73
C ASP A 357 -15.48 31.41 -48.34
N ASN A 358 -16.07 32.31 -47.53
CA ASN A 358 -17.42 32.23 -46.98
C ASN A 358 -17.67 30.94 -46.23
N HIS A 359 -16.90 30.73 -45.18
CA HIS A 359 -17.03 29.48 -44.47
C HIS A 359 -16.25 29.60 -43.18
N ILE A 360 -16.76 28.98 -42.11
CA ILE A 360 -16.02 28.92 -40.86
C ILE A 360 -15.25 27.61 -40.84
N HIS A 361 -13.94 27.74 -40.93
CA HIS A 361 -13.04 26.60 -40.86
C HIS A 361 -12.64 26.44 -39.41
N SER A 362 -12.65 25.21 -38.91
CA SER A 362 -12.11 24.94 -37.58
C SER A 362 -10.72 24.32 -37.73
N ALA A 363 -9.75 24.85 -36.99
CA ALA A 363 -8.37 24.39 -37.04
C ALA A 363 -8.16 23.20 -36.10
N ASP A 364 -6.90 22.76 -36.04
CA ASP A 364 -6.45 21.74 -35.10
C ASP A 364 -5.89 22.42 -33.85
N THR A 365 -6.46 22.11 -32.69
CA THR A 365 -6.07 22.76 -31.43
C THR A 365 -5.38 21.80 -30.45
N THR A 366 -4.72 20.76 -30.95
CA THR A 366 -4.08 19.75 -30.14
C THR A 366 -2.56 19.92 -30.22
N GLU A 367 -1.86 19.62 -29.11
CA GLU A 367 -0.41 19.83 -29.05
C GLU A 367 0.39 18.76 -29.82
N ASP A 368 -0.23 17.62 -30.13
CA ASP A 368 0.43 16.50 -30.79
C ASP A 368 -0.05 16.35 -32.23
N GLN A 369 -0.87 17.28 -32.70
CA GLN A 369 -1.27 17.38 -34.09
C GLN A 369 -2.23 16.26 -34.52
N SER A 370 -2.97 15.72 -33.57
CA SER A 370 -3.82 14.57 -33.81
C SER A 370 -5.23 14.92 -34.27
N GLY A 371 -5.59 16.20 -34.31
CA GLY A 371 -6.92 16.60 -34.71
C GLY A 371 -7.11 16.67 -36.21
N GLN A 372 -8.16 17.40 -36.60
CA GLN A 372 -8.54 17.54 -38.01
C GLN A 372 -8.21 18.95 -38.48
N THR A 373 -7.21 19.07 -39.34
CA THR A 373 -6.89 20.41 -39.82
C THR A 373 -7.84 20.82 -40.94
N PHE A 374 -7.78 22.11 -41.29
CA PHE A 374 -8.76 22.67 -42.20
C PHE A 374 -8.27 22.66 -43.64
N ASP A 375 -9.10 23.22 -44.52
CA ASP A 375 -8.87 23.16 -45.96
C ASP A 375 -7.93 24.26 -46.42
N GLN A 376 -6.72 23.86 -46.82
CA GLN A 376 -5.64 24.79 -47.09
C GLN A 376 -5.33 24.86 -48.58
N SER A 377 -6.37 24.73 -49.43
CA SER A 377 -6.19 24.60 -50.87
C SER A 377 -6.70 25.80 -51.68
N SER A 378 -7.01 26.92 -51.06
CA SER A 378 -7.66 28.00 -51.78
C SER A 378 -6.70 29.16 -51.99
N GLU A 379 -6.89 29.84 -53.12
CA GLU A 379 -6.19 31.09 -53.36
C GLU A 379 -6.49 32.08 -52.26
N THR A 380 -7.69 32.00 -51.68
CA THR A 380 -8.04 32.85 -50.55
C THR A 380 -7.18 32.51 -49.34
N TRP A 381 -7.06 31.22 -49.03
CA TRP A 381 -6.27 30.81 -47.89
C TRP A 381 -4.81 31.19 -48.09
N ARG A 382 -4.25 30.86 -49.26
CA ARG A 382 -2.87 31.27 -49.51
C ARG A 382 -2.72 32.76 -49.24
N ALA A 383 -3.68 33.57 -49.69
CA ALA A 383 -3.60 35.01 -49.47
C ALA A 383 -3.72 35.34 -48.00
N LEU A 384 -4.78 34.85 -47.38
CA LEU A 384 -4.94 34.98 -45.94
C LEU A 384 -3.72 34.47 -45.19
N CYS A 385 -3.19 33.31 -45.59
CA CYS A 385 -2.03 32.80 -44.86
C CYS A 385 -0.83 33.69 -45.08
N ARG A 386 -0.79 34.37 -46.22
CA ARG A 386 0.25 35.37 -46.44
C ARG A 386 0.09 36.52 -45.48
N VAL A 387 -1.10 37.10 -45.42
CA VAL A 387 -1.27 38.28 -44.60
C VAL A 387 -1.01 37.95 -43.13
N LEU A 388 -1.62 36.86 -42.62
CA LEU A 388 -1.41 36.49 -41.23
C LEU A 388 0.03 36.13 -40.94
N THR A 389 0.77 35.67 -41.95
CA THR A 389 2.19 35.39 -41.77
C THR A 389 3.01 36.67 -41.80
N LEU A 390 2.77 37.54 -42.80
CA LEU A 390 3.61 38.70 -43.05
C LEU A 390 3.35 39.80 -42.02
N CYS A 391 2.09 39.92 -41.60
CA CYS A 391 1.68 40.92 -40.62
C CYS A 391 1.73 40.28 -39.23
N ASN A 392 2.95 40.07 -38.75
CA ASN A 392 3.23 39.42 -37.48
C ASN A 392 4.71 39.65 -37.17
N ARG A 393 5.03 40.18 -36.00
CA ARG A 393 6.43 40.44 -35.69
C ARG A 393 7.00 39.51 -34.62
N ALA A 394 6.21 38.53 -34.14
CA ALA A 394 6.67 37.58 -33.14
C ALA A 394 7.78 36.68 -33.71
N ALA A 395 8.50 36.01 -32.80
CA ALA A 395 9.72 35.31 -33.19
C ALA A 395 10.07 34.21 -32.19
N PHE A 396 10.30 33.00 -32.69
CA PHE A 396 10.77 31.90 -31.84
C PHE A 396 12.17 32.16 -31.32
N LYS A 397 12.37 31.97 -30.02
CA LYS A 397 13.72 31.94 -29.49
C LYS A 397 14.49 30.81 -30.13
N SER A 398 15.82 30.89 -30.02
CA SER A 398 16.72 30.12 -30.90
C SER A 398 17.08 28.77 -30.32
N GLY A 399 17.25 27.81 -31.22
CA GLY A 399 17.65 26.48 -30.83
C GLY A 399 16.51 25.61 -30.36
N GLN A 400 15.34 25.72 -30.99
CA GLN A 400 14.18 24.95 -30.57
C GLN A 400 13.66 24.01 -31.66
N ASP A 401 14.46 23.67 -32.67
CA ASP A 401 13.98 22.73 -33.68
C ASP A 401 13.64 21.37 -33.09
N ALA A 402 14.22 21.03 -31.94
CA ALA A 402 13.87 19.78 -31.27
C ALA A 402 12.45 19.82 -30.75
N VAL A 403 12.16 20.84 -29.95
CA VAL A 403 10.95 20.91 -29.12
C VAL A 403 9.73 21.11 -30.02
N PRO A 404 8.61 20.45 -29.73
CA PRO A 404 7.43 20.60 -30.58
C PRO A 404 7.02 22.05 -30.70
N VAL A 405 6.38 22.36 -31.81
CA VAL A 405 6.02 23.75 -32.11
C VAL A 405 5.16 24.33 -30.99
N PRO A 406 4.03 23.73 -30.60
CA PRO A 406 3.28 24.30 -29.47
C PRO A 406 4.16 24.58 -28.27
N LYS A 407 5.15 23.71 -28.01
CA LYS A 407 6.05 23.85 -26.87
C LYS A 407 7.06 24.99 -27.06
N ARG A 408 7.42 25.32 -28.32
CA ARG A 408 8.41 26.38 -28.56
C ARG A 408 7.96 27.69 -27.92
N ILE A 409 8.93 28.44 -27.38
CA ILE A 409 8.66 29.71 -26.72
C ILE A 409 9.02 30.87 -27.63
N VAL A 410 8.09 31.84 -27.74
CA VAL A 410 8.11 32.94 -28.70
C VAL A 410 8.18 34.27 -27.98
N ILE A 411 8.96 35.19 -28.54
CA ILE A 411 8.97 36.59 -28.12
C ILE A 411 7.89 37.34 -28.89
N GLY A 412 6.89 37.85 -28.19
CA GLY A 412 5.82 38.57 -28.85
C GLY A 412 4.53 38.49 -28.07
N ASP A 413 3.52 39.14 -28.62
CA ASP A 413 2.23 39.34 -27.98
C ASP A 413 1.45 38.05 -27.88
N ALA A 414 0.35 38.11 -27.12
CA ALA A 414 -0.55 36.97 -27.05
C ALA A 414 -1.07 36.59 -28.42
N SER A 415 -1.84 37.49 -29.06
CA SER A 415 -2.46 37.15 -30.33
C SER A 415 -1.43 36.81 -31.38
N GLU A 416 -0.26 37.45 -31.32
CA GLU A 416 0.77 37.22 -32.33
C GLU A 416 1.51 35.89 -32.17
N THR A 417 1.73 35.39 -30.96
CA THR A 417 2.40 34.09 -30.85
C THR A 417 1.50 32.97 -31.33
N ALA A 418 0.19 33.09 -31.12
CA ALA A 418 -0.72 32.06 -31.62
C ALA A 418 -0.68 31.97 -33.13
N LEU A 419 -0.65 33.13 -33.79
CA LEU A 419 -0.55 33.18 -35.24
C LEU A 419 0.80 32.68 -35.74
N LEU A 420 1.83 32.76 -34.90
CA LEU A 420 3.18 32.39 -35.34
C LEU A 420 3.31 30.88 -35.40
N LYS A 421 2.98 30.20 -34.30
CA LYS A 421 2.94 28.75 -34.35
C LYS A 421 1.93 28.27 -35.38
N PHE A 422 0.85 29.03 -35.59
CA PHE A 422 -0.13 28.66 -36.60
C PHE A 422 0.48 28.67 -37.99
N SER A 423 1.11 29.79 -38.35
CA SER A 423 1.88 29.81 -39.59
C SER A 423 2.93 28.71 -39.61
N GLU A 424 3.66 28.54 -38.50
CA GLU A 424 4.79 27.60 -38.47
C GLU A 424 4.32 26.15 -38.57
N LEU A 425 3.11 25.84 -38.10
CA LEU A 425 2.58 24.48 -38.15
C LEU A 425 1.97 24.14 -39.49
N THR A 426 1.38 25.12 -40.17
CA THR A 426 0.68 24.88 -41.43
C THR A 426 1.51 25.31 -42.64
N LEU A 427 1.93 26.58 -42.66
CA LEU A 427 2.81 27.04 -43.73
C LEU A 427 4.21 26.46 -43.58
N GLY A 428 4.67 26.26 -42.35
CA GLY A 428 6.01 25.75 -42.12
C GLY A 428 7.10 26.80 -42.32
N ASN A 429 8.11 26.77 -41.45
CA ASN A 429 9.19 27.76 -41.46
C ASN A 429 8.64 29.18 -41.63
N ALA A 430 7.89 29.60 -40.60
CA ALA A 430 7.13 30.85 -40.69
C ALA A 430 8.03 32.05 -40.78
N MET A 431 9.04 32.12 -39.90
CA MET A 431 9.91 33.29 -39.93
C MET A 431 10.73 33.34 -41.21
N GLY A 432 11.01 32.19 -41.84
CA GLY A 432 11.75 32.22 -43.08
C GLY A 432 10.94 32.79 -44.22
N TYR A 433 9.71 32.29 -44.40
CA TYR A 433 8.81 32.83 -45.40
C TYR A 433 8.69 34.33 -45.22
N ARG A 434 8.52 34.76 -43.97
CA ARG A 434 8.34 36.17 -43.67
C ARG A 434 9.50 37.01 -44.20
N GLU A 435 10.71 36.45 -44.21
CA GLU A 435 11.87 37.21 -44.65
C GLU A 435 11.89 37.40 -46.16
N ARG A 436 11.29 36.48 -46.93
CA ARG A 436 11.36 36.56 -48.38
C ARG A 436 10.59 37.75 -48.94
N PHE A 437 9.70 38.32 -48.15
CA PHE A 437 8.88 39.50 -48.49
C PHE A 437 9.31 40.69 -47.65
N PRO A 438 10.47 41.28 -47.92
CA PRO A 438 10.97 42.38 -47.09
C PRO A 438 9.94 43.42 -46.75
N LYS A 439 10.03 43.91 -45.52
CA LYS A 439 9.11 44.89 -44.98
C LYS A 439 9.68 46.28 -45.25
N VAL A 440 8.91 47.12 -45.93
CA VAL A 440 9.32 48.49 -46.20
C VAL A 440 8.59 49.50 -45.31
N CYS A 441 7.45 49.12 -44.74
CA CYS A 441 6.72 49.99 -43.82
C CYS A 441 6.08 49.08 -42.78
N GLU A 442 5.80 49.65 -41.60
CA GLU A 442 5.08 48.93 -40.56
C GLU A 442 4.48 49.93 -39.59
N ILE A 443 3.24 49.68 -39.18
CA ILE A 443 2.57 50.41 -38.11
C ILE A 443 2.16 49.38 -37.05
N PRO A 444 2.51 49.56 -35.78
CA PRO A 444 2.01 48.67 -34.74
C PRO A 444 0.65 49.14 -34.22
N PHE A 445 -0.01 48.25 -33.47
CA PHE A 445 -1.38 48.51 -33.05
C PHE A 445 -1.39 49.70 -32.09
N ASN A 446 -2.13 50.74 -32.46
CA ASN A 446 -2.40 51.87 -31.59
C ASN A 446 -3.88 52.17 -31.65
N SER A 447 -4.36 52.96 -30.70
CA SER A 447 -5.75 53.41 -30.77
C SER A 447 -5.95 54.52 -31.80
N THR A 448 -4.86 55.14 -32.27
CA THR A 448 -4.95 56.21 -33.25
C THR A 448 -5.59 55.73 -34.55
N ASN A 449 -5.27 54.52 -34.97
CA ASN A 449 -5.86 53.90 -36.15
C ASN A 449 -6.55 52.58 -35.86
N LYS A 450 -6.17 51.92 -34.77
CA LYS A 450 -6.84 50.73 -34.27
C LYS A 450 -6.62 49.52 -35.18
N PHE A 451 -5.38 49.38 -35.68
CA PHE A 451 -4.98 48.24 -36.50
C PHE A 451 -3.46 48.20 -36.60
N GLN A 452 -2.95 47.08 -37.11
CA GLN A 452 -1.54 46.93 -37.44
C GLN A 452 -1.35 46.64 -38.93
N LEU A 453 -0.30 47.24 -39.52
CA LEU A 453 -0.20 47.34 -40.97
C LEU A 453 1.27 47.34 -41.39
N SER A 454 1.59 46.64 -42.49
CA SER A 454 2.96 46.65 -43.01
C SER A 454 2.96 46.43 -44.53
N ILE A 455 3.83 47.17 -45.24
CA ILE A 455 3.87 47.15 -46.70
C ILE A 455 5.16 46.47 -47.15
N HIS A 456 5.10 45.71 -48.25
CA HIS A 456 6.16 44.75 -48.58
C HIS A 456 6.53 44.74 -50.06
N THR A 457 7.82 44.55 -50.34
CA THR A 457 8.22 44.19 -51.69
C THR A 457 8.02 42.69 -51.89
N LEU A 458 7.57 42.29 -53.07
CA LEU A 458 7.20 40.90 -53.23
C LEU A 458 8.44 40.06 -53.44
N GLU A 459 8.20 38.82 -53.85
CA GLU A 459 9.25 37.80 -53.85
C GLU A 459 10.02 37.77 -55.15
N ASP A 460 9.35 37.79 -56.27
CA ASP A 460 10.14 37.79 -57.49
C ASP A 460 10.43 39.22 -57.92
N PRO A 461 11.50 39.42 -58.68
CA PRO A 461 11.81 40.76 -59.19
C PRO A 461 10.93 41.17 -60.37
N ARG A 462 10.31 40.20 -61.06
CA ARG A 462 9.38 40.53 -62.14
C ARG A 462 8.10 41.20 -61.64
N ASP A 463 7.96 41.33 -60.32
CA ASP A 463 6.83 42.00 -59.69
C ASP A 463 7.38 43.14 -58.83
N PRO A 464 7.59 44.32 -59.40
CA PRO A 464 8.20 45.42 -58.63
C PRO A 464 7.24 46.19 -57.73
N ARG A 465 6.02 45.69 -57.56
CA ARG A 465 5.01 46.40 -56.79
C ARG A 465 5.03 45.91 -55.34
N HIS A 466 4.16 46.50 -54.50
CA HIS A 466 4.15 46.30 -53.06
C HIS A 466 2.85 45.71 -52.54
N VAL A 467 2.94 44.96 -51.43
CA VAL A 467 1.78 44.39 -50.71
C VAL A 467 1.64 45.07 -49.37
N LEU A 468 0.53 45.77 -49.17
CA LEU A 468 0.11 46.21 -47.86
C LEU A 468 -0.68 45.06 -47.22
N VAL A 469 -0.37 44.78 -45.95
CA VAL A 469 -1.10 43.78 -45.18
C VAL A 469 -1.49 44.35 -43.82
N MET A 470 -2.74 44.13 -43.43
CA MET A 470 -3.28 44.78 -42.24
C MET A 470 -4.09 43.78 -41.43
N LYS A 471 -4.11 43.97 -40.10
CA LYS A 471 -4.94 43.13 -39.25
C LYS A 471 -5.40 43.94 -38.03
N GLY A 472 -6.58 43.60 -37.53
CA GLY A 472 -7.04 44.18 -36.29
C GLY A 472 -8.44 43.71 -35.99
N ALA A 473 -9.08 44.43 -35.06
CA ALA A 473 -10.44 44.13 -34.70
C ALA A 473 -11.28 44.02 -35.97
N PRO A 474 -12.17 43.03 -36.07
CA PRO A 474 -12.87 42.79 -37.36
C PRO A 474 -13.66 43.97 -37.92
N GLU A 475 -14.48 44.65 -37.10
CA GLU A 475 -15.18 45.83 -37.61
C GLU A 475 -14.20 46.91 -38.07
N ARG A 476 -13.18 47.21 -37.25
CA ARG A 476 -12.18 48.20 -37.62
C ARG A 476 -11.39 47.81 -38.87
N VAL A 477 -11.56 46.60 -39.40
CA VAL A 477 -10.93 46.27 -40.66
C VAL A 477 -12.00 46.37 -41.73
N LEU A 478 -13.24 46.15 -41.34
CA LEU A 478 -14.32 46.16 -42.33
C LEU A 478 -14.55 47.57 -42.86
N GLU A 479 -14.52 48.57 -41.97
CA GLU A 479 -14.67 49.95 -42.38
C GLU A 479 -13.56 50.41 -43.33
N ARG A 480 -12.52 49.61 -43.53
CA ARG A 480 -11.39 50.02 -44.36
C ARG A 480 -11.18 49.09 -45.55
N CYS A 481 -12.12 48.19 -45.79
CA CYS A 481 -12.10 47.33 -46.97
C CYS A 481 -13.23 47.72 -47.90
N SER A 482 -12.95 47.59 -49.17
CA SER A 482 -13.93 47.71 -50.24
C SER A 482 -14.05 46.39 -51.01
N SER A 483 -13.29 45.38 -50.64
CA SER A 483 -13.12 44.22 -51.47
C SER A 483 -12.89 43.00 -50.58
N ILE A 484 -13.43 41.87 -51.00
CA ILE A 484 -13.27 40.62 -50.25
C ILE A 484 -12.82 39.53 -51.22
N LEU A 485 -11.77 38.80 -50.86
CA LEU A 485 -11.38 37.62 -51.63
C LEU A 485 -12.40 36.52 -51.39
N ILE A 486 -12.91 35.95 -52.49
CA ILE A 486 -13.85 34.83 -52.41
C ILE A 486 -13.59 33.89 -53.57
N LYS A 487 -12.98 32.73 -53.32
CA LYS A 487 -13.05 31.62 -54.29
C LYS A 487 -12.29 31.90 -55.58
N GLY A 488 -11.14 32.57 -55.48
CA GLY A 488 -10.34 32.87 -56.65
C GLY A 488 -10.72 34.12 -57.39
N GLN A 489 -11.74 34.83 -56.93
CA GLN A 489 -12.10 36.15 -57.44
C GLN A 489 -12.05 37.15 -56.31
N GLU A 490 -12.05 38.43 -56.66
CA GLU A 490 -11.98 39.50 -55.66
C GLU A 490 -13.25 40.32 -55.81
N LEU A 491 -14.28 39.93 -55.08
CA LEU A 491 -15.62 40.45 -55.23
C LEU A 491 -15.81 41.75 -54.45
N PRO A 492 -16.89 42.49 -54.76
CA PRO A 492 -17.14 43.76 -54.06
C PRO A 492 -17.92 43.58 -52.77
N LEU A 493 -17.58 44.40 -51.77
CA LEU A 493 -18.18 44.29 -50.44
C LEU A 493 -19.62 44.80 -50.40
N ASP A 494 -20.49 44.09 -51.09
CA ASP A 494 -21.89 44.43 -51.04
C ASP A 494 -22.46 44.09 -49.65
N GLU A 495 -23.73 44.44 -49.46
CA GLU A 495 -24.37 44.24 -48.16
C GLU A 495 -24.50 42.78 -47.79
N GLN A 496 -24.55 41.85 -48.76
CA GLN A 496 -24.62 40.43 -48.41
C GLN A 496 -23.42 40.05 -47.54
N TRP A 497 -22.24 40.53 -47.92
CA TRP A 497 -21.02 40.21 -47.20
C TRP A 497 -20.90 40.99 -45.90
N ARG A 498 -21.27 42.28 -45.90
CA ARG A 498 -21.27 43.03 -44.65
C ARG A 498 -22.22 42.44 -43.62
N GLU A 499 -23.11 41.52 -44.03
CA GLU A 499 -23.91 40.74 -43.11
C GLU A 499 -23.35 39.35 -42.86
N ALA A 500 -22.81 38.69 -43.89
CA ALA A 500 -22.10 37.42 -43.70
C ALA A 500 -20.92 37.58 -42.74
N PHE A 501 -20.15 38.65 -42.90
CA PHE A 501 -19.10 38.96 -41.96
C PHE A 501 -19.66 39.11 -40.55
N GLN A 502 -20.69 39.96 -40.39
CA GLN A 502 -21.22 40.23 -39.05
C GLN A 502 -21.71 38.96 -38.37
N THR A 503 -22.44 38.10 -39.11
CA THR A 503 -22.93 36.87 -38.47
C THR A 503 -21.79 35.91 -38.14
N ALA A 504 -20.71 35.94 -38.94
CA ALA A 504 -19.53 35.12 -38.62
C ALA A 504 -18.78 35.69 -37.41
N TYR A 505 -18.52 37.00 -37.41
CA TYR A 505 -17.87 37.66 -36.28
C TYR A 505 -18.63 37.38 -34.99
N LEU A 506 -19.96 37.29 -35.04
CA LEU A 506 -20.72 37.03 -33.83
C LEU A 506 -20.82 35.55 -33.52
N SER A 507 -20.91 34.69 -34.54
CA SER A 507 -20.93 33.26 -34.30
C SER A 507 -19.65 32.79 -33.62
N LEU A 508 -18.52 33.38 -34.00
CA LEU A 508 -17.24 33.12 -33.35
C LEU A 508 -17.05 33.96 -32.09
N GLY A 509 -17.95 34.90 -31.82
CA GLY A 509 -17.90 35.66 -30.59
C GLY A 509 -18.49 34.91 -29.42
N GLY A 510 -19.64 34.27 -29.63
CA GLY A 510 -20.31 33.56 -28.55
C GLY A 510 -19.62 32.30 -28.08
N LEU A 511 -18.71 31.74 -28.87
CA LEU A 511 -17.89 30.62 -28.41
C LEU A 511 -16.83 31.05 -27.41
N GLY A 512 -16.74 32.32 -27.07
CA GLY A 512 -15.73 32.80 -26.15
C GLY A 512 -14.36 32.97 -26.76
N GLU A 513 -14.28 33.46 -28.00
CA GLU A 513 -13.03 33.50 -28.74
C GLU A 513 -12.66 34.93 -29.13
N ARG A 514 -11.36 35.20 -29.15
CA ARG A 514 -10.82 36.44 -29.70
C ARG A 514 -10.70 36.30 -31.21
N VAL A 515 -11.29 37.24 -31.94
CA VAL A 515 -11.45 37.16 -33.38
C VAL A 515 -10.73 38.35 -33.99
N LEU A 516 -9.97 38.10 -35.06
CA LEU A 516 -9.26 39.17 -35.76
C LEU A 516 -9.60 39.13 -37.24
N GLY A 517 -9.74 40.31 -37.85
CA GLY A 517 -9.83 40.43 -39.29
C GLY A 517 -8.48 40.70 -39.93
N PHE A 518 -8.26 40.11 -41.11
CA PHE A 518 -7.06 40.35 -41.91
C PHE A 518 -7.45 40.86 -43.29
N CYS A 519 -6.55 41.59 -43.94
CA CYS A 519 -6.85 42.20 -45.24
C CYS A 519 -5.54 42.57 -45.92
N GLN A 520 -5.65 43.08 -47.16
CA GLN A 520 -4.46 43.36 -47.97
C GLN A 520 -4.79 44.36 -49.06
N LEU A 521 -3.78 44.69 -49.87
CA LEU A 521 -3.91 45.46 -51.10
C LEU A 521 -2.60 45.42 -51.87
N TYR A 522 -2.66 45.39 -53.19
CA TYR A 522 -1.44 45.36 -53.99
C TYR A 522 -1.24 46.73 -54.63
N LEU A 523 -0.30 47.48 -54.07
CA LEU A 523 -0.06 48.85 -54.52
C LEU A 523 0.62 48.84 -55.90
N SER A 524 0.10 49.66 -56.81
CA SER A 524 0.54 49.63 -58.19
C SER A 524 2.06 49.85 -58.29
N GLU A 525 2.67 49.30 -59.35
CA GLU A 525 4.10 49.48 -59.54
C GLU A 525 4.41 50.85 -60.13
N LYS A 526 3.39 51.57 -60.61
CA LYS A 526 3.59 52.92 -61.15
C LYS A 526 3.56 53.97 -60.04
N ASP A 527 2.47 54.01 -59.26
CA ASP A 527 2.36 54.94 -58.15
C ASP A 527 3.42 54.66 -57.09
N TYR A 528 3.80 53.39 -56.93
CA TYR A 528 4.70 52.95 -55.87
C TYR A 528 5.82 52.16 -56.52
N PRO A 529 6.80 52.84 -57.09
CA PRO A 529 7.89 52.18 -57.79
C PRO A 529 8.96 51.75 -56.81
N PRO A 530 9.73 50.72 -57.14
CA PRO A 530 10.77 50.25 -56.21
C PRO A 530 11.57 51.40 -55.62
N GLY A 531 11.45 51.56 -54.31
CA GLY A 531 12.15 52.59 -53.58
C GLY A 531 11.25 53.68 -53.04
N TYR A 532 9.97 53.66 -53.41
CA TYR A 532 8.99 54.61 -52.90
C TYR A 532 9.05 54.79 -51.40
N ALA A 533 9.12 56.05 -50.97
CA ALA A 533 9.42 56.40 -49.57
C ALA A 533 8.14 56.54 -48.77
N PHE A 534 7.62 55.42 -48.26
CA PHE A 534 6.37 55.45 -47.53
C PHE A 534 6.51 56.26 -46.25
N ASP A 535 5.38 56.68 -45.71
CA ASP A 535 5.39 57.54 -44.56
C ASP A 535 4.13 57.29 -43.77
N VAL A 536 4.30 57.15 -42.47
CA VAL A 536 3.17 56.87 -41.61
C VAL A 536 2.46 58.15 -41.20
N GLU A 537 3.22 59.13 -40.72
CA GLU A 537 2.61 60.34 -40.18
C GLU A 537 1.66 60.96 -41.18
N ALA A 538 2.15 61.21 -42.39
CA ALA A 538 1.28 61.62 -43.47
C ALA A 538 1.01 60.40 -44.32
N MET A 539 -0.25 59.96 -44.37
CA MET A 539 -0.58 58.71 -45.04
C MET A 539 -0.40 58.90 -46.53
N ASN A 540 0.73 58.45 -47.10
CA ASN A 540 0.91 58.44 -48.54
C ASN A 540 0.63 57.08 -49.17
N PHE A 541 -0.17 56.27 -48.51
CA PHE A 541 -0.64 55.00 -49.06
C PHE A 541 -2.04 54.79 -48.50
N PRO A 542 -2.82 53.89 -49.11
CA PRO A 542 -4.21 53.72 -48.67
C PRO A 542 -4.35 53.03 -47.30
N THR A 543 -5.34 53.48 -46.54
CA THR A 543 -5.79 52.80 -45.35
C THR A 543 -7.26 52.41 -45.41
N SER A 544 -7.92 52.65 -46.54
CA SER A 544 -9.28 52.20 -46.81
C SER A 544 -9.30 51.62 -48.22
N GLY A 545 -10.46 51.10 -48.64
CA GLY A 545 -10.51 50.44 -49.92
C GLY A 545 -9.71 49.16 -50.02
N LEU A 546 -9.28 48.61 -48.87
CA LEU A 546 -8.43 47.43 -48.86
C LEU A 546 -9.24 46.18 -49.16
N CYS A 547 -8.53 45.10 -49.46
CA CYS A 547 -9.15 43.84 -49.86
C CYS A 547 -9.22 42.89 -48.68
N PHE A 548 -10.43 42.55 -48.24
CA PHE A 548 -10.59 41.73 -47.06
C PHE A 548 -10.27 40.26 -47.32
N ALA A 549 -9.38 39.70 -46.50
CA ALA A 549 -8.95 38.31 -46.60
C ALA A 549 -9.82 37.39 -45.78
N GLY A 550 -9.95 37.66 -44.49
CA GLY A 550 -10.79 36.83 -43.68
C GLY A 550 -10.57 37.02 -42.20
N LEU A 551 -11.38 36.27 -41.45
CA LEU A 551 -11.30 36.27 -40.01
C LEU A 551 -10.46 35.10 -39.54
N VAL A 552 -9.71 35.31 -38.47
CA VAL A 552 -9.01 34.25 -37.75
C VAL A 552 -9.34 34.44 -36.28
N SER A 553 -9.60 33.32 -35.59
CA SER A 553 -10.09 33.41 -34.23
C SER A 553 -9.43 32.31 -33.39
N MET A 554 -9.11 32.66 -32.14
CA MET A 554 -8.30 31.84 -31.28
C MET A 554 -9.00 31.68 -29.94
N ILE A 555 -8.71 30.57 -29.24
CA ILE A 555 -9.29 30.23 -27.95
C ILE A 555 -8.22 29.51 -27.15
N ASP A 556 -8.50 29.31 -25.86
CA ASP A 556 -7.66 28.51 -24.96
C ASP A 556 -8.12 27.05 -24.97
N PRO A 557 -7.47 26.20 -25.74
CA PRO A 557 -8.11 24.97 -26.20
C PRO A 557 -7.82 23.79 -25.30
N PRO A 558 -8.70 22.78 -25.28
CA PRO A 558 -8.47 21.62 -24.39
C PRO A 558 -7.12 20.97 -24.66
N ARG A 559 -6.58 20.33 -23.63
CA ARG A 559 -5.47 19.40 -23.84
C ARG A 559 -5.95 18.18 -24.64
N ALA A 560 -5.10 17.74 -25.59
CA ALA A 560 -5.54 16.76 -26.59
C ALA A 560 -6.14 15.51 -25.95
N THR A 561 -5.42 14.91 -25.01
CA THR A 561 -5.87 13.67 -24.38
C THR A 561 -6.97 13.87 -23.32
N VAL A 562 -7.50 15.08 -23.14
CA VAL A 562 -8.43 15.42 -22.06
C VAL A 562 -9.84 14.94 -22.38
N PRO A 563 -10.47 15.35 -23.49
CA PRO A 563 -11.89 14.98 -23.65
C PRO A 563 -12.10 13.49 -23.57
N ASP A 564 -11.20 12.69 -24.15
CA ASP A 564 -11.32 11.24 -24.03
C ASP A 564 -11.19 10.79 -22.58
N ALA A 565 -10.30 11.42 -21.80
CA ALA A 565 -10.15 11.07 -20.39
C ALA A 565 -11.42 11.37 -19.60
N VAL A 566 -12.06 12.50 -19.89
CA VAL A 566 -13.34 12.78 -19.24
C VAL A 566 -14.39 11.77 -19.66
N LEU A 567 -14.34 11.30 -20.90
CA LEU A 567 -15.33 10.34 -21.34
C LEU A 567 -15.08 8.98 -20.68
N LYS A 568 -13.80 8.64 -20.42
CA LYS A 568 -13.50 7.34 -19.82
C LYS A 568 -13.80 7.35 -18.32
N CYS A 569 -13.69 8.52 -17.69
CA CYS A 569 -14.02 8.61 -16.27
C CYS A 569 -15.51 8.54 -16.07
N ARG A 570 -16.25 9.28 -16.89
CA ARG A 570 -17.69 9.33 -16.72
C ARG A 570 -18.31 7.98 -17.01
N THR A 571 -17.88 7.31 -18.09
CA THR A 571 -18.36 5.96 -18.30
C THR A 571 -18.08 5.08 -17.09
N ALA A 572 -17.02 5.38 -16.35
CA ALA A 572 -16.69 4.62 -15.16
C ALA A 572 -17.46 5.11 -13.93
N GLY A 573 -18.54 5.85 -14.11
CA GLY A 573 -19.39 6.24 -13.00
C GLY A 573 -18.89 7.38 -12.13
N ILE A 574 -17.76 7.98 -12.44
CA ILE A 574 -17.27 9.11 -11.66
C ILE A 574 -18.02 10.36 -12.12
N ARG A 575 -18.40 11.21 -11.17
CA ARG A 575 -18.99 12.50 -11.52
C ARG A 575 -17.85 13.50 -11.71
N VAL A 576 -17.97 14.33 -12.74
CA VAL A 576 -17.01 15.40 -12.98
C VAL A 576 -17.69 16.75 -12.71
N ILE A 577 -16.97 17.62 -11.99
CA ILE A 577 -17.38 19.00 -11.77
C ILE A 577 -16.27 19.92 -12.21
N MET A 578 -16.64 20.96 -12.92
CA MET A 578 -15.67 21.95 -13.27
C MET A 578 -15.63 22.95 -12.13
N VAL A 579 -14.44 23.42 -11.82
CA VAL A 579 -14.27 24.53 -10.89
C VAL A 579 -13.19 25.42 -11.50
N THR A 580 -13.57 26.61 -12.01
CA THR A 580 -12.61 27.54 -12.60
C THR A 580 -12.90 28.95 -12.09
N GLY A 581 -11.86 29.74 -11.89
CA GLY A 581 -12.05 31.14 -11.60
C GLY A 581 -12.34 31.98 -12.81
N ASP A 582 -12.57 31.34 -13.96
CA ASP A 582 -12.74 32.05 -15.24
C ASP A 582 -14.21 32.40 -15.48
N HIS A 583 -14.48 33.27 -16.45
CA HIS A 583 -15.82 33.80 -16.64
C HIS A 583 -16.75 32.76 -17.25
N PRO A 584 -18.03 32.73 -16.86
CA PRO A 584 -18.90 31.61 -17.19
C PRO A 584 -18.95 31.26 -18.67
N ILE A 585 -18.77 32.24 -19.56
CA ILE A 585 -18.94 31.99 -21.00
C ILE A 585 -17.94 30.94 -21.48
N THR A 586 -16.64 31.21 -21.29
CA THR A 586 -15.61 30.27 -21.70
C THR A 586 -15.57 29.05 -20.78
N ALA A 587 -15.85 29.26 -19.49
CA ALA A 587 -16.05 28.11 -18.61
C ALA A 587 -17.02 27.10 -19.23
N LYS A 588 -18.20 27.54 -19.67
CA LYS A 588 -19.16 26.61 -20.25
C LYS A 588 -18.74 26.12 -21.62
N ALA A 589 -18.05 26.95 -22.40
CA ALA A 589 -17.51 26.48 -23.67
C ALA A 589 -16.70 25.19 -23.47
N ILE A 590 -15.60 25.28 -22.72
CA ILE A 590 -14.72 24.12 -22.59
C ILE A 590 -15.46 22.96 -21.95
N ALA A 591 -16.34 23.24 -21.00
CA ALA A 591 -17.08 22.17 -20.35
C ALA A 591 -17.93 21.40 -21.37
N ALA A 592 -18.50 22.09 -22.34
CA ALA A 592 -19.13 21.37 -23.44
C ALA A 592 -18.09 20.57 -24.21
N SER A 593 -16.95 21.20 -24.54
CA SER A 593 -16.00 20.62 -25.48
C SER A 593 -15.41 19.32 -24.96
N VAL A 594 -15.16 19.22 -23.65
CA VAL A 594 -14.38 18.07 -23.17
C VAL A 594 -15.29 16.94 -22.67
N GLY A 595 -16.49 17.28 -22.24
CA GLY A 595 -17.41 16.23 -21.86
C GLY A 595 -18.03 16.44 -20.52
N ILE A 596 -17.72 17.56 -19.86
CA ILE A 596 -18.41 17.93 -18.62
C ILE A 596 -19.90 18.10 -18.89
N ILE A 597 -20.24 18.77 -20.00
CA ILE A 597 -21.62 19.13 -20.36
C ILE A 597 -21.92 18.44 -21.68
N SER A 598 -22.75 17.40 -21.60
CA SER A 598 -22.95 16.47 -22.71
C SER A 598 -23.51 17.20 -23.92
N GLU A 599 -23.21 16.68 -25.12
CA GLU A 599 -23.68 17.29 -26.37
C GLU A 599 -25.20 17.24 -26.38
N GLY A 600 -25.85 18.39 -26.26
CA GLY A 600 -27.29 18.43 -26.11
C GLY A 600 -27.85 18.52 -24.70
N SER A 601 -27.35 19.43 -23.87
CA SER A 601 -27.91 19.67 -22.55
C SER A 601 -27.84 21.16 -22.21
N GLU A 602 -28.81 21.62 -21.39
CA GLU A 602 -29.13 23.04 -21.25
C GLU A 602 -29.13 23.47 -19.80
N THR A 603 -28.71 24.72 -19.58
CA THR A 603 -29.04 25.43 -18.36
C THR A 603 -30.45 26.01 -18.46
N VAL A 604 -31.02 26.33 -17.31
CA VAL A 604 -32.25 27.12 -17.30
C VAL A 604 -32.11 28.42 -18.11
N GLU A 605 -30.89 28.98 -18.19
CA GLU A 605 -30.61 30.18 -19.00
C GLU A 605 -30.57 29.87 -20.49
N ASP A 606 -30.57 28.59 -20.85
CA ASP A 606 -30.68 28.17 -22.23
C ASP A 606 -32.09 27.77 -22.62
N ILE A 607 -32.84 27.18 -21.68
CA ILE A 607 -34.25 26.90 -21.96
C ILE A 607 -34.98 28.20 -22.29
N ALA A 608 -34.89 29.18 -21.38
CA ALA A 608 -35.54 30.46 -21.57
C ALA A 608 -35.20 31.11 -22.90
N ALA A 609 -34.15 30.65 -23.58
CA ALA A 609 -33.76 31.27 -24.83
C ALA A 609 -34.56 30.71 -26.00
N ARG A 610 -34.87 29.42 -25.98
CA ARG A 610 -35.71 28.81 -27.01
C ARG A 610 -37.14 28.58 -26.54
N LEU A 611 -37.34 28.17 -25.28
CA LEU A 611 -38.69 28.19 -24.74
C LEU A 611 -39.29 29.60 -24.67
N ARG A 612 -38.44 30.63 -24.72
CA ARG A 612 -38.88 32.02 -24.72
C ARG A 612 -39.78 32.31 -23.53
N VAL A 613 -39.51 31.67 -22.41
CA VAL A 613 -40.26 31.91 -21.19
C VAL A 613 -39.23 32.54 -20.27
N PRO A 614 -39.60 33.44 -19.36
CA PRO A 614 -38.60 33.98 -18.42
C PRO A 614 -37.93 32.86 -17.63
N VAL A 615 -36.64 33.04 -17.36
CA VAL A 615 -35.86 32.06 -16.62
C VAL A 615 -36.54 31.67 -15.31
N ASP A 616 -37.37 32.57 -14.77
CA ASP A 616 -38.10 32.26 -13.54
C ASP A 616 -39.13 31.17 -13.79
N GLN A 617 -39.87 31.28 -14.90
CA GLN A 617 -40.91 30.29 -15.18
C GLN A 617 -40.34 29.00 -15.74
N VAL A 618 -39.14 29.04 -16.34
CA VAL A 618 -38.45 27.82 -16.74
C VAL A 618 -38.31 26.90 -15.55
N ASN A 619 -38.50 25.60 -15.77
CA ASN A 619 -38.46 24.62 -14.70
C ASN A 619 -37.03 24.21 -14.37
N ARG A 620 -36.79 23.94 -13.07
CA ARG A 620 -35.43 23.62 -12.61
C ARG A 620 -35.06 22.16 -12.84
N LYS A 621 -36.01 21.23 -12.69
CA LYS A 621 -35.72 19.80 -12.91
C LYS A 621 -35.35 19.52 -14.35
N ASP A 622 -35.78 20.39 -15.26
CA ASP A 622 -35.58 20.13 -16.68
C ASP A 622 -34.17 20.46 -17.15
N ALA A 623 -33.44 21.30 -16.40
CA ALA A 623 -32.09 21.71 -16.78
C ALA A 623 -31.09 20.70 -16.24
N ARG A 624 -30.33 20.08 -17.14
CA ARG A 624 -29.33 19.10 -16.75
C ARG A 624 -28.05 19.80 -16.30
N ALA A 625 -27.51 20.67 -17.13
CA ALA A 625 -26.31 21.40 -16.76
C ALA A 625 -26.62 22.69 -16.01
N CYS A 626 -25.63 23.15 -15.25
CA CYS A 626 -25.76 24.39 -14.49
C CYS A 626 -24.42 25.10 -14.39
N VAL A 627 -24.36 26.35 -14.82
CA VAL A 627 -23.21 27.20 -14.54
C VAL A 627 -23.56 28.11 -13.38
N ILE A 628 -22.89 27.95 -12.25
CA ILE A 628 -23.01 28.87 -11.12
C ILE A 628 -21.72 29.69 -11.05
N ASN A 629 -21.86 31.01 -11.10
CA ASN A 629 -20.66 31.81 -11.00
C ASN A 629 -20.35 32.15 -9.54
N GLY A 630 -19.15 32.69 -9.34
CA GLY A 630 -18.66 32.90 -7.98
C GLY A 630 -19.53 33.83 -7.19
N MET A 631 -19.99 34.92 -7.80
CA MET A 631 -20.91 35.82 -7.12
C MET A 631 -22.16 35.08 -6.68
N GLN A 632 -22.78 34.33 -7.60
CA GLN A 632 -24.02 33.64 -7.28
C GLN A 632 -23.80 32.58 -6.20
N LEU A 633 -22.63 31.95 -6.14
CA LEU A 633 -22.41 30.90 -5.14
C LEU A 633 -22.25 31.47 -3.73
N LYS A 634 -21.98 32.78 -3.61
CA LYS A 634 -21.82 33.40 -2.29
C LYS A 634 -23.14 33.44 -1.53
N ASP A 635 -24.21 33.96 -2.17
CA ASP A 635 -25.50 34.09 -1.50
C ASP A 635 -26.21 32.74 -1.33
N MET A 636 -25.58 31.62 -1.68
CA MET A 636 -26.16 30.32 -1.43
C MET A 636 -25.63 29.79 -0.10
N ASP A 637 -26.02 28.56 0.24
CA ASP A 637 -25.58 27.93 1.49
C ASP A 637 -25.33 26.43 1.33
N PRO A 638 -24.78 25.73 2.33
CA PRO A 638 -24.60 24.28 2.20
C PRO A 638 -25.88 23.51 1.86
N SER A 639 -27.06 24.12 1.95
CA SER A 639 -28.31 23.46 1.56
C SER A 639 -28.77 23.83 0.15
N GLU A 640 -28.65 25.10 -0.23
CA GLU A 640 -28.91 25.47 -1.62
C GLU A 640 -27.82 24.99 -2.56
N LEU A 641 -26.66 24.60 -2.03
CA LEU A 641 -25.64 23.97 -2.86
C LEU A 641 -25.95 22.50 -3.10
N VAL A 642 -26.30 21.76 -2.06
CA VAL A 642 -26.56 20.32 -2.22
C VAL A 642 -27.76 20.09 -3.11
N GLU A 643 -28.82 20.89 -2.97
CA GLU A 643 -29.97 20.72 -3.84
C GLU A 643 -29.63 21.10 -5.27
N ALA A 644 -28.75 22.08 -5.47
CA ALA A 644 -28.27 22.37 -6.81
C ALA A 644 -27.43 21.22 -7.34
N LEU A 645 -26.67 20.58 -6.46
CA LEU A 645 -25.71 19.56 -6.84
C LEU A 645 -26.39 18.26 -7.23
N ARG A 646 -27.35 17.83 -6.44
CA ARG A 646 -28.03 16.59 -6.72
C ARG A 646 -29.19 16.78 -7.68
N THR A 647 -29.44 18.00 -8.14
CA THR A 647 -30.40 18.28 -9.22
C THR A 647 -29.74 18.31 -10.58
N HIS A 648 -28.72 19.16 -10.74
CA HIS A 648 -28.00 19.29 -11.99
C HIS A 648 -26.81 18.35 -11.93
N PRO A 649 -26.72 17.36 -12.82
CA PRO A 649 -25.61 16.42 -12.75
C PRO A 649 -24.36 16.94 -13.43
N GLU A 650 -24.53 17.79 -14.44
CA GLU A 650 -23.38 18.35 -15.13
C GLU A 650 -23.18 19.76 -14.62
N MET A 651 -22.52 19.87 -13.45
CA MET A 651 -22.34 21.15 -12.79
C MET A 651 -21.04 21.83 -13.21
N VAL A 652 -21.07 23.16 -13.27
CA VAL A 652 -19.92 23.98 -13.65
C VAL A 652 -19.81 25.18 -12.71
N PHE A 653 -18.59 25.47 -12.28
CA PHE A 653 -18.36 26.56 -11.35
C PHE A 653 -17.43 27.58 -12.00
N ALA A 654 -17.97 28.74 -12.32
CA ALA A 654 -17.18 29.85 -12.84
C ALA A 654 -16.92 30.87 -11.75
N ARG A 655 -15.89 31.69 -12.00
CA ARG A 655 -15.55 32.82 -11.15
C ARG A 655 -15.39 32.40 -9.68
N THR A 656 -14.84 31.20 -9.46
CA THR A 656 -14.72 30.66 -8.12
C THR A 656 -13.33 30.90 -7.52
N SER A 657 -13.32 31.23 -6.25
CA SER A 657 -12.12 31.65 -5.55
C SER A 657 -11.33 30.43 -5.10
N PRO A 658 -10.08 30.60 -4.62
CA PRO A 658 -9.41 29.42 -4.05
C PRO A 658 -10.28 28.77 -2.98
N GLN A 659 -10.98 29.59 -2.16
CA GLN A 659 -11.77 29.07 -1.04
C GLN A 659 -13.05 28.40 -1.52
N GLN A 660 -13.68 28.95 -2.56
CA GLN A 660 -14.90 28.31 -3.01
C GLN A 660 -14.63 26.92 -3.56
N LYS A 661 -13.45 26.69 -4.12
CA LYS A 661 -13.06 25.32 -4.47
C LYS A 661 -13.07 24.45 -3.22
N LEU A 662 -12.45 24.93 -2.16
CA LEU A 662 -12.45 24.19 -0.89
C LEU A 662 -13.88 23.86 -0.47
N VAL A 663 -14.79 24.81 -0.66
CA VAL A 663 -16.18 24.65 -0.23
C VAL A 663 -16.85 23.53 -0.99
N ILE A 664 -16.76 23.57 -2.32
CA ILE A 664 -17.35 22.53 -3.17
C ILE A 664 -16.89 21.15 -2.76
N VAL A 665 -15.58 20.88 -2.86
CA VAL A 665 -15.02 19.65 -2.30
C VAL A 665 -15.65 19.29 -0.97
N GLU A 666 -15.86 20.28 -0.08
CA GLU A 666 -16.38 19.95 1.25
C GLU A 666 -17.82 19.46 1.21
N SER A 667 -18.67 20.17 0.47
CA SER A 667 -20.06 19.73 0.37
C SER A 667 -20.14 18.30 -0.15
N CYS A 668 -19.47 18.05 -1.28
CA CYS A 668 -19.33 16.69 -1.80
C CYS A 668 -18.80 15.71 -0.75
N GLN A 669 -17.64 16.01 -0.17
CA GLN A 669 -17.13 15.10 0.84
C GLN A 669 -18.15 14.91 1.96
N ARG A 670 -18.81 16.00 2.40
CA ARG A 670 -19.79 15.87 3.49
C ARG A 670 -21.01 15.08 3.06
N LEU A 671 -21.33 15.07 1.77
CA LEU A 671 -22.34 14.15 1.24
C LEU A 671 -21.80 12.75 1.04
N GLY A 672 -20.66 12.40 1.62
CA GLY A 672 -20.14 11.05 1.47
C GLY A 672 -19.58 10.70 0.10
N ALA A 673 -18.69 11.52 -0.44
CA ALA A 673 -17.94 11.21 -1.66
C ALA A 673 -16.44 11.16 -1.40
N ILE A 674 -15.75 10.35 -2.19
CA ILE A 674 -14.29 10.41 -2.27
C ILE A 674 -13.96 11.30 -3.47
N VAL A 675 -13.48 12.50 -3.18
CA VAL A 675 -13.35 13.53 -4.19
C VAL A 675 -11.93 13.50 -4.72
N ALA A 676 -11.76 13.91 -5.97
CA ALA A 676 -10.41 14.07 -6.49
C ALA A 676 -10.31 15.44 -7.14
N VAL A 677 -9.42 16.24 -6.65
CA VAL A 677 -9.19 17.54 -7.24
C VAL A 677 -7.99 17.43 -8.16
N THR A 678 -8.09 18.13 -9.31
CA THR A 678 -7.13 17.99 -10.40
C THR A 678 -6.84 19.40 -10.91
N GLY A 679 -5.64 19.89 -10.60
CA GLY A 679 -5.38 21.31 -10.54
C GLY A 679 -3.99 21.61 -11.08
N ASP A 680 -3.74 22.92 -11.17
CA ASP A 680 -2.48 23.55 -11.64
C ASP A 680 -2.52 24.98 -11.10
N GLY A 681 -1.40 25.51 -10.66
CA GLY A 681 -1.41 26.89 -10.14
C GLY A 681 -1.77 26.96 -8.66
N VAL A 682 -1.84 28.16 -8.10
CA VAL A 682 -2.10 28.29 -6.65
C VAL A 682 -3.60 28.33 -6.36
N ASN A 683 -4.44 28.78 -7.29
CA ASN A 683 -5.87 28.83 -6.96
C ASN A 683 -6.42 27.43 -6.61
N ASP A 684 -5.62 26.36 -6.80
CA ASP A 684 -6.07 25.00 -6.52
C ASP A 684 -5.43 24.31 -5.30
N SER A 685 -4.32 24.81 -4.78
CA SER A 685 -3.73 24.18 -3.60
C SER A 685 -4.74 23.90 -2.48
N PRO A 686 -5.59 24.87 -2.00
CA PRO A 686 -6.54 24.54 -0.94
C PRO A 686 -7.40 23.37 -1.34
N ALA A 687 -8.15 23.53 -2.43
CA ALA A 687 -8.92 22.41 -2.96
C ALA A 687 -8.06 21.14 -3.06
N LEU A 688 -6.83 21.28 -3.56
CA LEU A 688 -6.01 20.08 -3.72
C LEU A 688 -5.67 19.44 -2.39
N LYS A 689 -5.61 20.23 -1.30
CA LYS A 689 -5.34 19.65 0.03
C LYS A 689 -6.57 18.99 0.65
N LYS A 690 -7.70 19.70 0.68
CA LYS A 690 -8.91 19.10 1.23
C LYS A 690 -9.34 17.84 0.48
N ALA A 691 -8.82 17.63 -0.72
CA ALA A 691 -9.28 16.53 -1.57
C ALA A 691 -8.80 15.20 -1.06
N ASP A 692 -9.60 14.15 -1.32
CA ASP A 692 -9.17 12.79 -0.97
C ASP A 692 -7.88 12.41 -1.65
N ILE A 693 -7.72 12.81 -2.91
CA ILE A 693 -6.45 12.75 -3.60
C ILE A 693 -6.38 14.01 -4.44
N GLY A 694 -5.33 14.81 -4.19
CA GLY A 694 -5.10 16.01 -4.95
C GLY A 694 -4.07 15.67 -6.00
N VAL A 695 -4.39 16.00 -7.26
CA VAL A 695 -3.60 15.64 -8.44
C VAL A 695 -3.18 16.91 -9.15
N ALA A 696 -1.88 17.21 -9.14
CA ALA A 696 -1.40 18.40 -9.83
C ALA A 696 -0.64 18.05 -11.11
N MET A 697 -0.66 18.98 -12.07
CA MET A 697 0.13 18.82 -13.29
C MET A 697 1.62 19.05 -13.02
N GLY A 698 2.44 18.17 -13.58
CA GLY A 698 3.87 18.21 -13.29
C GLY A 698 4.62 19.29 -14.02
N ILE A 699 4.09 19.79 -15.12
CA ILE A 699 4.76 20.79 -15.95
C ILE A 699 4.11 22.16 -15.83
N ALA A 700 2.79 22.24 -16.05
CA ALA A 700 2.13 23.53 -15.87
C ALA A 700 1.86 23.84 -14.41
N GLY A 701 2.00 22.87 -13.51
CA GLY A 701 1.58 23.08 -12.14
C GLY A 701 2.47 24.07 -11.41
N SER A 702 1.87 24.74 -10.42
CA SER A 702 2.66 25.60 -9.56
C SER A 702 3.19 24.82 -8.39
N ASP A 703 3.97 25.49 -7.55
CA ASP A 703 4.54 24.79 -6.41
C ASP A 703 3.51 24.53 -5.33
N ALA A 704 2.55 25.44 -5.11
CA ALA A 704 1.53 25.19 -4.08
C ALA A 704 0.57 24.08 -4.52
N ALA A 705 0.16 24.14 -5.78
CA ALA A 705 -0.61 23.04 -6.31
C ALA A 705 0.18 21.76 -6.24
N LYS A 706 1.49 21.83 -6.47
CA LYS A 706 2.23 20.58 -6.44
C LYS A 706 2.41 20.11 -5.00
N ASN A 707 2.64 21.05 -4.10
CA ASN A 707 2.95 20.69 -2.72
C ASN A 707 1.72 20.11 -2.03
N ALA A 708 0.53 20.63 -2.34
CA ALA A 708 -0.70 20.11 -1.73
C ALA A 708 -1.12 18.77 -2.31
N ALA A 709 -0.76 18.52 -3.56
CA ALA A 709 -1.15 17.33 -4.26
C ALA A 709 -0.48 16.09 -3.67
N ASP A 710 -1.18 14.96 -3.82
CA ASP A 710 -0.75 13.62 -3.44
C ASP A 710 -0.10 12.90 -4.60
N MET A 711 -0.34 13.38 -5.82
CA MET A 711 0.01 12.70 -7.07
C MET A 711 0.34 13.76 -8.12
N ILE A 712 1.33 13.46 -8.96
CA ILE A 712 1.85 14.40 -9.95
C ILE A 712 1.83 13.73 -11.31
N LEU A 713 1.54 14.49 -12.34
CA LEU A 713 1.58 14.03 -13.71
C LEU A 713 2.71 14.76 -14.41
N LEU A 714 3.80 14.04 -14.62
CA LEU A 714 5.04 14.66 -15.05
C LEU A 714 5.06 14.95 -16.54
N ASP A 715 4.32 14.20 -17.33
CA ASP A 715 4.14 14.59 -18.72
C ASP A 715 3.02 15.61 -18.87
N ASP A 716 2.22 15.81 -17.82
CA ASP A 716 0.96 16.57 -17.85
C ASP A 716 -0.08 15.89 -18.71
N ASN A 717 0.01 14.56 -18.84
CA ASN A 717 -0.93 13.75 -19.64
C ASN A 717 -2.15 13.44 -18.79
N PHE A 718 -3.20 14.22 -18.98
CA PHE A 718 -4.38 14.03 -18.16
C PHE A 718 -4.97 12.61 -18.26
N ALA A 719 -4.58 11.79 -19.25
CA ALA A 719 -5.12 10.44 -19.32
C ALA A 719 -4.56 9.51 -18.25
N SER A 720 -3.44 9.87 -17.60
CA SER A 720 -2.96 9.06 -16.49
C SER A 720 -4.05 8.88 -15.46
N ILE A 721 -4.92 9.87 -15.36
CA ILE A 721 -5.99 9.79 -14.38
C ILE A 721 -6.95 8.67 -14.69
N VAL A 722 -7.15 8.32 -15.96
CA VAL A 722 -7.97 7.15 -16.26
C VAL A 722 -7.27 5.86 -15.86
N THR A 723 -5.98 5.72 -16.18
CA THR A 723 -5.36 4.46 -15.79
C THR A 723 -5.16 4.40 -14.29
N GLY A 724 -5.20 5.56 -13.62
CA GLY A 724 -5.17 5.63 -12.16
C GLY A 724 -6.45 5.19 -11.46
N VAL A 725 -7.59 5.25 -12.15
CA VAL A 725 -8.78 4.61 -11.62
C VAL A 725 -8.64 3.10 -11.69
N GLU A 726 -8.25 2.56 -12.85
CA GLU A 726 -8.26 1.11 -13.02
C GLU A 726 -7.17 0.46 -12.19
N GLN A 727 -6.02 1.11 -12.04
CA GLN A 727 -5.04 0.54 -11.13
C GLN A 727 -5.56 0.59 -9.70
N GLY A 728 -6.15 1.72 -9.32
CA GLY A 728 -6.61 1.89 -7.95
C GLY A 728 -7.81 1.04 -7.59
N ARG A 729 -8.52 0.54 -8.60
CA ARG A 729 -9.63 -0.37 -8.36
C ARG A 729 -9.13 -1.79 -8.31
N LEU A 730 -8.25 -2.14 -9.24
CA LEU A 730 -7.70 -3.47 -9.28
C LEU A 730 -7.04 -3.85 -7.97
N ILE A 731 -6.12 -3.02 -7.48
CA ILE A 731 -5.40 -3.47 -6.30
C ILE A 731 -6.29 -3.41 -5.09
N PHE A 732 -7.38 -2.65 -5.13
CA PHE A 732 -8.35 -2.80 -4.07
C PHE A 732 -9.02 -4.16 -4.12
N ASP A 733 -9.23 -4.70 -5.31
CA ASP A 733 -9.66 -6.09 -5.40
C ASP A 733 -8.55 -7.05 -5.00
N ASN A 734 -7.38 -6.92 -5.63
CA ASN A 734 -6.16 -7.67 -5.27
C ASN A 734 -5.70 -7.47 -3.82
N LEU A 735 -6.33 -6.57 -3.05
CA LEU A 735 -6.09 -6.56 -1.62
C LEU A 735 -7.03 -7.50 -0.90
N LYS A 736 -8.33 -7.47 -1.21
CA LYS A 736 -9.14 -8.42 -0.48
C LYS A 736 -8.87 -9.82 -0.96
N LYS A 737 -8.39 -9.97 -2.20
CA LYS A 737 -7.85 -11.27 -2.61
C LYS A 737 -6.70 -11.66 -1.70
N SER A 738 -5.78 -10.73 -1.49
CA SER A 738 -4.56 -11.05 -0.78
C SER A 738 -4.81 -11.17 0.71
N ILE A 739 -5.72 -10.38 1.26
CA ILE A 739 -5.95 -10.48 2.70
C ILE A 739 -6.77 -11.72 3.02
N ALA A 740 -7.82 -12.00 2.25
CA ALA A 740 -8.60 -13.21 2.48
C ALA A 740 -7.70 -14.42 2.56
N TYR A 741 -6.63 -14.44 1.78
CA TYR A 741 -5.71 -15.57 1.80
C TYR A 741 -4.92 -15.63 3.10
N THR A 742 -4.29 -14.53 3.48
CA THR A 742 -3.51 -14.48 4.72
C THR A 742 -4.37 -14.57 5.97
N LEU A 743 -5.67 -14.29 5.90
CA LEU A 743 -6.44 -14.42 7.13
C LEU A 743 -6.69 -15.88 7.47
N THR A 744 -6.88 -16.73 6.47
CA THR A 744 -7.24 -18.10 6.82
C THR A 744 -6.07 -18.84 7.45
N SER A 745 -4.86 -18.28 7.46
CA SER A 745 -3.80 -18.97 8.16
C SER A 745 -3.87 -18.78 9.68
N ASN A 746 -4.74 -17.91 10.20
CA ASN A 746 -4.74 -17.72 11.65
C ASN A 746 -5.44 -18.82 12.41
N ILE A 747 -6.48 -19.43 11.85
CA ILE A 747 -7.22 -20.44 12.61
C ILE A 747 -6.55 -21.80 12.72
N PRO A 748 -5.91 -22.34 11.67
CA PRO A 748 -5.03 -23.48 11.90
C PRO A 748 -3.75 -23.11 12.62
N GLU A 749 -3.43 -21.83 12.78
CA GLU A 749 -2.38 -21.50 13.72
C GLU A 749 -2.86 -21.46 15.16
N LEU A 750 -4.15 -21.25 15.40
CA LEU A 750 -4.62 -20.97 16.73
C LEU A 750 -5.21 -22.19 17.42
N THR A 751 -6.11 -22.90 16.75
CA THR A 751 -6.66 -24.14 17.27
C THR A 751 -5.64 -25.09 17.92
N PRO A 752 -4.47 -25.42 17.32
CA PRO A 752 -3.52 -26.28 18.06
C PRO A 752 -3.24 -25.73 19.45
N TYR A 753 -2.97 -24.44 19.56
CA TYR A 753 -2.83 -23.85 20.88
C TYR A 753 -4.13 -23.91 21.66
N LEU A 754 -5.26 -23.59 21.03
CA LEU A 754 -6.54 -23.69 21.74
C LEU A 754 -6.77 -25.10 22.27
N ILE A 755 -6.43 -26.10 21.46
CA ILE A 755 -6.53 -27.50 21.91
C ILE A 755 -5.47 -27.80 22.96
N TYR A 756 -4.25 -27.35 22.71
CA TYR A 756 -3.14 -27.64 23.60
C TYR A 756 -3.38 -27.09 25.00
N ILE A 757 -4.18 -26.04 25.14
CA ILE A 757 -4.59 -25.66 26.49
C ILE A 757 -5.92 -26.29 26.86
N THR A 758 -6.78 -26.58 25.90
CA THR A 758 -8.12 -26.95 26.35
C THR A 758 -8.20 -28.43 26.73
N VAL A 759 -7.49 -29.31 26.02
CA VAL A 759 -7.50 -30.73 26.36
C VAL A 759 -6.12 -31.28 26.65
N SER A 760 -5.07 -30.48 26.57
CA SER A 760 -3.75 -30.87 27.06
C SER A 760 -3.19 -32.05 26.26
N VAL A 761 -3.22 -31.94 24.95
CA VAL A 761 -2.49 -32.86 24.10
C VAL A 761 -1.08 -32.31 23.94
N PRO A 762 -0.09 -33.10 23.55
CA PRO A 762 1.25 -32.53 23.33
C PRO A 762 1.22 -31.46 22.25
N LEU A 763 1.95 -30.35 22.49
CA LEU A 763 1.87 -29.14 21.66
C LEU A 763 2.08 -29.42 20.17
N PRO A 764 1.04 -29.25 19.35
CA PRO A 764 1.17 -29.68 17.95
C PRO A 764 1.83 -28.66 17.03
N LEU A 765 2.04 -27.41 17.46
CA LEU A 765 2.46 -26.33 16.58
C LEU A 765 3.18 -25.25 17.37
N GLY A 766 4.41 -24.95 17.01
CA GLY A 766 5.24 -24.01 17.76
C GLY A 766 5.30 -22.65 17.10
N CYS A 767 5.34 -21.60 17.89
CA CYS A 767 5.32 -20.32 17.19
C CYS A 767 6.70 -19.86 16.79
N ILE A 768 7.71 -20.72 16.71
CA ILE A 768 8.79 -20.41 15.77
C ILE A 768 8.36 -20.80 14.39
N THR A 769 7.49 -21.79 14.26
CA THR A 769 7.13 -22.21 12.91
C THR A 769 5.99 -21.36 12.38
N ILE A 770 5.06 -20.94 13.26
CA ILE A 770 4.07 -19.93 12.88
C ILE A 770 4.73 -18.71 12.27
N LEU A 771 5.79 -18.20 12.90
CA LEU A 771 6.58 -17.15 12.27
C LEU A 771 7.02 -17.57 10.88
N PHE A 772 7.56 -18.78 10.73
CA PHE A 772 8.04 -19.17 9.41
C PHE A 772 6.92 -19.11 8.38
N ILE A 773 5.71 -19.57 8.72
CA ILE A 773 4.61 -19.52 7.76
C ILE A 773 4.25 -18.08 7.45
N ASP A 774 3.87 -17.32 8.49
CA ASP A 774 3.36 -15.97 8.31
C ASP A 774 4.38 -15.05 7.66
N LEU A 775 5.67 -15.28 7.89
CA LEU A 775 6.69 -14.37 7.39
C LEU A 775 7.69 -14.98 6.43
N CYS A 776 7.59 -16.25 6.14
CA CYS A 776 8.58 -16.73 5.18
C CYS A 776 7.97 -17.48 4.04
N THR A 777 7.00 -18.34 4.30
CA THR A 777 6.50 -19.20 3.24
C THR A 777 5.25 -18.68 2.57
N ASP A 778 4.44 -17.89 3.28
CA ASP A 778 3.17 -17.45 2.72
C ASP A 778 3.20 -16.03 2.19
N ILE A 779 4.34 -15.34 2.29
CA ILE A 779 4.40 -13.96 1.83
C ILE A 779 4.28 -13.87 0.33
N PHE A 780 5.17 -14.55 -0.38
CA PHE A 780 5.17 -14.49 -1.84
C PHE A 780 3.81 -14.86 -2.42
N PRO A 781 3.14 -15.93 -2.00
CA PRO A 781 1.79 -16.18 -2.51
C PRO A 781 0.82 -15.02 -2.29
N SER A 782 0.81 -14.40 -1.11
CA SER A 782 -0.16 -13.34 -0.87
C SER A 782 0.09 -12.15 -1.79
N VAL A 783 1.35 -11.84 -2.05
CA VAL A 783 1.68 -10.76 -2.98
C VAL A 783 1.43 -11.16 -4.44
N SER A 784 1.43 -12.46 -4.76
CA SER A 784 1.04 -12.89 -6.11
C SER A 784 -0.30 -12.30 -6.52
N LEU A 785 -1.26 -12.29 -5.60
CA LEU A 785 -2.61 -11.85 -5.92
C LEU A 785 -2.64 -10.43 -6.44
N ALA A 786 -1.62 -9.63 -6.12
CA ALA A 786 -1.45 -8.29 -6.68
C ALA A 786 -1.48 -8.29 -8.21
N TYR A 787 -1.22 -9.44 -8.82
CA TYR A 787 -1.09 -9.58 -10.25
C TYR A 787 -2.30 -10.24 -10.90
N GLU A 788 -3.43 -10.26 -10.20
CA GLU A 788 -4.62 -10.83 -10.77
C GLU A 788 -5.25 -9.83 -11.71
N LYS A 789 -5.54 -10.27 -12.94
CA LYS A 789 -6.30 -9.43 -13.84
C LYS A 789 -7.69 -9.25 -13.25
N ALA A 790 -8.36 -8.20 -13.72
CA ALA A 790 -9.73 -7.99 -13.30
C ALA A 790 -10.56 -9.22 -13.67
N GLU A 791 -11.57 -9.49 -12.85
CA GLU A 791 -12.52 -10.55 -13.16
C GLU A 791 -13.78 -10.01 -13.83
N SER A 792 -13.85 -8.72 -14.07
CA SER A 792 -14.96 -8.16 -14.82
C SER A 792 -14.41 -7.08 -15.73
N ASP A 793 -15.32 -6.31 -16.32
CA ASP A 793 -14.95 -5.06 -16.99
C ASP A 793 -14.95 -3.97 -15.92
N ILE A 794 -13.85 -3.88 -15.16
CA ILE A 794 -13.85 -3.03 -13.97
C ILE A 794 -14.19 -1.60 -14.34
N MET A 795 -13.64 -1.11 -15.46
CA MET A 795 -13.76 0.29 -15.81
C MET A 795 -15.12 0.70 -16.34
N HIS A 796 -16.09 -0.21 -16.40
CA HIS A 796 -17.46 0.20 -16.62
C HIS A 796 -18.30 0.08 -15.35
N LEU A 797 -17.67 -0.04 -14.18
CA LEU A 797 -18.36 -0.17 -12.90
C LEU A 797 -18.44 1.16 -12.18
N ARG A 798 -19.54 1.34 -11.41
CA ARG A 798 -19.63 2.51 -10.55
C ARG A 798 -18.49 2.47 -9.51
N PRO A 799 -18.13 3.60 -8.93
CA PRO A 799 -17.21 3.55 -7.79
C PRO A 799 -17.84 2.83 -6.60
N ARG A 800 -16.98 2.22 -5.79
CA ARG A 800 -17.49 1.44 -4.66
C ARG A 800 -18.25 2.34 -3.70
N ASN A 801 -19.41 1.87 -3.23
CA ASN A 801 -20.17 2.58 -2.21
C ASN A 801 -19.44 2.46 -0.87
N PRO A 802 -18.87 3.55 -0.34
CA PRO A 802 -18.05 3.41 0.86
C PRO A 802 -18.80 2.85 2.05
N LYS A 803 -20.12 3.05 2.15
CA LYS A 803 -20.85 2.52 3.30
C LYS A 803 -21.10 1.03 3.15
N ARG A 804 -21.61 0.57 2.01
CA ARG A 804 -21.92 -0.85 1.87
C ARG A 804 -20.71 -1.68 1.51
N ASP A 805 -19.85 -1.21 0.62
CA ASP A 805 -18.76 -2.04 0.06
C ASP A 805 -17.44 -1.76 0.78
N ARG A 806 -17.07 -2.65 1.70
CA ARG A 806 -15.85 -2.47 2.47
C ARG A 806 -14.78 -3.47 2.04
N LEU A 807 -13.51 -3.05 2.20
CA LEU A 807 -12.39 -3.94 1.86
C LEU A 807 -12.55 -5.27 2.57
N VAL A 808 -12.79 -5.21 3.89
CA VAL A 808 -13.07 -6.37 4.73
C VAL A 808 -14.40 -6.17 5.46
N ASN A 809 -15.33 -7.11 5.29
CA ASN A 809 -16.61 -7.11 5.98
C ASN A 809 -16.74 -8.40 6.78
N GLU A 810 -17.77 -8.42 7.63
CA GLU A 810 -18.03 -9.59 8.47
C GLU A 810 -18.12 -10.90 7.70
N PRO A 811 -18.89 -11.01 6.62
CA PRO A 811 -18.87 -12.29 5.87
C PRO A 811 -17.50 -12.68 5.33
N LEU A 812 -16.66 -11.74 4.93
CA LEU A 812 -15.37 -12.12 4.34
C LEU A 812 -14.46 -12.72 5.40
N ALA A 813 -14.34 -12.05 6.54
CA ALA A 813 -13.53 -12.58 7.63
C ALA A 813 -14.13 -13.89 8.18
N ALA A 814 -15.42 -13.86 8.54
CA ALA A 814 -16.09 -15.09 8.99
C ALA A 814 -15.91 -16.24 7.99
N TYR A 815 -15.96 -15.96 6.70
CA TYR A 815 -15.76 -17.03 5.73
C TYR A 815 -14.39 -17.67 5.88
N SER A 816 -13.37 -16.87 6.22
CA SER A 816 -11.98 -17.31 6.26
C SER A 816 -11.63 -17.99 7.58
N TYR A 817 -12.20 -17.50 8.67
CA TYR A 817 -11.91 -18.06 9.97
C TYR A 817 -12.68 -19.36 10.15
N PHE A 818 -13.96 -19.32 9.85
CA PHE A 818 -14.88 -20.35 10.29
C PHE A 818 -15.12 -21.44 9.25
N GLN A 819 -14.78 -21.22 7.98
CA GLN A 819 -15.00 -22.24 6.96
C GLN A 819 -13.72 -22.67 6.26
N ILE A 820 -12.86 -21.75 5.86
CA ILE A 820 -11.56 -22.17 5.32
C ILE A 820 -10.58 -22.47 6.45
N GLY A 821 -10.54 -21.59 7.47
CA GLY A 821 -9.71 -21.86 8.63
C GLY A 821 -10.07 -23.16 9.33
N ALA A 822 -11.38 -23.48 9.39
CA ALA A 822 -11.86 -24.71 10.03
C ALA A 822 -11.35 -25.93 9.30
N ILE A 823 -11.28 -25.87 7.98
CA ILE A 823 -10.89 -27.05 7.24
C ILE A 823 -9.37 -27.23 7.26
N GLN A 824 -8.60 -26.16 7.45
CA GLN A 824 -7.15 -26.33 7.52
C GLN A 824 -6.73 -26.96 8.86
N SER A 825 -7.28 -26.46 9.96
CA SER A 825 -6.90 -26.99 11.27
C SER A 825 -7.27 -28.46 11.41
N PHE A 826 -8.30 -28.91 10.69
CA PHE A 826 -8.65 -30.33 10.65
C PHE A 826 -7.58 -31.15 9.92
N ALA A 827 -6.95 -30.57 8.89
CA ALA A 827 -5.89 -31.29 8.19
C ALA A 827 -4.57 -31.28 8.93
N GLY A 828 -4.44 -30.45 9.96
CA GLY A 828 -3.33 -30.58 10.88
C GLY A 828 -3.60 -31.70 11.85
N PHE A 829 -4.75 -31.63 12.54
CA PHE A 829 -5.02 -32.58 13.61
C PHE A 829 -4.92 -34.01 13.14
N THR A 830 -5.51 -34.34 12.00
CA THR A 830 -5.36 -35.69 11.48
C THR A 830 -3.88 -36.01 11.28
N ASP A 831 -3.21 -35.25 10.42
CA ASP A 831 -1.82 -35.55 10.14
C ASP A 831 -0.98 -35.54 11.43
N TYR A 832 -1.33 -34.71 12.40
CA TYR A 832 -0.71 -34.76 13.71
C TYR A 832 -1.06 -36.05 14.45
N PHE A 833 -2.37 -36.30 14.62
CA PHE A 833 -2.80 -37.49 15.33
C PHE A 833 -2.31 -38.77 14.67
N THR A 834 -1.99 -38.74 13.37
CA THR A 834 -1.40 -39.98 12.85
C THR A 834 0.08 -40.02 13.20
N ALA A 835 0.77 -38.89 13.01
CA ALA A 835 2.20 -38.88 13.32
C ALA A 835 2.44 -39.30 14.77
N MET A 836 1.55 -38.89 15.68
CA MET A 836 1.57 -39.41 17.03
C MET A 836 1.34 -40.91 17.03
N ALA A 837 0.15 -41.33 16.56
CA ALA A 837 -0.19 -42.74 16.65
C ALA A 837 0.77 -43.61 15.85
N GLN A 838 1.37 -43.07 14.80
CA GLN A 838 2.31 -43.87 14.00
C GLN A 838 3.60 -44.10 14.76
N GLU A 839 4.05 -43.08 15.50
CA GLU A 839 5.26 -43.15 16.30
C GLU A 839 5.01 -43.77 17.67
N GLY A 840 3.76 -43.86 18.09
CA GLY A 840 3.43 -44.64 19.26
C GLY A 840 2.32 -44.12 20.13
N TRP A 841 1.74 -42.97 19.82
CA TRP A 841 0.80 -42.35 20.75
C TRP A 841 -0.61 -42.40 20.20
N PHE A 842 -1.48 -43.16 20.85
CA PHE A 842 -2.84 -43.22 20.34
C PHE A 842 -3.61 -42.00 20.79
N PRO A 843 -4.52 -41.51 19.95
CA PRO A 843 -5.20 -40.23 20.21
C PRO A 843 -5.82 -40.12 21.59
N LEU A 844 -6.49 -41.17 22.05
CA LEU A 844 -7.15 -41.07 23.33
C LEU A 844 -6.12 -40.97 24.47
N LEU A 845 -4.88 -41.43 24.23
CA LEU A 845 -3.80 -41.25 25.18
C LEU A 845 -3.22 -39.83 25.12
N CYS A 846 -3.08 -39.28 23.91
CA CYS A 846 -2.67 -37.89 23.75
C CYS A 846 -3.59 -36.96 24.49
N VAL A 847 -4.76 -37.44 24.93
CA VAL A 847 -5.63 -36.59 25.74
C VAL A 847 -5.03 -36.48 27.13
N GLY A 848 -4.94 -35.26 27.64
CA GLY A 848 -4.34 -34.98 28.94
C GLY A 848 -2.91 -35.46 29.17
N LEU A 849 -2.20 -35.83 28.09
CA LEU A 849 -0.87 -36.39 28.26
C LEU A 849 0.17 -35.28 28.34
N ARG A 850 -0.23 -34.04 28.06
CA ARG A 850 0.69 -32.90 28.05
C ARG A 850 1.50 -32.76 29.32
N PRO A 851 0.89 -32.72 30.52
CA PRO A 851 1.68 -32.44 31.74
C PRO A 851 2.88 -33.34 31.89
N GLN A 852 2.70 -34.65 31.69
CA GLN A 852 3.83 -35.58 31.67
C GLN A 852 4.67 -35.40 30.41
N TRP A 853 4.05 -35.01 29.30
CA TRP A 853 4.79 -34.96 28.06
C TRP A 853 5.91 -33.94 28.16
N GLU A 854 5.56 -32.73 28.58
CA GLU A 854 6.53 -31.64 28.58
C GLU A 854 7.51 -31.73 29.74
N ASN A 855 7.35 -32.72 30.61
CA ASN A 855 8.09 -32.80 31.87
C ASN A 855 9.58 -33.12 31.66
N HIS A 856 10.46 -32.23 32.12
CA HIS A 856 11.90 -32.51 32.04
C HIS A 856 12.33 -33.56 33.04
N HIS A 857 11.57 -33.78 34.11
CA HIS A 857 12.00 -34.72 35.13
C HIS A 857 11.55 -36.15 34.87
N LEU A 858 10.68 -36.38 33.86
CA LEU A 858 10.29 -37.74 33.44
C LEU A 858 11.04 -38.09 32.18
N GLN A 859 12.19 -38.73 32.36
CA GLN A 859 13.02 -39.16 31.25
C GLN A 859 12.40 -40.40 30.64
N ASP A 860 11.69 -41.16 31.48
CA ASP A 860 11.03 -42.38 31.05
C ASP A 860 9.51 -42.17 31.04
N LEU A 861 8.93 -42.16 29.86
CA LEU A 861 7.50 -41.95 29.69
C LEU A 861 7.16 -42.98 28.66
N GLN A 862 6.09 -43.73 28.89
CA GLN A 862 5.80 -44.80 27.93
C GLN A 862 4.53 -44.50 27.14
N ASP A 863 4.55 -44.93 25.87
CA ASP A 863 3.55 -44.58 24.86
C ASP A 863 2.36 -45.53 24.95
N SER A 864 1.51 -45.55 23.92
CA SER A 864 0.38 -46.47 23.92
C SER A 864 0.83 -47.91 23.76
N TYR A 865 1.99 -48.15 23.12
CA TYR A 865 2.53 -49.51 23.12
C TYR A 865 3.23 -49.79 24.44
N GLY A 866 3.76 -48.76 25.09
CA GLY A 866 4.48 -48.91 26.34
C GLY A 866 5.98 -48.70 26.24
N GLN A 867 6.50 -48.33 25.07
CA GLN A 867 7.90 -47.97 24.99
C GLN A 867 8.11 -46.69 25.78
N GLU A 868 9.25 -46.61 26.47
CA GLU A 868 9.57 -45.49 27.35
C GLU A 868 10.44 -44.49 26.63
N TRP A 869 9.93 -43.28 26.46
CA TRP A 869 10.63 -42.24 25.72
C TRP A 869 11.29 -41.28 26.71
N THR A 870 12.42 -40.70 26.32
CA THR A 870 13.02 -39.59 27.07
C THR A 870 12.57 -38.23 26.54
N PHE A 871 12.94 -37.18 27.28
CA PHE A 871 12.35 -35.88 27.07
C PHE A 871 12.71 -35.33 25.69
N GLY A 872 14.01 -35.21 25.42
CA GLY A 872 14.47 -34.73 24.14
C GLY A 872 14.08 -35.62 22.98
N GLN A 873 13.78 -36.88 23.26
CA GLN A 873 13.24 -37.74 22.20
C GLN A 873 11.83 -37.32 21.85
N ARG A 874 10.95 -37.18 22.85
CA ARG A 874 9.61 -36.77 22.46
C ARG A 874 9.54 -35.29 22.13
N LEU A 875 10.52 -34.49 22.60
CA LEU A 875 10.74 -33.17 22.03
C LEU A 875 10.87 -33.26 20.51
N TYR A 876 11.77 -34.12 20.04
CA TYR A 876 11.85 -34.36 18.61
C TYR A 876 10.52 -34.83 18.05
N GLN A 877 9.76 -35.58 18.83
CA GLN A 877 8.47 -36.00 18.30
C GLN A 877 7.50 -34.84 18.26
N GLN A 878 7.53 -33.98 19.28
CA GLN A 878 6.70 -32.78 19.28
C GLN A 878 7.11 -31.82 18.17
N TYR A 879 8.42 -31.58 18.03
CA TYR A 879 8.93 -30.83 16.88
C TYR A 879 8.43 -31.46 15.60
N THR A 880 8.41 -32.78 15.51
CA THR A 880 7.78 -33.40 14.35
C THR A 880 6.31 -33.05 14.30
N CYS A 881 5.57 -33.20 15.41
CA CYS A 881 4.21 -32.70 15.38
C CYS A 881 4.13 -31.25 14.90
N TYR A 882 5.17 -30.44 15.19
CA TYR A 882 5.17 -29.13 14.56
C TYR A 882 5.25 -29.38 13.06
N THR A 883 6.36 -29.97 12.60
CA THR A 883 6.63 -29.98 11.17
C THR A 883 5.54 -30.70 10.38
N VAL A 884 4.84 -31.65 10.99
CA VAL A 884 3.68 -32.26 10.35
C VAL A 884 2.52 -31.28 10.25
N PHE A 885 2.22 -30.55 11.33
CA PHE A 885 1.13 -29.57 11.29
C PHE A 885 1.46 -28.44 10.35
N PHE A 886 2.76 -28.17 10.17
CA PHE A 886 3.17 -27.10 9.28
C PHE A 886 2.92 -27.45 7.82
N ILE A 887 3.39 -28.61 7.35
CA ILE A 887 3.10 -28.97 5.96
C ILE A 887 1.63 -29.37 5.76
N SER A 888 0.86 -29.55 6.83
CA SER A 888 -0.59 -29.51 6.65
C SER A 888 -1.10 -28.12 6.35
N ILE A 889 -0.37 -27.07 6.72
CA ILE A 889 -0.79 -25.72 6.39
C ILE A 889 -0.49 -25.40 4.93
N GLU A 890 0.75 -25.62 4.53
CA GLU A 890 1.18 -25.29 3.18
C GLU A 890 0.39 -26.04 2.12
N MET A 891 0.04 -27.30 2.38
CA MET A 891 -0.70 -28.03 1.35
C MET A 891 -2.09 -27.48 1.18
N CYS A 892 -2.68 -26.95 2.23
CA CYS A 892 -3.90 -26.22 2.00
C CYS A 892 -3.62 -24.89 1.29
N GLN A 893 -2.55 -24.20 1.66
CA GLN A 893 -2.37 -22.84 1.17
C GLN A 893 -1.88 -22.79 -0.29
N ILE A 894 -1.55 -23.94 -0.89
CA ILE A 894 -1.52 -23.98 -2.34
C ILE A 894 -2.94 -24.02 -2.89
N ALA A 895 -3.82 -24.78 -2.26
CA ALA A 895 -5.22 -24.67 -2.63
C ALA A 895 -5.82 -23.37 -2.16
N ASP A 896 -5.17 -22.60 -1.30
CA ASP A 896 -5.85 -21.39 -0.88
C ASP A 896 -5.57 -20.24 -1.83
N VAL A 897 -4.33 -20.15 -2.32
CA VAL A 897 -3.97 -19.04 -3.20
C VAL A 897 -4.66 -19.19 -4.55
N LEU A 898 -4.79 -20.44 -5.03
CA LEU A 898 -5.48 -20.67 -6.30
C LEU A 898 -6.94 -20.25 -6.20
N ILE A 899 -7.54 -20.46 -5.04
CA ILE A 899 -8.93 -20.12 -4.89
C ILE A 899 -9.14 -18.63 -4.75
N ARG A 900 -8.25 -17.94 -4.03
CA ARG A 900 -8.32 -16.50 -3.89
C ARG A 900 -7.74 -15.77 -5.09
N LYS A 901 -7.39 -16.52 -6.14
CA LYS A 901 -7.15 -15.92 -7.44
C LYS A 901 -8.39 -15.16 -7.92
N THR A 902 -9.57 -15.71 -7.63
CA THR A 902 -10.78 -15.27 -8.30
C THR A 902 -11.93 -15.22 -7.31
N ARG A 903 -12.56 -14.05 -7.15
CA ARG A 903 -13.61 -13.92 -6.16
C ARG A 903 -14.93 -14.56 -6.62
N ARG A 904 -15.23 -14.49 -7.93
CA ARG A 904 -16.48 -14.99 -8.51
C ARG A 904 -16.28 -16.01 -9.62
N LEU A 905 -15.27 -15.84 -10.47
CA LEU A 905 -15.14 -16.67 -11.66
C LEU A 905 -14.45 -17.99 -11.35
N SER A 906 -14.82 -19.03 -12.08
CA SER A 906 -14.13 -20.32 -11.95
C SER A 906 -12.66 -20.18 -12.37
N ALA A 907 -11.78 -20.82 -11.61
CA ALA A 907 -10.39 -20.86 -12.02
C ALA A 907 -10.20 -21.69 -13.29
N PHE A 908 -11.24 -22.40 -13.72
CA PHE A 908 -11.22 -23.10 -15.00
C PHE A 908 -11.41 -22.14 -16.14
N GLN A 909 -12.42 -21.27 -16.05
CA GLN A 909 -12.65 -20.28 -17.08
C GLN A 909 -11.59 -19.18 -17.05
N GLN A 910 -11.15 -18.77 -15.86
CA GLN A 910 -10.02 -17.85 -15.76
C GLN A 910 -8.71 -18.53 -16.14
N GLY A 911 -8.38 -19.63 -15.47
CA GLY A 911 -7.16 -20.36 -15.73
C GLY A 911 -6.39 -20.57 -14.44
N PHE A 912 -5.63 -21.66 -14.40
CA PHE A 912 -4.74 -21.85 -13.27
C PHE A 912 -3.42 -21.11 -13.42
N PHE A 913 -3.02 -20.77 -14.64
CA PHE A 913 -1.68 -20.23 -14.88
C PHE A 913 -1.68 -18.85 -15.49
N ARG A 914 -2.84 -18.17 -15.54
CA ARG A 914 -2.85 -16.78 -15.98
C ARG A 914 -1.77 -16.00 -15.27
N ASN A 915 -1.80 -16.06 -13.94
CA ASN A 915 -0.88 -15.31 -13.11
C ASN A 915 0.45 -16.06 -13.11
N ARG A 916 1.48 -15.45 -13.70
CA ARG A 916 2.77 -16.12 -13.74
C ARG A 916 3.58 -15.88 -12.48
N ILE A 917 3.44 -14.71 -11.86
CA ILE A 917 4.08 -14.51 -10.57
C ILE A 917 3.53 -15.52 -9.56
N LEU A 918 2.24 -15.84 -9.66
CA LEU A 918 1.62 -16.72 -8.68
C LEU A 918 2.16 -18.13 -8.79
N VAL A 919 2.44 -18.58 -10.00
CA VAL A 919 3.06 -19.89 -10.14
C VAL A 919 4.44 -19.88 -9.52
N ILE A 920 5.24 -18.84 -9.81
CA ILE A 920 6.59 -18.82 -9.28
C ILE A 920 6.56 -18.75 -7.75
N ALA A 921 5.55 -18.07 -7.18
CA ALA A 921 5.42 -18.05 -5.73
C ALA A 921 5.03 -19.40 -5.15
N ILE A 922 4.25 -20.21 -5.88
CA ILE A 922 3.91 -21.52 -5.34
C ILE A 922 5.10 -22.47 -5.43
N VAL A 923 5.91 -22.34 -6.48
CA VAL A 923 7.16 -23.08 -6.54
C VAL A 923 8.12 -22.57 -5.48
N PHE A 924 8.02 -21.28 -5.14
CA PHE A 924 8.79 -20.75 -4.02
C PHE A 924 8.25 -21.26 -2.69
N GLN A 925 6.92 -21.32 -2.56
CA GLN A 925 6.33 -21.83 -1.33
C GLN A 925 6.83 -23.24 -1.03
N VAL A 926 6.72 -24.15 -2.01
CA VAL A 926 7.04 -25.57 -1.77
C VAL A 926 8.52 -25.86 -1.75
N CYS A 927 9.35 -24.88 -2.03
CA CYS A 927 10.79 -25.12 -1.92
C CYS A 927 11.31 -24.82 -0.54
N ILE A 928 10.86 -23.70 0.03
CA ILE A 928 11.23 -23.38 1.41
C ILE A 928 10.79 -24.48 2.35
N GLY A 929 9.55 -24.95 2.20
CA GLY A 929 9.08 -26.07 3.01
C GLY A 929 10.04 -27.24 2.98
N CYS A 930 10.54 -27.57 1.78
CA CYS A 930 11.48 -28.68 1.67
C CYS A 930 12.80 -28.33 2.34
N PHE A 931 13.32 -27.14 2.07
CA PHE A 931 14.61 -26.79 2.67
C PHE A 931 14.55 -26.78 4.19
N LEU A 932 13.43 -26.36 4.77
CA LEU A 932 13.36 -26.27 6.22
C LEU A 932 13.44 -27.64 6.88
N CYS A 933 13.04 -28.69 6.17
CA CYS A 933 12.88 -30.01 6.78
C CYS A 933 14.11 -30.87 6.58
N TYR A 934 14.57 -30.97 5.34
CA TYR A 934 15.61 -31.92 4.95
C TYR A 934 17.00 -31.32 4.92
N CYS A 935 17.12 -30.00 5.05
CA CYS A 935 18.43 -29.45 5.31
C CYS A 935 18.94 -29.98 6.65
N PRO A 936 20.25 -30.22 6.78
CA PRO A 936 20.78 -30.73 8.04
C PRO A 936 20.76 -29.67 9.12
N GLY A 937 20.44 -30.10 10.35
CA GLY A 937 20.49 -29.23 11.52
C GLY A 937 19.22 -28.45 11.77
N MET A 938 18.34 -28.36 10.81
CA MET A 938 17.06 -27.69 10.98
C MET A 938 16.27 -28.18 12.20
N PRO A 939 16.42 -29.43 12.66
CA PRO A 939 15.72 -29.84 13.90
C PRO A 939 16.14 -29.05 15.14
N ASN A 940 17.31 -28.42 15.12
CA ASN A 940 17.82 -27.69 16.27
C ASN A 940 17.90 -26.18 16.04
N ILE A 941 18.37 -25.76 14.87
CA ILE A 941 18.23 -24.37 14.44
C ILE A 941 16.79 -23.91 14.62
N PHE A 942 15.87 -24.59 13.93
CA PHE A 942 14.45 -24.31 14.07
C PHE A 942 13.73 -25.58 14.52
N ASN A 943 12.42 -25.59 14.55
CA ASN A 943 11.70 -26.80 14.97
C ASN A 943 11.17 -27.55 13.75
N PHE A 944 12.10 -28.11 12.97
CA PHE A 944 11.83 -28.69 11.63
C PHE A 944 12.71 -29.90 11.37
N MET A 945 12.11 -31.05 11.10
CA MET A 945 12.87 -32.30 10.92
C MET A 945 12.55 -32.97 9.60
N PRO A 946 13.43 -33.87 9.15
CA PRO A 946 13.09 -34.69 7.98
C PRO A 946 11.80 -35.47 8.20
N ILE A 947 10.77 -35.21 7.41
CA ILE A 947 9.42 -35.70 7.67
C ILE A 947 9.15 -36.91 6.80
N ARG A 948 8.40 -37.88 7.33
CA ARG A 948 8.05 -39.06 6.55
C ARG A 948 7.23 -38.64 5.34
N PHE A 949 7.61 -39.16 4.16
CA PHE A 949 6.96 -38.71 2.93
C PHE A 949 5.51 -39.17 2.83
N GLN A 950 5.08 -40.11 3.67
CA GLN A 950 3.66 -40.41 3.77
C GLN A 950 2.90 -39.21 4.30
N TRP A 951 3.54 -38.41 5.14
CA TRP A 951 2.84 -37.37 5.87
C TRP A 951 2.63 -36.10 5.06
N TRP A 952 3.36 -35.94 3.94
CA TRP A 952 3.06 -34.84 3.02
C TRP A 952 1.68 -35.00 2.41
N LEU A 953 1.29 -36.25 2.13
CA LEU A 953 0.12 -36.54 1.32
C LEU A 953 -1.15 -36.61 2.13
N VAL A 954 -1.04 -36.92 3.43
CA VAL A 954 -2.17 -36.96 4.37
C VAL A 954 -3.05 -35.73 4.23
N PRO A 955 -2.50 -34.50 4.12
CA PRO A 955 -3.40 -33.34 3.98
C PRO A 955 -4.06 -33.20 2.60
N MET A 956 -3.37 -33.55 1.52
CA MET A 956 -3.83 -33.24 0.15
C MET A 956 -5.30 -33.53 -0.11
N PRO A 957 -5.87 -34.70 0.26
CA PRO A 957 -7.33 -34.84 0.28
C PRO A 957 -8.10 -33.65 0.85
N PHE A 958 -7.52 -32.91 1.82
CA PHE A 958 -8.17 -31.70 2.32
C PHE A 958 -7.95 -30.48 1.43
N SER A 959 -6.77 -30.35 0.83
CA SER A 959 -6.57 -29.24 -0.10
C SER A 959 -7.55 -29.33 -1.28
N LEU A 960 -7.70 -30.52 -1.88
CA LEU A 960 -8.68 -30.66 -2.95
C LEU A 960 -10.09 -30.36 -2.46
N LEU A 961 -10.41 -30.75 -1.22
CA LEU A 961 -11.74 -30.48 -0.67
C LEU A 961 -12.00 -29.00 -0.62
N ILE A 962 -10.99 -28.21 -0.27
CA ILE A 962 -11.14 -26.76 -0.27
C ILE A 962 -11.42 -26.26 -1.68
N PHE A 963 -10.54 -26.62 -2.62
CA PHE A 963 -10.71 -26.27 -4.03
C PHE A 963 -12.16 -26.49 -4.47
N VAL A 964 -12.68 -27.69 -4.22
CA VAL A 964 -14.03 -28.04 -4.65
C VAL A 964 -15.10 -27.32 -3.83
N TYR A 965 -14.78 -26.84 -2.63
CA TYR A 965 -15.84 -26.20 -1.86
C TYR A 965 -16.04 -24.75 -2.27
N ASP A 966 -14.95 -24.01 -2.45
CA ASP A 966 -15.10 -22.64 -2.95
C ASP A 966 -15.49 -22.65 -4.41
N GLU A 967 -15.06 -23.66 -5.17
CA GLU A 967 -15.46 -23.76 -6.57
C GLU A 967 -16.97 -23.83 -6.70
N ILE A 968 -17.59 -24.74 -5.95
CA ILE A 968 -19.04 -24.87 -5.95
C ILE A 968 -19.73 -23.68 -5.31
N ARG A 969 -19.08 -22.96 -4.41
CA ARG A 969 -19.71 -21.72 -3.99
C ARG A 969 -19.44 -20.60 -5.00
N LYS A 970 -18.30 -20.65 -5.70
CA LYS A 970 -18.07 -19.75 -6.83
C LYS A 970 -18.83 -20.20 -8.08
N LEU A 971 -19.29 -21.43 -8.22
CA LEU A 971 -19.98 -21.83 -9.42
C LEU A 971 -21.43 -21.62 -9.14
N GLY A 972 -21.80 -21.71 -7.87
CA GLY A 972 -23.21 -21.49 -7.61
C GLY A 972 -23.57 -20.07 -7.32
N VAL A 973 -22.59 -19.18 -7.30
CA VAL A 973 -22.91 -17.78 -7.11
C VAL A 973 -23.05 -17.08 -8.47
N ARG A 974 -22.33 -17.53 -9.49
CA ARG A 974 -22.47 -16.93 -10.82
C ARG A 974 -23.63 -17.55 -11.59
N CYS A 975 -23.74 -18.88 -11.58
CA CYS A 975 -24.84 -19.53 -12.28
C CYS A 975 -26.16 -19.23 -11.60
N CYS A 976 -26.16 -19.10 -10.27
CA CYS A 976 -27.36 -18.89 -9.48
C CYS A 976 -27.16 -17.69 -8.55
N PRO A 977 -27.17 -16.47 -9.09
CA PRO A 977 -27.01 -15.27 -8.25
C PRO A 977 -28.31 -14.77 -7.64
N GLY A 978 -28.91 -15.60 -6.79
CA GLY A 978 -30.15 -15.24 -6.11
C GLY A 978 -29.94 -14.38 -4.87
N SER A 979 -30.62 -14.73 -3.76
CA SER A 979 -30.53 -13.99 -2.51
C SER A 979 -29.85 -14.74 -1.39
N TRP A 980 -30.16 -16.02 -1.18
CA TRP A 980 -29.52 -16.79 -0.12
C TRP A 980 -28.02 -16.90 -0.36
N TRP A 981 -27.64 -17.47 -1.50
CA TRP A 981 -26.25 -17.84 -1.74
C TRP A 981 -25.35 -16.62 -1.96
N ASP A 982 -25.91 -15.49 -2.40
CA ASP A 982 -25.09 -14.32 -2.72
C ASP A 982 -24.46 -13.71 -1.49
N GLN A 983 -25.13 -13.78 -0.33
CA GLN A 983 -24.65 -13.09 0.86
C GLN A 983 -23.86 -14.00 1.81
N GLU A 984 -24.35 -15.21 2.07
CA GLU A 984 -23.79 -16.02 3.15
C GLU A 984 -22.44 -16.64 2.78
N LEU A 985 -22.29 -17.10 1.54
CA LEU A 985 -21.03 -17.64 1.05
C LEU A 985 -20.52 -16.71 -0.04
N TYR A 986 -19.86 -15.62 0.39
CA TYR A 986 -19.24 -14.68 -0.53
C TYR A 986 -18.38 -13.72 0.27
N TYR A 987 -17.43 -13.11 -0.43
CA TYR A 987 -16.48 -12.20 0.20
C TYR A 987 -16.00 -11.11 -0.78
N LEU B 1 -23.73 -8.70 15.69
CA LEU B 1 -24.64 -7.60 15.34
C LEU B 1 -26.10 -8.07 15.38
N GLY B 2 -26.32 -9.36 15.10
CA GLY B 2 -27.63 -9.97 15.24
C GLY B 2 -28.74 -9.26 14.47
N ARG B 3 -28.56 -9.15 13.15
CA ARG B 3 -29.52 -8.40 12.34
C ARG B 3 -30.79 -9.19 12.08
N THR B 4 -30.66 -10.42 11.59
CA THR B 4 -31.78 -11.23 11.11
C THR B 4 -31.97 -12.42 12.04
N LEU B 5 -32.89 -12.28 13.01
CA LEU B 5 -32.99 -13.24 14.11
C LEU B 5 -33.26 -14.66 13.61
N SER B 6 -34.22 -14.82 12.68
CA SER B 6 -34.58 -16.16 12.26
C SER B 6 -33.54 -16.75 11.32
N ARG B 7 -32.91 -15.93 10.48
CA ARG B 7 -31.95 -16.45 9.51
C ARG B 7 -30.64 -16.88 10.15
N TRP B 8 -30.37 -16.45 11.39
CA TRP B 8 -29.32 -17.10 12.15
C TRP B 8 -29.53 -18.60 12.13
N VAL B 9 -30.76 -19.04 12.42
CA VAL B 9 -31.08 -20.46 12.41
C VAL B 9 -30.56 -21.12 11.15
N TRP B 10 -30.80 -20.48 9.99
CA TRP B 10 -30.31 -21.06 8.73
C TRP B 10 -28.78 -21.06 8.67
N ILE B 11 -28.16 -19.93 9.00
CA ILE B 11 -26.70 -19.93 8.99
C ILE B 11 -26.15 -20.67 10.21
N SER B 12 -26.85 -20.64 11.34
CA SER B 12 -26.49 -21.52 12.44
C SER B 12 -26.63 -22.98 12.03
N LEU B 13 -27.83 -23.37 11.58
CA LEU B 13 -27.98 -24.70 10.99
C LEU B 13 -26.91 -24.97 9.95
N TYR B 14 -26.52 -23.96 9.18
CA TYR B 14 -25.51 -24.20 8.17
C TYR B 14 -24.16 -24.50 8.80
N TYR B 15 -23.66 -23.61 9.65
CA TYR B 15 -22.39 -23.87 10.32
C TYR B 15 -22.46 -25.20 11.05
N VAL B 16 -23.52 -25.38 11.85
CA VAL B 16 -23.77 -26.64 12.55
C VAL B 16 -23.69 -27.79 11.58
N ALA B 17 -24.51 -27.76 10.53
CA ALA B 17 -24.38 -28.78 9.50
C ALA B 17 -22.98 -28.80 8.92
N PHE B 18 -22.38 -27.62 8.72
CA PHE B 18 -21.07 -27.55 8.11
C PHE B 18 -20.04 -28.26 8.98
N TYR B 19 -20.03 -27.93 10.27
CA TYR B 19 -19.03 -28.51 11.15
C TYR B 19 -19.22 -30.01 11.27
N VAL B 20 -20.46 -30.47 11.39
CA VAL B 20 -20.67 -31.89 11.56
C VAL B 20 -20.21 -32.66 10.31
N VAL B 21 -20.42 -32.11 9.13
CA VAL B 21 -19.86 -32.76 7.95
C VAL B 21 -18.35 -32.86 8.07
N MET B 22 -17.75 -31.83 8.67
CA MET B 22 -16.30 -31.69 8.79
C MET B 22 -15.73 -32.52 9.93
N SER B 23 -16.44 -32.60 11.06
CA SER B 23 -15.98 -33.46 12.12
C SER B 23 -16.06 -34.93 11.71
N GLY B 24 -17.01 -35.26 10.83
CA GLY B 24 -17.16 -36.63 10.39
C GLY B 24 -15.91 -37.15 9.72
N ILE B 25 -15.39 -36.41 8.73
CA ILE B 25 -14.22 -36.89 7.99
C ILE B 25 -13.04 -37.04 8.93
N PHE B 26 -12.95 -36.20 9.98
CA PHE B 26 -11.89 -36.38 10.95
C PHE B 26 -12.08 -37.69 11.71
N ALA B 27 -13.30 -37.94 12.20
CA ALA B 27 -13.60 -39.19 12.89
C ALA B 27 -13.30 -40.37 12.00
N LEU B 28 -13.88 -40.39 10.80
CA LEU B 28 -13.67 -41.45 9.84
C LEU B 28 -12.22 -41.54 9.40
N CYS B 29 -11.38 -40.58 9.79
CA CYS B 29 -9.95 -40.69 9.49
C CYS B 29 -9.16 -41.36 10.60
N ILE B 30 -9.42 -41.06 11.87
CA ILE B 30 -8.77 -41.83 12.92
C ILE B 30 -9.32 -43.24 12.94
N TYR B 31 -10.64 -43.38 12.74
CA TYR B 31 -11.26 -44.69 12.58
C TYR B 31 -10.51 -45.56 11.57
N VAL B 32 -10.24 -45.03 10.38
CA VAL B 32 -9.38 -45.75 9.44
C VAL B 32 -7.94 -45.75 9.91
N LEU B 33 -7.48 -44.64 10.51
CA LEU B 33 -6.14 -44.59 11.10
C LEU B 33 -5.95 -45.63 12.19
N MET B 34 -6.93 -45.76 13.11
CA MET B 34 -6.81 -46.71 14.21
C MET B 34 -6.56 -48.12 13.71
N ARG B 35 -7.12 -48.45 12.55
CA ARG B 35 -7.01 -49.77 11.97
C ARG B 35 -5.87 -49.89 10.96
N THR B 36 -5.26 -48.79 10.55
CA THR B 36 -3.93 -48.88 9.93
C THR B 36 -2.88 -49.35 10.91
N ILE B 37 -3.07 -49.08 12.21
CA ILE B 37 -2.02 -49.19 13.21
C ILE B 37 -2.02 -50.58 13.83
N ASP B 38 -0.82 -51.12 13.98
CA ASP B 38 -0.58 -52.40 14.62
C ASP B 38 -0.66 -52.26 16.14
N PRO B 39 -1.47 -53.09 16.83
CA PRO B 39 -1.47 -53.04 18.31
C PRO B 39 -0.21 -53.64 18.94
N TYR B 40 0.65 -54.29 18.18
CA TYR B 40 1.85 -54.98 18.68
C TYR B 40 3.12 -54.14 18.58
N THR B 41 3.42 -53.57 17.40
CA THR B 41 4.71 -52.99 17.08
C THR B 41 4.58 -51.53 16.63
N PRO B 42 5.51 -50.65 16.99
CA PRO B 42 5.45 -49.28 16.47
C PRO B 42 5.70 -49.27 14.98
N ASP B 43 4.89 -48.47 14.27
CA ASP B 43 5.07 -48.36 12.82
C ASP B 43 6.46 -47.82 12.51
N TYR B 44 6.90 -46.80 13.23
CA TYR B 44 8.14 -46.18 12.85
C TYR B 44 9.19 -46.14 13.95
N GLN B 45 8.79 -45.87 15.20
CA GLN B 45 9.72 -45.62 16.30
C GLN B 45 10.94 -44.82 15.83
N ASP B 46 10.66 -43.70 15.15
CA ASP B 46 11.70 -43.00 14.41
C ASP B 46 12.71 -42.34 15.33
N GLN B 47 12.25 -41.85 16.49
CA GLN B 47 13.08 -41.04 17.36
C GLN B 47 13.91 -41.87 18.31
N LEU B 48 13.82 -43.20 18.25
CA LEU B 48 14.47 -44.11 19.19
C LEU B 48 15.44 -44.99 18.41
N LYS B 49 16.60 -44.43 18.08
CA LYS B 49 17.63 -45.28 17.47
C LYS B 49 18.40 -46.00 18.57
N SER B 50 18.75 -45.26 19.63
CA SER B 50 19.33 -45.69 20.90
C SER B 50 18.30 -45.44 22.01
N PRO B 51 18.36 -46.21 23.14
CA PRO B 51 17.36 -46.04 24.22
C PRO B 51 17.79 -45.15 25.38
N GLY B 52 16.80 -44.61 26.12
CA GLY B 52 17.07 -43.84 27.32
C GLY B 52 17.30 -44.70 28.56
N VAL B 53 18.00 -44.12 29.54
CA VAL B 53 18.49 -44.84 30.72
C VAL B 53 18.32 -43.94 31.95
N THR B 54 17.45 -44.34 32.86
CA THR B 54 17.14 -43.54 34.03
C THR B 54 17.70 -44.18 35.28
N LEU B 55 17.62 -43.43 36.38
CA LEU B 55 18.31 -43.75 37.61
C LEU B 55 17.38 -43.51 38.77
N ARG B 56 17.52 -44.31 39.82
CA ARG B 56 16.84 -44.13 41.09
C ARG B 56 17.86 -44.17 42.22
N PRO B 57 17.82 -43.19 43.16
CA PRO B 57 16.69 -42.26 43.20
C PRO B 57 16.89 -41.00 42.36
N ASP B 58 15.79 -40.54 41.74
CA ASP B 58 15.80 -39.36 40.87
C ASP B 58 15.48 -38.10 41.68
N VAL B 59 16.48 -37.24 41.88
CA VAL B 59 16.30 -35.95 42.53
C VAL B 59 17.05 -34.91 41.72
N TYR B 60 16.29 -33.96 41.15
CA TYR B 60 16.78 -32.88 40.32
C TYR B 60 16.82 -31.58 41.09
N GLY B 61 17.60 -30.64 40.56
CA GLY B 61 17.55 -29.26 41.00
C GLY B 61 17.39 -28.37 39.79
N GLU B 62 17.98 -27.19 39.87
CA GLU B 62 18.24 -26.45 38.66
C GLU B 62 19.29 -27.22 37.88
N LYS B 63 19.05 -27.39 36.59
CA LYS B 63 20.05 -27.96 35.68
C LYS B 63 20.44 -29.39 36.06
N GLY B 64 19.45 -30.25 36.22
CA GLY B 64 19.71 -31.69 36.25
C GLY B 64 19.95 -32.28 37.64
N LEU B 65 20.14 -33.61 37.63
CA LEU B 65 20.19 -34.47 38.81
C LEU B 65 21.28 -34.05 39.79
N ASP B 66 20.89 -33.51 40.94
CA ASP B 66 21.80 -33.17 42.01
C ASP B 66 21.25 -33.86 43.25
N ILE B 67 21.98 -34.84 43.75
CA ILE B 67 21.60 -35.62 44.93
C ILE B 67 22.52 -35.22 46.07
N SER B 68 21.93 -34.68 47.13
CA SER B 68 22.71 -34.17 48.25
C SER B 68 22.00 -34.56 49.55
N TYR B 69 22.70 -35.32 50.40
CA TYR B 69 22.10 -35.85 51.62
C TYR B 69 23.17 -35.98 52.70
N ASN B 70 22.72 -36.30 53.92
CA ASN B 70 23.54 -36.25 55.12
C ASN B 70 23.32 -37.53 55.94
N VAL B 71 24.37 -38.36 56.05
CA VAL B 71 24.31 -39.64 56.76
C VAL B 71 23.69 -39.52 58.14
N SER B 72 23.96 -38.42 58.85
CA SER B 72 23.58 -38.31 60.25
C SER B 72 22.13 -37.89 60.38
N ASP B 73 21.72 -36.97 59.53
CA ASP B 73 20.37 -36.42 59.51
C ASP B 73 19.52 -37.40 58.71
N SER B 74 18.89 -38.34 59.41
CA SER B 74 18.00 -39.32 58.76
C SER B 74 16.85 -38.66 57.98
N THR B 75 16.70 -37.33 58.06
CA THR B 75 15.71 -36.65 57.22
C THR B 75 16.17 -36.56 55.78
N THR B 76 17.46 -36.27 55.57
CA THR B 76 17.98 -36.09 54.23
C THR B 76 17.95 -37.35 53.38
N TRP B 77 17.93 -38.55 53.98
CA TRP B 77 17.95 -39.75 53.17
C TRP B 77 16.74 -40.67 53.30
N ALA B 78 15.80 -40.43 54.22
CA ALA B 78 14.66 -41.34 54.37
C ALA B 78 13.80 -41.35 53.10
N GLY B 79 13.64 -40.19 52.47
CA GLY B 79 12.82 -40.13 51.28
C GLY B 79 13.50 -40.62 50.02
N LEU B 80 14.84 -40.66 50.04
CA LEU B 80 15.53 -41.32 48.95
C LEU B 80 15.29 -42.82 49.00
N ALA B 81 15.19 -43.38 50.21
CA ALA B 81 14.98 -44.82 50.36
C ALA B 81 13.53 -45.18 50.05
N HIS B 82 12.57 -44.54 50.72
CA HIS B 82 11.16 -44.82 50.44
C HIS B 82 10.87 -44.71 48.94
N THR B 83 11.65 -43.91 48.22
CA THR B 83 11.62 -43.91 46.75
C THR B 83 12.04 -45.26 46.21
N LEU B 84 13.11 -45.83 46.74
CA LEU B 84 13.56 -47.14 46.28
C LEU B 84 12.66 -48.27 46.78
N HIS B 85 12.16 -48.20 48.03
CA HIS B 85 11.27 -49.25 48.50
C HIS B 85 10.00 -49.27 47.67
N ARG B 86 9.29 -48.14 47.59
CA ARG B 86 8.00 -48.16 46.91
C ARG B 86 8.15 -48.37 45.42
N PHE B 87 9.35 -48.12 44.87
CA PHE B 87 9.61 -48.46 43.47
C PHE B 87 9.66 -49.97 43.25
N LEU B 88 10.42 -50.67 44.10
CA LEU B 88 10.47 -52.13 44.11
C LEU B 88 9.22 -52.77 44.70
N ALA B 89 8.26 -51.98 45.18
CA ALA B 89 7.00 -52.55 45.63
C ALA B 89 6.30 -53.30 44.50
N GLY B 90 6.67 -53.01 43.25
CA GLY B 90 6.20 -53.74 42.09
C GLY B 90 7.09 -54.87 41.63
N TYR B 91 8.30 -54.98 42.17
CA TYR B 91 9.21 -56.09 41.95
C TYR B 91 9.17 -57.12 43.07
N SER B 92 8.16 -57.06 43.94
CA SER B 92 8.05 -57.99 45.03
C SER B 92 7.65 -59.36 44.47
N PRO B 93 8.04 -60.44 45.14
CA PRO B 93 7.70 -61.75 44.59
C PRO B 93 6.18 -61.93 44.46
N ALA B 94 5.41 -61.38 45.40
CA ALA B 94 3.97 -61.58 45.37
C ALA B 94 3.32 -60.84 44.21
N ALA B 95 3.67 -59.56 44.03
CA ALA B 95 3.06 -58.76 42.96
C ALA B 95 3.65 -59.05 41.59
N GLN B 96 4.65 -59.90 41.49
CA GLN B 96 5.14 -60.38 40.20
C GLN B 96 4.80 -61.85 39.97
N GLU B 97 3.71 -62.34 40.58
CA GLU B 97 3.31 -63.72 40.41
C GLU B 97 2.83 -64.02 39.00
N GLY B 98 2.58 -62.98 38.20
CA GLY B 98 2.06 -63.13 36.86
C GLY B 98 3.05 -63.54 35.77
N SER B 99 4.36 -63.61 36.07
CA SER B 99 5.41 -63.97 35.13
C SER B 99 6.10 -65.26 35.55
N ILE B 100 7.21 -65.61 34.87
CA ILE B 100 7.79 -66.94 35.01
C ILE B 100 9.33 -66.90 35.18
N ASN B 101 9.85 -67.84 35.99
CA ASN B 101 11.30 -68.04 36.15
C ASN B 101 11.99 -68.20 34.79
N CYS B 102 12.95 -67.35 34.48
CA CYS B 102 13.63 -67.38 33.17
C CYS B 102 15.05 -67.89 33.30
N THR B 103 15.34 -68.98 32.62
CA THR B 103 16.64 -69.63 32.70
C THR B 103 17.50 -69.42 31.45
N SER B 104 16.89 -69.40 30.28
CA SER B 104 17.60 -69.31 29.00
C SER B 104 18.15 -67.89 28.82
N GLU B 105 19.48 -67.74 28.89
CA GLU B 105 20.07 -66.41 29.08
C GLU B 105 20.21 -65.56 27.81
N LYS B 106 20.31 -66.16 26.61
CA LYS B 106 20.87 -65.38 25.51
C LYS B 106 19.88 -64.46 24.81
N TYR B 107 18.62 -64.87 24.66
CA TYR B 107 17.59 -64.02 24.04
C TYR B 107 16.25 -64.67 24.34
N PHE B 108 15.18 -64.13 23.75
CA PHE B 108 13.84 -64.72 23.93
C PHE B 108 12.94 -64.24 22.79
N PHE B 109 12.75 -65.08 21.78
CA PHE B 109 11.89 -64.73 20.66
C PHE B 109 10.59 -65.48 20.83
N GLN B 110 9.56 -64.80 21.33
CA GLN B 110 8.24 -65.41 21.45
C GLN B 110 7.56 -65.23 20.10
N GLU B 111 7.75 -66.23 19.22
CA GLU B 111 7.08 -66.20 17.93
C GLU B 111 5.60 -66.52 18.08
N SER B 112 5.28 -67.46 18.96
CA SER B 112 3.92 -67.85 19.27
C SER B 112 3.41 -67.09 20.48
N PHE B 113 2.13 -66.74 20.47
CA PHE B 113 1.56 -65.88 21.51
C PHE B 113 0.77 -66.75 22.50
N LEU B 114 1.51 -67.32 23.45
CA LEU B 114 0.98 -68.32 24.38
C LEU B 114 0.95 -67.77 25.81
N ALA B 115 -0.23 -67.31 26.28
CA ALA B 115 -0.53 -66.97 27.68
C ALA B 115 -1.98 -66.53 27.78
N PRO B 116 -2.58 -66.50 28.98
CA PRO B 116 -4.03 -66.26 29.08
C PRO B 116 -4.46 -64.95 28.43
N ASN B 117 -5.58 -65.03 27.70
CA ASN B 117 -6.18 -63.88 26.99
C ASN B 117 -5.27 -63.39 25.87
N HIS B 118 -4.76 -64.34 25.07
CA HIS B 118 -3.87 -64.07 23.93
C HIS B 118 -2.60 -63.32 24.35
N THR B 119 -2.25 -63.45 25.62
CA THR B 119 -1.07 -62.83 26.21
C THR B 119 0.20 -63.52 25.69
N LYS B 120 1.36 -62.95 26.01
CA LYS B 120 2.65 -63.61 25.87
C LYS B 120 3.40 -63.65 27.21
N PHE B 121 4.58 -64.28 27.19
CA PHE B 121 5.28 -64.64 28.41
C PHE B 121 6.27 -63.55 28.79
N SER B 122 6.10 -62.99 29.99
CA SER B 122 7.01 -61.99 30.57
C SER B 122 7.94 -62.68 31.57
N CYS B 123 9.19 -62.25 31.57
CA CYS B 123 10.17 -62.81 32.50
C CYS B 123 9.97 -62.26 33.90
N LYS B 124 10.27 -63.09 34.91
CA LYS B 124 10.31 -62.62 36.28
C LYS B 124 11.56 -61.77 36.50
N PHE B 125 11.40 -60.67 37.25
CA PHE B 125 12.53 -60.00 37.90
C PHE B 125 12.09 -59.49 39.26
N THR B 126 12.64 -60.06 40.33
CA THR B 126 12.30 -59.65 41.68
C THR B 126 13.48 -58.89 42.31
N ALA B 127 13.24 -58.34 43.50
CA ALA B 127 14.24 -57.48 44.14
C ALA B 127 15.57 -58.20 44.35
N ASP B 128 15.54 -59.52 44.43
CA ASP B 128 16.65 -60.27 44.99
C ASP B 128 17.92 -60.11 44.17
N MET B 129 17.80 -59.78 42.89
CA MET B 129 18.97 -59.83 42.05
C MET B 129 19.93 -58.68 42.33
N LEU B 130 19.50 -57.67 43.09
CA LEU B 130 20.38 -56.63 43.61
C LEU B 130 20.59 -56.95 45.09
N GLN B 131 21.59 -57.78 45.35
CA GLN B 131 21.59 -58.57 46.57
C GLN B 131 21.86 -57.69 47.79
N ASN B 132 22.96 -56.96 47.81
CA ASN B 132 23.23 -56.17 49.00
C ASN B 132 22.19 -55.08 49.18
N CYS B 133 21.54 -54.68 48.10
CA CYS B 133 20.77 -53.44 48.10
C CYS B 133 19.32 -53.59 47.63
N SER B 134 18.59 -54.48 48.21
CA SER B 134 17.14 -54.39 48.15
C SER B 134 16.63 -53.81 49.47
N GLY B 135 15.31 -53.89 49.69
CA GLY B 135 14.72 -53.47 50.95
C GLY B 135 15.37 -54.06 52.21
N ARG B 136 15.66 -55.42 52.20
CA ARG B 136 16.41 -56.19 53.19
C ARG B 136 17.78 -56.64 52.62
N PRO B 137 18.88 -56.63 53.41
CA PRO B 137 19.06 -56.51 54.87
C PRO B 137 19.26 -55.08 55.40
N ASP B 138 19.39 -54.14 54.46
CA ASP B 138 19.66 -52.71 54.71
C ASP B 138 18.54 -51.88 54.12
N PRO B 139 17.62 -51.35 54.92
CA PRO B 139 16.54 -50.51 54.36
C PRO B 139 17.00 -49.18 53.80
N THR B 140 18.28 -48.82 53.92
CA THR B 140 18.73 -47.50 53.46
C THR B 140 19.73 -47.57 52.30
N PHE B 141 19.85 -48.73 51.64
CA PHE B 141 20.63 -48.90 50.41
C PHE B 141 21.99 -48.23 50.47
N GLY B 142 22.69 -48.45 51.58
CA GLY B 142 24.00 -47.87 51.74
C GLY B 142 24.01 -46.36 51.88
N PHE B 143 22.86 -45.75 52.17
CA PHE B 143 22.85 -44.31 52.37
C PHE B 143 23.27 -43.95 53.79
N ALA B 144 22.67 -44.61 54.78
CA ALA B 144 23.15 -44.41 56.13
C ALA B 144 24.62 -44.79 56.22
N GLU B 145 25.06 -45.77 55.42
CA GLU B 145 26.47 -46.14 55.35
C GLU B 145 27.32 -45.06 54.72
N GLY B 146 26.81 -44.33 53.73
CA GLY B 146 27.66 -43.46 52.95
C GLY B 146 28.29 -44.13 51.74
N LYS B 147 27.79 -45.29 51.37
CA LYS B 147 28.19 -45.99 50.16
C LYS B 147 26.88 -46.36 49.50
N PRO B 148 26.19 -45.37 48.94
CA PRO B 148 24.80 -45.57 48.55
C PRO B 148 24.69 -46.47 47.33
N CYS B 149 23.45 -46.89 47.06
CA CYS B 149 23.13 -47.73 45.92
C CYS B 149 22.16 -47.02 44.98
N PHE B 150 22.51 -46.97 43.70
CA PHE B 150 21.67 -46.41 42.66
C PHE B 150 21.35 -47.51 41.67
N ILE B 151 20.08 -47.64 41.29
CA ILE B 151 19.69 -48.67 40.32
C ILE B 151 19.51 -48.02 38.95
N ILE B 152 20.01 -48.69 37.93
CA ILE B 152 19.99 -48.18 36.56
C ILE B 152 19.00 -49.03 35.76
N LYS B 153 18.35 -48.42 34.76
CA LYS B 153 17.19 -49.02 34.10
C LYS B 153 17.08 -48.51 32.68
N MET B 154 17.13 -49.44 31.70
CA MET B 154 17.05 -49.09 30.28
C MET B 154 15.59 -48.95 29.83
N ASN B 155 15.32 -47.89 29.05
CA ASN B 155 13.99 -47.71 28.48
C ASN B 155 13.78 -48.80 27.45
N ARG B 156 12.55 -49.30 27.33
CA ARG B 156 12.28 -50.42 26.43
C ARG B 156 11.74 -49.97 25.08
N ILE B 157 12.24 -50.62 24.02
CA ILE B 157 11.78 -50.42 22.66
C ILE B 157 11.34 -51.78 22.12
N VAL B 158 10.12 -51.85 21.60
CA VAL B 158 9.64 -53.09 21.01
C VAL B 158 10.62 -53.56 19.94
N LYS B 159 11.08 -54.80 20.07
CA LYS B 159 11.93 -55.48 19.10
C LYS B 159 13.30 -54.82 18.94
N PHE B 160 13.75 -54.07 19.95
CA PHE B 160 15.10 -53.52 19.95
C PHE B 160 16.06 -54.55 20.50
N LEU B 161 17.22 -54.66 19.88
CA LEU B 161 18.20 -55.63 20.31
C LEU B 161 19.55 -54.94 20.48
N PRO B 162 20.24 -55.14 21.60
CA PRO B 162 21.47 -54.41 21.92
C PRO B 162 22.79 -55.06 21.50
N GLY B 163 22.75 -56.22 20.85
CA GLY B 163 23.95 -56.86 20.36
C GLY B 163 24.02 -58.31 20.74
N ASN B 164 24.97 -59.00 20.11
CA ASN B 164 25.25 -60.41 20.34
C ASN B 164 26.43 -60.64 21.27
N SER B 165 27.40 -59.72 21.29
CA SER B 165 28.74 -59.99 21.81
C SER B 165 28.71 -60.48 23.26
N THR B 166 28.13 -59.70 24.16
CA THR B 166 28.14 -60.07 25.56
C THR B 166 26.88 -59.49 26.21
N ALA B 167 26.90 -59.44 27.53
CA ALA B 167 25.83 -58.78 28.24
C ALA B 167 26.13 -57.29 28.38
N PRO B 168 25.15 -56.43 28.09
CA PRO B 168 25.35 -54.99 28.28
C PRO B 168 25.47 -54.66 29.75
N ARG B 169 26.56 -54.00 30.13
CA ARG B 169 26.84 -53.73 31.53
C ARG B 169 26.90 -52.24 31.82
N VAL B 170 26.45 -51.86 33.02
CA VAL B 170 26.51 -50.49 33.49
C VAL B 170 27.94 -50.19 33.93
N ASP B 171 28.45 -49.02 33.56
CA ASP B 171 29.79 -48.62 33.97
C ASP B 171 29.73 -47.19 34.52
N CYS B 172 29.77 -47.07 35.85
CA CYS B 172 29.72 -45.79 36.54
C CYS B 172 31.11 -45.37 37.00
N ALA B 173 31.48 -44.13 36.71
CA ALA B 173 32.84 -43.72 37.03
C ALA B 173 32.89 -42.24 37.42
N PHE B 174 33.82 -41.94 38.34
CA PHE B 174 34.16 -40.57 38.65
C PHE B 174 34.34 -39.81 37.35
N LEU B 175 34.03 -38.53 37.38
CA LEU B 175 34.28 -37.69 36.21
C LEU B 175 35.08 -36.49 36.68
N ASP B 176 36.33 -36.41 36.20
CA ASP B 176 37.20 -35.26 36.43
C ASP B 176 37.35 -34.95 37.92
N GLN B 177 37.40 -36.01 38.75
CA GLN B 177 37.92 -35.84 40.11
C GLN B 177 39.06 -36.80 40.43
N PRO B 178 40.05 -37.02 39.55
CA PRO B 178 41.12 -37.97 39.89
C PRO B 178 42.34 -37.36 40.55
N ARG B 179 42.48 -36.02 40.55
CA ARG B 179 43.71 -35.37 40.99
C ARG B 179 44.22 -35.98 42.30
N ASP B 180 43.41 -35.93 43.34
CA ASP B 180 43.75 -36.63 44.57
C ASP B 180 42.81 -37.76 44.90
N GLY B 181 41.69 -37.88 44.19
CA GLY B 181 40.76 -38.95 44.42
C GLY B 181 41.10 -40.21 43.63
N PRO B 182 41.27 -41.33 44.34
CA PRO B 182 41.37 -42.61 43.66
C PRO B 182 40.13 -42.87 42.83
N PRO B 183 40.24 -43.63 41.75
CA PRO B 183 39.08 -43.90 40.90
C PRO B 183 37.96 -44.58 41.67
N LEU B 184 36.74 -44.40 41.15
CA LEU B 184 35.52 -44.80 41.84
C LEU B 184 35.44 -46.33 42.05
N GLN B 185 35.26 -46.74 43.30
CA GLN B 185 35.01 -48.14 43.62
C GLN B 185 33.51 -48.40 43.58
N VAL B 186 33.06 -49.30 42.69
CA VAL B 186 31.64 -49.62 42.56
C VAL B 186 31.43 -51.13 42.48
N GLU B 187 30.63 -51.68 43.41
CA GLU B 187 30.18 -53.07 43.29
C GLU B 187 28.75 -53.12 42.78
N TYR B 188 28.56 -53.75 41.62
CA TYR B 188 27.28 -53.80 40.93
C TYR B 188 26.57 -55.12 41.23
N PHE B 189 25.23 -55.06 41.32
CA PHE B 189 24.41 -56.24 41.60
C PHE B 189 23.36 -56.40 40.52
N PRO B 190 23.32 -57.53 39.79
CA PRO B 190 24.23 -58.68 39.81
C PRO B 190 25.63 -58.31 39.32
N ALA B 191 26.61 -59.20 39.55
CA ALA B 191 28.03 -58.85 39.42
C ALA B 191 28.38 -58.41 38.00
N ASN B 192 29.48 -57.65 37.90
CA ASN B 192 29.98 -57.07 36.66
C ASN B 192 28.97 -56.07 36.11
N GLY B 193 27.87 -55.86 36.84
CA GLY B 193 26.85 -54.91 36.43
C GLY B 193 26.16 -55.25 35.13
N THR B 194 25.84 -56.51 34.92
CA THR B 194 25.36 -56.97 33.62
C THR B 194 23.84 -56.96 33.55
N TYR B 195 23.33 -56.68 32.36
CA TYR B 195 21.92 -56.92 32.04
C TYR B 195 21.80 -58.26 31.34
N SER B 196 20.95 -59.13 31.87
CA SER B 196 20.77 -60.45 31.28
C SER B 196 19.99 -60.32 29.99
N LEU B 197 20.47 -61.00 28.94
CA LEU B 197 19.98 -60.81 27.59
C LEU B 197 18.59 -61.38 27.32
N HIS B 198 18.00 -62.16 28.22
CA HIS B 198 16.72 -62.80 27.91
C HIS B 198 15.53 -61.93 28.28
N TYR B 199 15.75 -60.63 28.44
CA TYR B 199 14.66 -59.67 28.52
C TYR B 199 14.46 -58.95 27.19
N PHE B 200 15.06 -59.45 26.10
CA PHE B 200 15.01 -58.87 24.76
C PHE B 200 14.46 -59.88 23.76
N PRO B 201 13.57 -59.46 22.83
CA PRO B 201 13.06 -58.10 22.69
C PRO B 201 11.72 -57.78 23.42
N TYR B 202 11.47 -56.49 23.67
CA TYR B 202 10.23 -56.07 24.27
C TYR B 202 9.11 -56.19 23.23
N TYR B 203 7.90 -56.57 23.66
CA TYR B 203 6.78 -56.78 22.75
C TYR B 203 5.58 -55.88 22.99
N GLY B 204 5.50 -55.21 24.12
CA GLY B 204 4.52 -54.16 24.30
C GLY B 204 3.43 -54.57 25.27
N LYS B 205 2.70 -53.54 25.73
CA LYS B 205 1.69 -53.74 26.77
C LYS B 205 0.64 -54.76 26.35
N LYS B 206 0.31 -54.84 25.06
CA LYS B 206 -0.67 -55.83 24.64
C LYS B 206 -0.08 -57.24 24.71
N ALA B 207 1.11 -57.43 24.14
CA ALA B 207 1.75 -58.76 24.16
C ALA B 207 2.10 -59.20 25.60
N GLN B 208 2.92 -58.41 26.31
CA GLN B 208 3.43 -58.65 27.67
C GLN B 208 2.80 -57.72 28.70
N PRO B 209 1.59 -58.00 29.19
CA PRO B 209 0.96 -57.10 30.18
C PRO B 209 1.71 -56.90 31.49
N HIS B 210 2.42 -57.90 32.02
CA HIS B 210 3.09 -57.78 33.31
C HIS B 210 4.60 -57.74 33.18
N TYR B 211 5.12 -57.16 32.09
CA TYR B 211 6.56 -57.09 31.84
C TYR B 211 7.25 -56.15 32.85
N SER B 212 8.51 -56.43 33.19
CA SER B 212 9.25 -55.53 34.07
C SER B 212 10.73 -55.46 33.73
N ASN B 213 11.28 -54.24 33.77
CA ASN B 213 12.60 -53.97 33.23
C ASN B 213 13.68 -54.57 34.14
N PRO B 214 14.77 -55.09 33.57
CA PRO B 214 15.93 -55.49 34.39
C PRO B 214 16.72 -54.33 34.98
N LEU B 215 17.29 -54.61 36.15
CA LEU B 215 17.96 -53.64 37.00
C LEU B 215 19.39 -54.06 37.27
N VAL B 216 20.24 -53.06 37.42
CA VAL B 216 21.57 -53.21 37.97
C VAL B 216 21.75 -52.11 38.99
N ALA B 217 22.27 -52.44 40.16
CA ALA B 217 22.60 -51.41 41.14
C ALA B 217 24.05 -50.97 40.99
N ALA B 218 24.40 -49.89 41.67
CA ALA B 218 25.80 -49.51 41.79
C ALA B 218 26.04 -49.06 43.25
N LYS B 219 26.77 -49.86 44.02
CA LYS B 219 27.11 -49.49 45.39
C LYS B 219 28.47 -48.79 45.38
N LEU B 220 28.47 -47.47 45.61
CA LEU B 220 29.68 -46.67 45.47
C LEU B 220 30.40 -46.56 46.80
N LEU B 221 31.43 -47.39 46.97
CA LEU B 221 32.21 -47.31 48.19
C LEU B 221 33.05 -46.05 48.21
N ASN B 222 33.68 -45.74 47.09
CA ASN B 222 34.84 -44.87 47.09
C ASN B 222 34.49 -43.45 47.51
N VAL B 223 33.24 -43.04 47.29
CA VAL B 223 32.87 -41.63 47.21
C VAL B 223 33.38 -40.80 48.38
N PRO B 224 34.04 -39.67 48.12
CA PRO B 224 34.49 -38.79 49.20
C PRO B 224 33.34 -38.04 49.82
N ARG B 225 33.34 -37.96 51.14
CA ARG B 225 32.26 -37.31 51.88
C ARG B 225 32.47 -35.80 51.93
N ASN B 226 31.36 -35.07 51.80
CA ASN B 226 31.34 -33.61 51.87
C ASN B 226 32.09 -32.94 50.73
N ARG B 227 32.13 -33.61 49.58
CA ARG B 227 32.74 -33.05 48.38
C ARG B 227 31.76 -33.17 47.21
N ASP B 228 31.53 -32.06 46.53
CA ASP B 228 30.72 -32.04 45.31
C ASP B 228 31.48 -32.78 44.21
N VAL B 229 30.86 -33.85 43.69
CA VAL B 229 31.45 -34.70 42.66
C VAL B 229 30.37 -35.14 41.68
N VAL B 230 30.76 -35.39 40.45
CA VAL B 230 29.77 -35.87 39.50
C VAL B 230 30.14 -37.27 39.07
N ILE B 231 29.11 -38.03 38.70
CA ILE B 231 29.23 -39.45 38.43
C ILE B 231 28.43 -39.76 37.19
N VAL B 232 29.01 -40.53 36.29
CA VAL B 232 28.38 -40.85 35.02
C VAL B 232 28.27 -42.36 34.91
N CYS B 233 27.10 -42.83 34.49
CA CYS B 233 26.78 -44.26 34.41
C CYS B 233 26.43 -44.65 32.99
N LYS B 234 27.38 -45.20 32.24
CA LYS B 234 27.19 -45.48 30.82
C LYS B 234 26.98 -46.98 30.59
N ILE B 235 26.26 -47.30 29.52
CA ILE B 235 25.93 -48.67 29.15
C ILE B 235 26.77 -49.08 27.94
N LEU B 236 27.15 -50.36 27.90
CA LEU B 236 28.14 -50.83 26.93
C LEU B 236 27.55 -51.98 26.09
N ALA B 237 27.20 -51.67 24.84
CA ALA B 237 26.70 -52.67 23.89
C ALA B 237 26.94 -52.15 22.47
N GLU B 238 27.10 -53.09 21.53
CA GLU B 238 27.41 -52.67 20.16
C GLU B 238 26.25 -51.92 19.53
N HIS B 239 25.03 -52.42 19.70
CA HIS B 239 23.81 -51.76 19.24
C HIS B 239 23.34 -50.67 20.21
N VAL B 240 24.23 -50.20 21.09
CA VAL B 240 23.92 -49.11 22.00
C VAL B 240 25.00 -48.05 21.89
N SER B 241 24.57 -46.80 21.78
CA SER B 241 25.44 -45.64 21.72
C SER B 241 24.97 -44.67 22.80
N PHE B 242 25.93 -44.16 23.61
CA PHE B 242 25.58 -43.44 24.82
C PHE B 242 25.83 -41.94 24.77
N ASP B 243 26.35 -41.37 23.69
CA ASP B 243 26.64 -39.93 23.68
C ASP B 243 25.99 -39.20 22.51
N ASN B 244 24.87 -38.55 22.81
CA ASN B 244 24.16 -37.66 21.90
C ASN B 244 24.09 -36.31 22.62
N PRO B 245 24.55 -35.21 22.02
CA PRO B 245 24.53 -33.93 22.76
C PRO B 245 23.15 -33.33 22.92
N HIS B 246 22.20 -33.65 22.02
CA HIS B 246 20.83 -33.18 22.22
C HIS B 246 20.09 -34.01 23.26
N ASP B 247 20.47 -35.28 23.46
CA ASP B 247 19.87 -36.12 24.49
C ASP B 247 20.93 -36.68 25.42
N PRO B 248 21.05 -36.17 26.65
CA PRO B 248 22.11 -36.66 27.55
C PRO B 248 21.78 -37.98 28.21
N TYR B 249 20.53 -38.42 28.13
CA TYR B 249 20.09 -39.64 28.78
C TYR B 249 20.05 -40.80 27.81
N GLU B 250 20.58 -40.60 26.61
CA GLU B 250 20.60 -41.63 25.58
C GLU B 250 21.79 -42.52 25.91
N GLY B 251 21.55 -43.47 26.82
CA GLY B 251 22.52 -44.47 27.17
C GLY B 251 23.32 -44.22 28.43
N LYS B 252 22.93 -43.26 29.26
CA LYS B 252 23.75 -42.95 30.42
C LYS B 252 22.88 -42.17 31.40
N VAL B 253 23.50 -41.80 32.51
CA VAL B 253 22.95 -40.83 33.46
C VAL B 253 24.14 -40.09 34.06
N GLU B 254 23.96 -38.80 34.28
CA GLU B 254 24.88 -38.07 35.13
C GLU B 254 24.13 -37.65 36.39
N PHE B 255 24.85 -37.51 37.49
CA PHE B 255 24.23 -36.90 38.67
C PHE B 255 25.28 -36.26 39.55
N LYS B 256 24.99 -35.04 39.99
CA LYS B 256 25.75 -34.43 41.07
C LYS B 256 25.42 -35.18 42.36
N LEU B 257 26.45 -35.50 43.13
CA LEU B 257 26.31 -36.32 44.33
C LEU B 257 27.14 -35.65 45.42
N LYS B 258 26.49 -35.12 46.45
CA LYS B 258 27.22 -34.67 47.63
C LYS B 258 26.70 -35.45 48.81
N ILE B 259 27.58 -36.26 49.44
CA ILE B 259 27.26 -37.02 50.65
C ILE B 259 27.87 -36.25 51.82
N GLN B 260 27.02 -35.56 52.57
CA GLN B 260 27.43 -34.76 53.70
C GLN B 260 27.54 -35.61 54.94
N LYS B 261 28.39 -35.17 55.85
CA LYS B 261 28.44 -35.71 57.20
C LYS B 261 28.85 -34.58 58.15
MG MG C . -5.57 26.78 -13.47
RB RB D . -5.00 15.88 -0.33
RB RB E . -11.30 20.92 -39.41
C10 J3C F . 0.99 -22.34 18.23
C11 J3C F . 3.55 -19.03 24.57
C12 J3C F . 2.97 -18.00 23.59
C13 J3C F . 2.38 -16.73 24.12
C14 J3C F . 2.46 -15.58 23.33
C15 J3C F . 1.90 -14.38 23.77
C16 J3C F . 1.24 -14.30 24.99
C17 J3C F . 1.17 -15.44 25.78
C18 J3C F . 1.73 -16.65 25.35
C1 J3C F . 2.86 -22.04 20.72
C2 J3C F . 3.60 -21.75 21.88
C3 J3C F . 3.32 -20.59 22.61
C4 J3C F . 2.30 -19.77 22.15
C5 J3C F . 1.62 -20.10 20.99
C6 J3C F . 4.11 -20.25 23.84
C7 J3C F . 0.23 -20.13 19.30
C8 J3C F . 1.05 -21.26 19.26
C9 J3C F . -0.86 -19.74 18.33
N1 J3C F . 1.89 -21.22 20.31
N2 J3C F . 0.61 -19.44 20.39
N3 J3C F . 1.96 -18.63 22.76
O1 J3C F . 5.48 -19.97 23.53
O2 J3C F . 2.58 -19.58 25.46
RB RB G . -0.88 -15.13 13.35
C1 NAG H . 24.76 -33.32 58.98
C2 NAG H . 25.55 -31.98 59.17
C3 NAG H . 25.97 -31.81 60.62
C4 NAG H . 24.73 -31.88 61.52
C5 NAG H . 24.13 -33.27 61.37
C6 NAG H . 22.91 -33.46 62.23
C7 NAG H . 26.93 -30.85 57.49
C8 NAG H . 28.20 -30.89 56.69
N2 NAG H . 26.70 -31.89 58.30
O3 NAG H . 26.69 -30.61 60.81
O4 NAG H . 25.01 -31.56 62.88
O5 NAG H . 23.70 -33.42 60.00
O6 NAG H . 21.91 -32.52 61.87
O7 NAG H . 26.14 -29.90 57.40
C1 NAG I . 12.01 -70.23 40.73
C2 NAG I . 10.87 -69.95 41.75
C3 NAG I . 9.76 -71.01 41.61
C4 NAG I . 10.04 -71.96 40.46
C5 NAG I . 11.41 -72.61 40.66
C6 NAG I . 11.83 -73.47 39.48
C7 NAG I . 10.75 -69.61 44.21
C8 NAG I . 11.52 -69.69 45.49
N2 NAG I . 11.42 -69.97 43.10
O3 NAG I . 8.51 -70.36 41.40
O4 NAG I . 9.04 -72.97 40.39
O5 NAG I . 12.43 -71.62 40.83
O6 NAG I . 13.04 -74.18 39.73
O7 NAG I . 9.57 -69.25 44.17
C1 NAG J . 27.92 -57.01 50.08
C2 NAG J . 29.27 -56.39 50.35
C3 NAG J . 30.30 -57.50 50.52
C4 NAG J . 29.86 -58.45 51.64
C5 NAG J . 28.40 -58.89 51.47
C6 NAG J . 27.85 -59.58 52.70
C7 NAG J . 30.23 -54.29 49.54
C8 NAG J . 30.58 -53.47 48.34
N2 NAG J . 29.66 -55.48 49.29
O3 NAG J . 31.57 -56.93 50.79
O4 NAG J . 30.68 -59.61 51.64
O5 NAG J . 27.53 -57.78 51.21
O6 NAG J . 26.80 -58.81 53.27
O7 NAG J . 30.45 -53.90 50.68
#